data_8XIH
#
_entry.id   8XIH
#
loop_
_entity.id
_entity.type
_entity.pdbx_description
1 polymer 'Piwi domain-containing protein'
2 polymer "DNA (5'-D(P*TP*GP*AP*GP*GP*TP*AP*A)-3')"
3 polymer "DNA (5'-D(P*TP*GP*AP*GP*GP*TP*AP*GP*TP*AP*AP*TP*TP*TP*GP*T)-3')"
4 polymer "DNA (5'-D(P*AP*TP*AP*AP*AP*AP*A)-3')"
5 non-polymer 'MAGNESIUM ION'
#
loop_
_entity_poly.entity_id
_entity_poly.type
_entity_poly.pdbx_seq_one_letter_code
_entity_poly.pdbx_strand_id
1 'polypeptide(L)'
;MKDHILNLYRIDNLSELDFSYKLIDFDLSFIAGKEELLNKQLQKIAEEVSSVTKGPTAVLKRNQRFFVAVPADKQMEDRS
IDGIPFSIPIKLLPEVYRIDSKDIQGHQLDVVYKFLDYEIRRQLGQHRDLWKLNTHQFFLREPMKGIQGSINVFEGFTYK
LARLADGHFYVTLDLSTKYIDKYCLSHYINEGNVRTFENNYKGRRFLYLNGDNWYTIELLGFGKSVKEQDFIREGTTYNV
LNYITEKIEHSRTDLKRYVKPNDLSMSYTYPGRTMDPHSGATSLARMLYNTKDERVKSLHYLSIKGPSKRFEAINNYISS
YFKNLKFNAGKLLISNEPLVEKIKNFWIPELLFNNNRRLKITGFNSGMRDFAYQRKQLIKNNGVLNRTSFDVQYLLVPDE
QYMDANLVEGFKNNAEFLIKKLAPAFDKFIIIRYPVKSCTSASVQIQEIEKVLHRRNALHGFALVVLPDLDAFSPAFLKT
FHELLKSKFYPDLKVQCASAHNISSFFKPFSTAGNNGIVEYRVVEALKGRFSSYLFYLVLEHLIVNRKWPYALAKNLFYD
IYIGIDVHDRHAGFTFFFKNGEQIIFHPEEVPQKTNSQRVEKVRAKTLNKVIYEKLKLYIPLFAPNPNGIVIVRDGRSFG
VEYKALQAAINTLAAEGIVNKDTVKYGVVDLHKQSSVPIRIAAKTNSYDQLENPVAGSYKLVSPKEGFIFSTGYPFDIKG
TSRPLNLSMKEGDLDFMKVMEDVFCQIMLAFSAPDKSNFLPVIIKLIDTLLEPLTATRETADEAEEDEEEMMDIN
;
A,B
2 'polydeoxyribonucleotide' (DT)(DG)(DA)(DG)(DG)(DT)(DA)(DA) G
3 'polydeoxyribonucleotide' (DT)(DG)(DA)(DG)(DG)(DT)(DA)(DG)(DT)(DA)(DG)(DG)(DT)(DT)(DG)(DT) H
4 'polydeoxyribonucleotide' (DA)(DT)(DA)(DA)(DA)(DA)(DA) E
#
loop_
_chem_comp.id
_chem_comp.type
_chem_comp.name
_chem_comp.formula
DA DNA linking 2'-DEOXYADENOSINE-5'-MONOPHOSPHATE 'C10 H14 N5 O6 P'
DG DNA linking 2'-DEOXYGUANOSINE-5'-MONOPHOSPHATE 'C10 H14 N5 O7 P'
DT DNA linking THYMIDINE-5'-MONOPHOSPHATE 'C10 H15 N2 O8 P'
MG non-polymer 'MAGNESIUM ION' 'Mg 2'
#
# COMPACT_ATOMS: atom_id res chain seq x y z
N LYS A 2 6.11 21.48 -18.00
CA LYS A 2 4.78 21.93 -17.66
C LYS A 2 4.82 23.23 -16.87
N ASP A 3 3.68 23.91 -16.80
CA ASP A 3 3.58 25.12 -16.00
C ASP A 3 3.51 24.77 -14.51
N HIS A 4 4.16 25.60 -13.70
CA HIS A 4 4.17 25.42 -12.25
C HIS A 4 3.50 26.61 -11.58
N ILE A 5 2.89 26.35 -10.44
CA ILE A 5 2.24 27.39 -9.63
C ILE A 5 3.13 27.69 -8.43
N LEU A 6 3.47 28.96 -8.24
CA LEU A 6 4.27 29.40 -7.11
C LEU A 6 3.36 29.97 -6.03
N ASN A 7 3.93 30.11 -4.83
CA ASN A 7 3.20 30.70 -3.71
C ASN A 7 3.61 32.16 -3.63
N LEU A 8 3.20 32.91 -4.64
CA LEU A 8 3.60 34.31 -4.77
C LEU A 8 2.40 35.10 -5.26
N TYR A 9 1.92 36.05 -4.46
CA TYR A 9 0.78 36.89 -4.82
C TYR A 9 1.28 38.32 -4.98
N ARG A 10 1.20 38.83 -6.20
CA ARG A 10 1.86 40.10 -6.53
C ARG A 10 1.13 41.29 -5.91
N ILE A 11 1.92 42.24 -5.41
CA ILE A 11 1.39 43.52 -4.95
C ILE A 11 1.39 44.48 -6.15
N ASP A 12 0.23 45.03 -6.46
CA ASP A 12 0.12 45.97 -7.56
C ASP A 12 -0.22 47.36 -7.05
N VAL A 111 14.37 51.55 1.30
CA VAL A 111 13.29 51.37 0.35
C VAL A 111 11.95 51.24 1.08
N VAL A 112 10.92 50.85 0.33
CA VAL A 112 9.57 50.74 0.89
C VAL A 112 9.32 49.42 1.60
N TYR A 113 10.34 48.58 1.72
CA TYR A 113 10.18 47.25 2.32
C TYR A 113 9.70 47.35 3.77
N LYS A 114 10.44 48.09 4.60
CA LYS A 114 10.09 48.18 6.01
C LYS A 114 8.79 48.96 6.23
N PHE A 115 8.56 50.00 5.43
CA PHE A 115 7.30 50.74 5.53
C PHE A 115 6.11 49.84 5.24
N LEU A 116 6.19 49.06 4.15
CA LEU A 116 5.09 48.16 3.81
C LEU A 116 4.90 47.09 4.86
N ASP A 117 6.00 46.55 5.39
CA ASP A 117 5.88 45.57 6.46
C ASP A 117 5.19 46.16 7.68
N TYR A 118 5.53 47.40 8.04
CA TYR A 118 4.87 48.05 9.17
C TYR A 118 3.38 48.24 8.92
N GLU A 119 3.01 48.65 7.70
CA GLU A 119 1.59 48.82 7.38
C GLU A 119 0.84 47.50 7.50
N ILE A 120 1.39 46.44 6.91
CA ILE A 120 0.72 45.14 6.96
C ILE A 120 0.61 44.64 8.39
N ARG A 121 1.67 44.77 9.18
CA ARG A 121 1.63 44.31 10.56
C ARG A 121 0.61 45.07 11.38
N ARG A 122 0.58 46.40 11.24
CA ARG A 122 -0.36 47.20 12.02
C ARG A 122 -1.79 46.90 11.64
N GLN A 123 -2.07 46.74 10.34
CA GLN A 123 -3.45 46.45 9.94
C GLN A 123 -3.86 45.03 10.29
N LEU A 124 -2.92 44.07 10.28
CA LEU A 124 -3.26 42.70 10.63
C LEU A 124 -3.40 42.51 12.13
N GLY A 125 -2.76 43.36 12.93
CA GLY A 125 -2.93 43.27 14.37
C GLY A 125 -4.26 43.76 14.87
N GLN A 126 -5.02 44.48 14.04
CA GLN A 126 -6.33 45.00 14.43
C GLN A 126 -7.46 43.99 14.24
N HIS A 127 -7.22 42.90 13.52
CA HIS A 127 -8.28 41.94 13.26
C HIS A 127 -8.68 41.22 14.54
N ARG A 128 -9.98 41.01 14.71
CA ARG A 128 -10.48 40.46 15.97
C ARG A 128 -10.09 39.00 16.15
N ASP A 129 -10.31 38.18 15.12
CA ASP A 129 -9.92 36.78 15.19
C ASP A 129 -8.54 36.56 14.57
N LEU A 130 -7.55 37.34 15.02
CA LEU A 130 -6.19 37.22 14.50
C LEU A 130 -5.24 37.79 15.57
N TRP A 131 -4.57 36.91 16.30
CA TRP A 131 -3.57 37.32 17.26
C TRP A 131 -2.18 37.01 16.74
N LYS A 132 -1.32 38.01 16.75
CA LYS A 132 0.05 37.83 16.27
C LYS A 132 0.90 37.20 17.36
N LEU A 133 1.94 36.48 16.92
CA LEU A 133 2.86 35.83 17.85
C LEU A 133 4.30 36.22 17.62
N ASN A 134 4.70 36.47 16.37
CA ASN A 134 6.00 37.05 16.06
C ASN A 134 5.82 38.27 15.17
N THR A 135 6.93 38.77 14.64
CA THR A 135 6.86 39.83 13.64
C THR A 135 6.16 39.34 12.38
N HIS A 136 6.36 38.08 12.01
CA HIS A 136 5.84 37.52 10.78
C HIS A 136 5.08 36.22 11.03
N GLN A 137 4.24 36.20 12.07
CA GLN A 137 3.45 35.01 12.37
C GLN A 137 2.15 35.42 13.06
N PHE A 138 1.03 34.88 12.57
CA PHE A 138 -0.28 35.16 13.10
C PHE A 138 -1.02 33.86 13.34
N PHE A 139 -2.07 33.92 14.16
CA PHE A 139 -2.86 32.73 14.45
C PHE A 139 -4.30 33.13 14.70
N LEU A 140 -5.20 32.16 14.59
CA LEU A 140 -6.61 32.36 14.83
C LEU A 140 -6.94 32.18 16.30
N ARG A 141 -7.99 32.86 16.75
CA ARG A 141 -8.39 32.82 18.16
C ARG A 141 -9.41 31.72 18.43
N GLU A 142 -9.12 30.50 17.97
CA GLU A 142 -10.03 29.37 18.15
C GLU A 142 -9.32 28.07 17.79
N PRO A 143 -9.50 27.02 18.60
CA PRO A 143 -8.92 25.72 18.26
C PRO A 143 -9.86 24.90 17.38
N MET A 144 -9.48 23.65 17.09
CA MET A 144 -10.31 22.79 16.28
C MET A 144 -11.52 22.32 17.07
N LYS A 145 -12.30 21.44 16.44
CA LYS A 145 -13.41 20.74 17.07
C LYS A 145 -13.13 19.25 16.99
N GLY A 146 -13.64 18.52 17.98
CA GLY A 146 -13.36 17.10 18.05
C GLY A 146 -11.99 16.75 18.58
N ILE A 147 -11.34 17.65 19.31
CA ILE A 147 -10.05 17.40 19.93
C ILE A 147 -10.31 16.96 21.36
N GLN A 148 -9.95 15.72 21.68
CA GLN A 148 -10.23 15.13 22.98
C GLN A 148 -9.07 15.26 23.95
N GLY A 149 -7.98 15.89 23.55
CA GLY A 149 -6.82 16.02 24.42
C GLY A 149 -6.92 17.22 25.36
N SER A 150 -5.86 17.39 26.14
CA SER A 150 -5.74 18.54 27.04
C SER A 150 -4.99 19.70 26.41
N ILE A 151 -4.52 19.56 25.18
CA ILE A 151 -3.78 20.60 24.47
C ILE A 151 -4.57 20.97 23.22
N ASN A 152 -4.86 22.26 23.06
CA ASN A 152 -5.49 22.75 21.86
C ASN A 152 -4.43 23.17 20.85
N VAL A 153 -4.82 23.12 19.58
CA VAL A 153 -3.94 23.54 18.49
C VAL A 153 -4.52 24.80 17.88
N PHE A 154 -3.64 25.64 17.35
CA PHE A 154 -4.01 26.94 16.82
C PHE A 154 -3.46 27.06 15.40
N GLU A 155 -4.35 27.19 14.43
CA GLU A 155 -3.94 27.43 13.05
C GLU A 155 -3.47 28.85 12.86
N GLY A 156 -2.63 29.04 11.85
CA GLY A 156 -2.21 30.37 11.47
C GLY A 156 -1.42 30.32 10.19
N PHE A 157 -0.84 31.45 9.83
CA PHE A 157 -0.08 31.53 8.60
C PHE A 157 1.24 32.26 8.84
N THR A 158 2.21 31.96 8.00
CA THR A 158 3.49 32.66 7.97
C THR A 158 3.54 33.55 6.75
N TYR A 159 4.01 34.78 6.94
CA TYR A 159 3.90 35.81 5.93
C TYR A 159 5.26 36.48 5.73
N LYS A 160 5.55 36.87 4.49
CA LYS A 160 6.80 37.54 4.17
C LYS A 160 6.65 38.26 2.84
N LEU A 161 7.65 39.09 2.53
CA LEU A 161 7.69 39.84 1.29
C LEU A 161 8.87 39.40 0.45
N ALA A 162 8.68 39.47 -0.88
CA ALA A 162 9.70 39.05 -1.83
C ALA A 162 9.91 40.13 -2.87
N ARG A 163 11.15 40.21 -3.36
CA ARG A 163 11.64 41.26 -4.25
C ARG A 163 12.25 40.62 -5.50
N LEU A 164 11.46 39.76 -6.14
CA LEU A 164 11.95 38.97 -7.26
C LEU A 164 12.43 39.86 -8.41
N ALA A 165 13.21 39.24 -9.30
CA ALA A 165 13.90 39.97 -10.36
C ALA A 165 12.98 40.52 -11.44
N ASP A 166 11.69 40.16 -11.42
CA ASP A 166 10.77 40.67 -12.42
C ASP A 166 10.64 42.18 -12.34
N GLY A 167 10.60 42.72 -11.12
CA GLY A 167 10.46 44.15 -10.93
C GLY A 167 9.23 44.51 -10.14
N HIS A 168 8.69 43.53 -9.40
CA HIS A 168 7.50 43.73 -8.58
C HIS A 168 7.71 43.09 -7.22
N PHE A 169 6.96 43.59 -6.24
CA PHE A 169 6.97 43.02 -4.90
C PHE A 169 5.88 41.95 -4.81
N TYR A 170 6.18 40.89 -4.06
CA TYR A 170 5.29 39.74 -3.97
C TYR A 170 5.07 39.37 -2.52
N VAL A 171 3.95 38.71 -2.25
CA VAL A 171 3.58 38.23 -0.93
C VAL A 171 3.74 36.72 -0.90
N THR A 172 4.39 36.21 0.13
CA THR A 172 4.59 34.79 0.33
C THR A 172 3.85 34.36 1.59
N LEU A 173 3.00 33.34 1.46
CA LEU A 173 2.18 32.90 2.58
C LEU A 173 2.26 31.38 2.72
N ASP A 174 2.43 30.91 3.95
CA ASP A 174 2.48 29.49 4.25
C ASP A 174 1.87 29.24 5.62
N LEU A 175 1.38 28.03 5.82
CA LEU A 175 0.65 27.69 7.02
C LEU A 175 1.58 27.56 8.23
N SER A 176 0.97 27.55 9.41
CA SER A 176 1.70 27.37 10.66
C SER A 176 0.72 26.89 11.72
N THR A 177 1.26 26.28 12.77
CA THR A 177 0.45 25.66 13.81
C THR A 177 1.15 25.80 15.16
N LYS A 178 0.39 26.15 16.18
CA LYS A 178 0.91 26.29 17.54
C LYS A 178 0.15 25.34 18.48
N TYR A 179 0.80 24.95 19.57
CA TYR A 179 0.22 24.05 20.55
C TYR A 179 0.19 24.71 21.92
N ILE A 180 -0.99 24.78 22.54
CA ILE A 180 -1.17 25.51 23.79
C ILE A 180 -2.07 24.69 24.70
N ASP A 181 -1.66 24.55 25.96
CA ASP A 181 -2.49 23.87 26.95
C ASP A 181 -3.62 24.79 27.42
N LYS A 182 -4.74 24.18 27.81
CA LYS A 182 -5.94 24.94 28.15
C LYS A 182 -6.13 25.15 29.65
N TYR A 183 -5.53 24.31 30.49
CA TYR A 183 -5.71 24.39 31.93
C TYR A 183 -4.38 24.64 32.61
N CYS A 184 -4.31 25.67 33.44
CA CYS A 184 -3.09 26.02 34.15
C CYS A 184 -3.39 26.50 35.56
N ARG A 205 7.59 30.77 28.22
CA ARG A 205 6.73 31.79 27.62
C ARG A 205 5.26 31.52 27.93
N PHE A 206 4.48 32.60 28.03
CA PHE A 206 3.06 32.51 28.30
C PHE A 206 2.32 33.41 27.32
N LEU A 207 1.01 33.19 27.20
CA LEU A 207 0.15 34.05 26.39
C LEU A 207 -0.66 34.91 27.35
N TYR A 208 -0.13 36.09 27.66
CA TYR A 208 -0.79 36.96 28.61
C TYR A 208 -1.90 37.76 27.95
N LEU A 209 -2.84 38.20 28.78
CA LEU A 209 -4.12 38.75 28.36
C LEU A 209 -4.22 40.20 28.82
N ASN A 210 -4.75 41.07 27.95
CA ASN A 210 -5.11 42.43 28.36
C ASN A 210 -6.28 42.86 27.48
N GLY A 211 -7.49 42.63 27.97
CA GLY A 211 -8.67 42.87 27.15
C GLY A 211 -8.65 41.99 25.92
N ASP A 212 -8.82 42.61 24.75
CA ASP A 212 -8.72 41.91 23.49
C ASP A 212 -7.29 41.82 22.98
N ASN A 213 -6.34 42.42 23.68
CA ASN A 213 -4.94 42.43 23.26
C ASN A 213 -4.23 41.27 23.95
N TRP A 214 -3.95 40.22 23.19
CA TRP A 214 -3.28 39.04 23.73
C TRP A 214 -1.87 38.98 23.16
N TYR A 215 -0.88 38.78 24.02
CA TYR A 215 0.49 38.79 23.51
C TYR A 215 1.38 37.87 24.33
N THR A 216 2.49 37.47 23.71
CA THR A 216 3.45 36.59 24.36
C THR A 216 4.25 37.34 25.41
N ILE A 217 4.53 36.66 26.52
CA ILE A 217 5.36 37.22 27.59
C ILE A 217 6.39 36.20 28.03
N ALA A 285 -2.99 33.27 30.91
CA ALA A 285 -2.06 32.54 31.75
C ALA A 285 -1.97 31.07 31.33
N ARG A 286 -1.68 30.85 30.05
CA ARG A 286 -1.58 29.52 29.47
C ARG A 286 -0.18 29.31 28.90
N MET A 287 0.35 28.10 29.07
CA MET A 287 1.66 27.77 28.56
C MET A 287 1.64 27.61 27.05
N LEU A 288 2.79 27.83 26.43
CA LEU A 288 3.00 27.56 25.01
C LEU A 288 3.94 26.35 24.91
N TYR A 289 3.43 25.25 24.37
CA TYR A 289 4.19 24.01 24.34
C TYR A 289 5.23 24.05 23.22
N ASN A 290 6.16 23.10 23.28
CA ASN A 290 7.17 22.91 22.27
C ASN A 290 6.93 21.61 21.52
N THR A 291 7.67 21.43 20.42
CA THR A 291 7.48 20.27 19.56
C THR A 291 7.99 18.98 20.18
N LYS A 292 8.71 19.04 21.30
CA LYS A 292 9.24 17.86 21.94
C LYS A 292 8.20 17.28 22.91
N ASP A 293 8.57 16.17 23.54
CA ASP A 293 7.74 15.44 24.52
C ASP A 293 6.50 14.81 23.90
N GLU A 294 5.87 13.90 24.63
CA GLU A 294 4.75 13.12 24.14
C GLU A 294 3.47 13.94 24.02
N ARG A 295 3.42 15.13 24.62
CA ARG A 295 2.19 15.93 24.65
C ARG A 295 1.75 16.32 23.25
N VAL A 296 2.69 16.63 22.37
CA VAL A 296 2.36 17.04 21.01
C VAL A 296 2.54 15.91 20.00
N LYS A 297 3.39 14.93 20.30
CA LYS A 297 3.77 13.90 19.32
C LYS A 297 2.57 13.14 18.77
N SER A 298 1.52 12.96 19.59
CA SER A 298 0.32 12.31 19.08
C SER A 298 -0.50 13.22 18.17
N LEU A 299 -0.28 14.52 18.23
CA LEU A 299 -1.03 15.49 17.42
C LEU A 299 -0.03 16.22 16.52
N HIS A 300 0.29 15.61 15.39
CA HIS A 300 1.18 16.23 14.40
C HIS A 300 0.70 16.06 12.97
N TYR A 301 -0.16 15.08 12.68
CA TYR A 301 -0.68 14.90 11.34
C TYR A 301 -1.54 16.07 10.88
N LEU A 302 -2.05 16.87 11.82
CA LEU A 302 -2.91 17.99 11.45
C LEU A 302 -2.14 19.12 10.78
N SER A 303 -0.83 19.19 10.97
CA SER A 303 -0.01 20.24 10.40
C SER A 303 0.60 19.86 9.05
N ILE A 304 0.35 18.65 8.56
CA ILE A 304 0.89 18.18 7.29
C ILE A 304 -0.21 18.21 6.25
N LYS A 305 -0.04 19.03 5.22
CA LYS A 305 -1.03 19.18 4.17
C LYS A 305 -0.38 18.95 2.82
N GLY A 306 -1.08 18.23 1.94
CA GLY A 306 -0.61 18.00 0.60
C GLY A 306 -0.75 19.23 -0.27
N PRO A 307 -0.24 19.13 -1.50
CA PRO A 307 -0.21 20.32 -2.37
C PRO A 307 -1.57 20.94 -2.65
N SER A 308 -2.59 20.11 -2.90
CA SER A 308 -3.91 20.66 -3.20
C SER A 308 -4.54 21.32 -1.98
N LYS A 309 -4.54 20.62 -0.85
CA LYS A 309 -5.10 21.19 0.37
C LYS A 309 -4.34 22.42 0.82
N ARG A 310 -3.01 22.38 0.78
CA ARG A 310 -2.21 23.53 1.17
C ARG A 310 -2.44 24.71 0.26
N PHE A 311 -2.48 24.48 -1.06
CA PHE A 311 -2.63 25.58 -1.99
C PHE A 311 -4.06 26.10 -2.09
N GLU A 312 -5.03 25.36 -1.54
CA GLU A 312 -6.36 25.95 -1.37
C GLU A 312 -6.48 26.68 -0.05
N ALA A 313 -5.80 26.22 1.00
CA ALA A 313 -5.81 26.94 2.28
C ALA A 313 -5.10 28.28 2.15
N ILE A 314 -3.99 28.31 1.39
CA ILE A 314 -3.28 29.57 1.18
C ILE A 314 -4.18 30.57 0.47
N ASN A 315 -4.90 30.12 -0.55
CA ASN A 315 -5.80 31.01 -1.29
C ASN A 315 -6.93 31.50 -0.40
N ASN A 316 -7.49 30.62 0.43
CA ASN A 316 -8.54 31.04 1.35
C ASN A 316 -8.02 32.09 2.34
N TYR A 317 -6.82 31.88 2.87
CA TYR A 317 -6.24 32.83 3.80
C TYR A 317 -5.97 34.17 3.13
N ILE A 318 -5.54 34.14 1.86
CA ILE A 318 -5.30 35.38 1.13
C ILE A 318 -6.61 36.12 0.88
N SER A 319 -7.64 35.41 0.45
CA SER A 319 -8.89 36.06 0.09
C SER A 319 -9.62 36.60 1.32
N SER A 320 -9.54 35.88 2.44
CA SER A 320 -10.33 36.28 3.61
C SER A 320 -9.66 37.42 4.38
N TYR A 321 -8.45 37.19 4.90
CA TYR A 321 -7.82 38.17 5.78
C TYR A 321 -6.99 39.20 5.04
N PHE A 322 -6.36 38.83 3.92
CA PHE A 322 -5.47 39.75 3.22
C PHE A 322 -6.23 40.63 2.23
N LYS A 323 -7.27 41.28 2.71
CA LYS A 323 -8.05 42.22 1.92
C LYS A 323 -8.40 43.42 2.79
N ASN A 324 -8.88 44.48 2.13
CA ASN A 324 -9.13 45.79 2.75
C ASN A 324 -7.87 46.37 3.37
N LEU A 325 -6.71 45.97 2.86
CA LEU A 325 -5.45 46.52 3.34
C LEU A 325 -5.27 47.94 2.81
N LYS A 326 -4.74 48.82 3.64
CA LYS A 326 -4.63 50.24 3.32
C LYS A 326 -3.17 50.64 3.16
N PHE A 327 -2.91 51.48 2.16
CA PHE A 327 -1.61 52.13 1.98
C PHE A 327 -1.59 53.42 2.81
N ASN A 328 -1.56 53.23 4.13
CA ASN A 328 -1.79 54.29 5.10
C ASN A 328 -3.10 55.00 4.78
N ALA A 329 -3.00 56.14 4.08
CA ALA A 329 -4.20 56.78 3.57
C ALA A 329 -4.75 56.08 2.33
N GLY A 330 -3.88 55.48 1.53
CA GLY A 330 -4.28 54.84 0.29
C GLY A 330 -4.78 53.42 0.50
N LYS A 331 -4.91 52.71 -0.61
CA LYS A 331 -5.41 51.34 -0.65
C LYS A 331 -4.38 50.43 -1.28
N LEU A 332 -4.22 49.24 -0.72
CA LEU A 332 -3.26 48.25 -1.18
C LEU A 332 -3.98 47.09 -1.85
N LEU A 333 -3.55 46.71 -3.04
CA LEU A 333 -4.19 45.68 -3.83
C LEU A 333 -3.42 44.37 -3.70
N ILE A 334 -3.66 43.66 -2.60
CA ILE A 334 -3.11 42.32 -2.45
C ILE A 334 -3.89 41.38 -3.34
N SER A 335 -3.22 40.75 -4.30
CA SER A 335 -3.89 40.08 -5.39
C SER A 335 -4.13 38.60 -5.08
N ASN A 336 -4.52 37.87 -6.12
CA ASN A 336 -4.79 36.44 -6.06
C ASN A 336 -4.21 35.85 -7.34
N GLU A 337 -4.69 34.64 -7.72
CA GLU A 337 -4.24 33.89 -8.90
C GLU A 337 -2.72 33.83 -8.94
N PRO A 338 -2.11 32.96 -8.14
CA PRO A 338 -0.66 33.03 -7.86
C PRO A 338 0.21 32.96 -9.10
N LEU A 339 1.49 33.25 -8.89
CA LEU A 339 2.44 33.31 -9.98
C LEU A 339 2.60 31.97 -10.67
N VAL A 340 2.54 31.97 -12.00
CA VAL A 340 2.70 30.77 -12.81
C VAL A 340 3.94 30.93 -13.67
N GLU A 341 4.88 30.00 -13.53
CA GLU A 341 6.17 30.09 -14.20
C GLU A 341 6.56 28.73 -14.74
N LYS A 342 7.47 28.75 -15.72
CA LYS A 342 8.08 27.54 -16.25
C LYS A 342 9.36 27.29 -15.45
N ILE A 343 9.23 26.52 -14.38
CA ILE A 343 10.34 26.28 -13.47
C ILE A 343 11.25 25.20 -14.06
N LYS A 344 12.52 25.51 -14.21
CA LYS A 344 13.49 24.54 -14.71
C LYS A 344 14.01 23.67 -13.57
N ASN A 345 14.79 22.66 -13.93
CA ASN A 345 15.32 21.74 -12.94
C ASN A 345 16.68 21.22 -13.39
N PHE A 346 17.49 20.85 -12.42
CA PHE A 346 18.75 20.17 -12.70
C PHE A 346 18.49 18.72 -13.09
N TRP A 347 19.45 18.14 -13.79
CA TRP A 347 19.39 16.72 -14.13
C TRP A 347 20.08 15.90 -13.07
N ILE A 348 19.54 14.73 -12.78
CA ILE A 348 20.09 13.85 -11.75
C ILE A 348 21.44 13.34 -12.21
N PRO A 349 22.51 13.58 -11.46
CA PRO A 349 23.84 13.17 -11.90
C PRO A 349 24.00 11.65 -11.90
N GLU A 350 24.93 11.20 -12.74
CA GLU A 350 25.23 9.78 -12.84
C GLU A 350 26.11 9.36 -11.67
N LEU A 351 25.65 8.37 -10.90
CA LEU A 351 26.37 7.92 -9.73
C LEU A 351 27.35 6.82 -10.09
N LEU A 352 28.43 6.73 -9.32
CA LEU A 352 29.46 5.73 -9.51
C LEU A 352 29.47 4.78 -8.33
N PHE A 353 29.45 3.48 -8.61
CA PHE A 353 29.39 2.45 -7.59
C PHE A 353 30.65 1.58 -7.68
N ASN A 354 30.67 0.51 -6.91
CA ASN A 354 31.78 -0.42 -6.94
C ASN A 354 31.78 -1.21 -8.25
N ASN A 355 32.99 -1.57 -8.70
CA ASN A 355 33.19 -2.29 -9.97
C ASN A 355 32.52 -1.57 -11.13
N ASN A 356 32.76 -0.25 -11.21
CA ASN A 356 32.03 0.65 -12.09
C ASN A 356 30.54 0.52 -11.84
N ARG A 357 29.80 -0.04 -12.79
CA ARG A 357 28.36 -0.30 -12.66
C ARG A 357 27.61 0.97 -12.27
N ARG A 358 27.69 1.96 -13.14
CA ARG A 358 27.10 3.26 -12.88
C ARG A 358 25.58 3.22 -13.02
N LEU A 359 24.95 4.29 -12.56
CA LEU A 359 23.50 4.47 -12.68
C LEU A 359 23.24 5.86 -13.23
N LYS A 360 22.65 5.93 -14.42
CA LYS A 360 22.40 7.19 -15.09
C LYS A 360 20.95 7.27 -15.54
N ILE A 361 20.45 8.50 -15.63
CA ILE A 361 19.07 8.78 -15.99
C ILE A 361 19.06 9.46 -17.35
N THR A 362 18.31 8.89 -18.29
CA THR A 362 18.29 9.40 -19.66
C THR A 362 17.08 10.24 -19.98
N GLY A 363 15.98 10.10 -19.24
CA GLY A 363 14.80 10.88 -19.53
C GLY A 363 13.69 10.55 -18.55
N PHE A 364 12.50 11.07 -18.85
CA PHE A 364 11.32 10.85 -18.02
C PHE A 364 10.66 9.53 -18.37
N ASN A 365 11.42 8.45 -18.18
CA ASN A 365 11.00 7.11 -18.54
C ASN A 365 10.95 6.24 -17.29
N SER A 366 10.78 4.93 -17.51
CA SER A 366 10.74 3.99 -16.40
C SER A 366 12.06 3.88 -15.66
N GLY A 367 13.15 4.36 -16.25
CA GLY A 367 14.43 4.32 -15.55
C GLY A 367 14.46 5.25 -14.34
N MET A 368 13.93 6.46 -14.49
CA MET A 368 13.92 7.41 -13.38
C MET A 368 12.88 7.05 -12.34
N ARG A 369 11.82 6.34 -12.73
CA ARG A 369 10.76 5.97 -11.79
C ARG A 369 11.30 5.10 -10.65
N ASP A 370 12.30 4.27 -10.93
CA ASP A 370 12.87 3.36 -9.94
C ASP A 370 14.25 3.82 -9.48
N PHE A 371 14.47 5.13 -9.36
CA PHE A 371 15.80 5.65 -9.08
C PHE A 371 16.28 5.27 -7.70
N ALA A 372 15.45 5.50 -6.67
CA ALA A 372 15.85 5.18 -5.30
C ALA A 372 16.04 3.68 -5.11
N TYR A 373 15.13 2.89 -5.68
CA TYR A 373 15.27 1.43 -5.59
C TYR A 373 16.54 0.95 -6.27
N GLN A 374 16.86 1.52 -7.45
CA GLN A 374 18.09 1.15 -8.14
C GLN A 374 19.32 1.53 -7.31
N ARG A 375 19.27 2.70 -6.67
CA ARG A 375 20.38 3.12 -5.81
C ARG A 375 20.62 2.13 -4.69
N LYS A 376 19.56 1.78 -3.96
CA LYS A 376 19.71 0.84 -2.86
C LYS A 376 20.14 -0.54 -3.36
N GLN A 377 19.59 -0.99 -4.48
CA GLN A 377 19.91 -2.31 -5.01
C GLN A 377 21.36 -2.38 -5.46
N LEU A 378 21.87 -1.33 -6.10
CA LEU A 378 23.26 -1.31 -6.51
C LEU A 378 24.19 -1.31 -5.30
N ILE A 379 23.83 -0.56 -4.25
CA ILE A 379 24.63 -0.59 -3.03
C ILE A 379 24.64 -2.00 -2.44
N LYS A 380 23.48 -2.65 -2.39
CA LYS A 380 23.39 -3.98 -1.81
C LYS A 380 24.19 -5.00 -2.62
N ASN A 381 24.15 -4.89 -3.95
CA ASN A 381 24.80 -5.88 -4.80
C ASN A 381 26.31 -5.67 -4.84
N ASN A 382 26.76 -4.50 -5.29
CA ASN A 382 28.19 -4.32 -5.51
C ASN A 382 28.95 -4.15 -4.19
N GLY A 383 28.40 -3.39 -3.27
CA GLY A 383 29.07 -3.10 -2.01
C GLY A 383 29.54 -1.66 -1.95
N VAL A 384 30.27 -1.36 -0.88
CA VAL A 384 30.76 0.00 -0.66
C VAL A 384 31.91 0.29 -1.60
N LEU A 385 32.09 1.57 -1.92
CA LEU A 385 33.16 1.97 -2.83
C LEU A 385 34.52 1.96 -2.13
N ASN A 386 34.55 2.33 -0.86
CA ASN A 386 35.80 2.40 -0.11
C ASN A 386 36.20 1.01 0.36
N ARG A 387 37.41 0.59 0.01
CA ARG A 387 37.91 -0.75 0.33
C ARG A 387 39.13 -0.68 1.25
N THR A 388 39.24 0.38 2.04
CA THR A 388 40.35 0.50 2.96
C THR A 388 40.18 -0.47 4.14
N SER A 389 41.29 -0.70 4.84
CA SER A 389 41.29 -1.65 5.94
C SER A 389 40.50 -1.11 7.13
N PHE A 390 40.14 -2.02 8.03
CA PHE A 390 39.35 -1.69 9.21
C PHE A 390 40.24 -1.59 10.45
N ASP A 391 39.73 -0.88 11.45
CA ASP A 391 40.36 -0.82 12.75
C ASP A 391 39.76 -1.92 13.63
N VAL A 392 40.03 -1.85 14.93
CA VAL A 392 39.51 -2.84 15.87
C VAL A 392 38.10 -2.44 16.29
N GLN A 393 37.16 -3.39 16.24
CA GLN A 393 35.78 -3.16 16.61
C GLN A 393 35.39 -4.08 17.76
N TYR A 394 34.39 -3.65 18.53
CA TYR A 394 33.95 -4.38 19.71
C TYR A 394 32.43 -4.55 19.68
N LEU A 395 31.95 -5.37 20.63
CA LEU A 395 30.54 -5.73 20.74
C LEU A 395 30.10 -5.64 22.19
N LEU A 396 30.33 -4.49 22.82
CA LEU A 396 29.99 -4.32 24.23
C LEU A 396 28.48 -4.42 24.41
N VAL A 397 28.02 -5.47 25.09
CA VAL A 397 26.59 -5.69 25.33
C VAL A 397 26.40 -5.95 26.83
N PRO A 398 25.16 -5.81 27.33
CA PRO A 398 24.87 -6.13 28.74
C PRO A 398 25.28 -7.54 29.15
N ASP A 399 25.31 -7.77 30.46
CA ASP A 399 25.84 -9.02 31.02
C ASP A 399 24.85 -10.17 30.81
N GLU A 400 25.24 -11.34 31.31
CA GLU A 400 24.42 -12.54 31.14
C GLU A 400 23.16 -12.48 32.00
N GLN A 401 23.22 -11.81 33.15
CA GLN A 401 22.05 -11.73 34.03
C GLN A 401 20.88 -10.99 33.39
N TYR A 402 21.13 -10.15 32.39
CA TYR A 402 20.09 -9.42 31.71
C TYR A 402 19.79 -9.93 30.31
N MET A 403 20.79 -10.46 29.60
CA MET A 403 20.62 -10.95 28.24
C MET A 403 21.09 -12.39 28.13
N ASP A 404 20.47 -13.12 27.21
CA ASP A 404 20.85 -14.50 26.94
C ASP A 404 22.19 -14.54 26.23
N ALA A 405 22.77 -15.75 26.16
CA ALA A 405 24.03 -15.97 25.49
C ALA A 405 23.87 -16.57 24.10
N ASN A 406 22.66 -16.52 23.55
CA ASN A 406 22.42 -17.07 22.21
C ASN A 406 21.73 -16.05 21.31
N LEU A 407 20.93 -15.17 21.92
CA LEU A 407 20.33 -14.07 21.16
C LEU A 407 21.41 -13.14 20.61
N VAL A 408 22.34 -12.75 21.48
CA VAL A 408 23.44 -11.89 21.06
C VAL A 408 24.31 -12.60 20.03
N GLU A 409 24.49 -13.91 20.20
CA GLU A 409 25.30 -14.68 19.23
C GLU A 409 24.66 -14.67 17.85
N GLY A 410 23.35 -14.90 17.78
CA GLY A 410 22.68 -14.89 16.49
C GLY A 410 22.67 -13.52 15.84
N PHE A 411 22.39 -12.48 16.62
CA PHE A 411 22.42 -11.12 16.08
C PHE A 411 23.81 -10.77 15.57
N LYS A 412 24.85 -11.13 16.34
CA LYS A 412 26.22 -10.87 15.92
C LYS A 412 26.57 -11.61 14.64
N ASN A 413 26.13 -12.87 14.54
CA ASN A 413 26.43 -13.65 13.34
C ASN A 413 25.77 -13.06 12.10
N ASN A 414 24.50 -12.66 12.22
CA ASN A 414 23.82 -12.06 11.08
C ASN A 414 24.46 -10.73 10.69
N ALA A 415 24.80 -9.90 11.68
CA ALA A 415 25.46 -8.63 11.39
C ALA A 415 26.81 -8.84 10.74
N GLU A 416 27.58 -9.83 11.22
CA GLU A 416 28.88 -10.12 10.64
C GLU A 416 28.75 -10.59 9.20
N PHE A 417 27.77 -11.46 8.92
CA PHE A 417 27.56 -11.93 7.55
C PHE A 417 27.22 -10.76 6.62
N LEU A 418 26.30 -9.89 7.05
CA LEU A 418 25.93 -8.77 6.19
C LEU A 418 27.09 -7.79 5.99
N ILE A 419 27.83 -7.49 7.06
CA ILE A 419 28.91 -6.53 6.94
C ILE A 419 30.10 -7.11 6.17
N LYS A 420 30.25 -8.43 6.14
CA LYS A 420 31.27 -9.03 5.30
C LYS A 420 30.83 -9.04 3.84
N LYS A 421 29.53 -9.23 3.59
CA LYS A 421 29.04 -9.16 2.21
C LYS A 421 29.19 -7.75 1.66
N LEU A 422 28.94 -6.73 2.48
CA LEU A 422 29.08 -5.36 2.01
C LEU A 422 30.55 -4.95 1.92
N ALA A 423 31.26 -4.99 3.03
CA ALA A 423 32.69 -4.66 3.05
C ALA A 423 33.50 -5.91 3.32
N PRO A 424 34.20 -6.46 2.32
CA PRO A 424 34.91 -7.73 2.53
C PRO A 424 36.14 -7.61 3.42
N ALA A 425 36.56 -6.40 3.78
CA ALA A 425 37.74 -6.20 4.60
C ALA A 425 37.47 -6.33 6.09
N PHE A 426 36.23 -6.57 6.50
CA PHE A 426 35.90 -6.71 7.90
C PHE A 426 36.53 -7.97 8.48
N ASP A 427 37.02 -7.88 9.71
CA ASP A 427 37.74 -8.97 10.34
C ASP A 427 36.90 -9.76 11.35
N LYS A 428 36.42 -9.09 12.40
CA LYS A 428 35.73 -9.78 13.48
C LYS A 428 35.07 -8.75 14.39
N PHE A 429 34.28 -9.25 15.34
CA PHE A 429 33.39 -8.42 16.15
C PHE A 429 33.46 -8.82 17.62
N ILE A 430 34.69 -8.86 18.17
CA ILE A 430 34.92 -9.37 19.53
C ILE A 430 33.98 -8.70 20.53
N ILE A 431 33.60 -9.46 21.55
CA ILE A 431 32.47 -9.12 22.42
C ILE A 431 32.98 -8.78 23.82
N ILE A 432 32.41 -7.73 24.40
CA ILE A 432 32.69 -7.31 25.77
C ILE A 432 31.38 -7.36 26.54
N ARG A 433 31.39 -7.98 27.72
CA ARG A 433 30.21 -8.08 28.57
C ARG A 433 30.40 -7.18 29.78
N TYR A 434 29.39 -6.33 30.04
CA TYR A 434 29.45 -5.43 31.19
C TYR A 434 28.24 -5.63 32.08
N PRO A 435 28.39 -5.50 33.40
CA PRO A 435 27.26 -5.75 34.31
C PRO A 435 26.27 -4.60 34.30
N VAL A 436 25.01 -4.94 34.58
CA VAL A 436 23.96 -3.93 34.62
C VAL A 436 24.09 -3.07 35.87
N LYS A 437 24.22 -3.70 37.04
CA LYS A 437 24.29 -3.03 38.34
C LYS A 437 23.11 -2.07 38.53
N SER A 438 21.91 -2.64 38.43
CA SER A 438 20.63 -1.93 38.60
C SER A 438 20.45 -0.81 37.59
N CYS A 439 19.34 -0.08 37.69
CA CYS A 439 19.08 1.03 36.78
C CYS A 439 18.19 2.08 37.43
N THR A 440 18.78 3.12 38.01
CA THR A 440 18.02 4.24 38.53
C THR A 440 18.35 5.54 37.81
N SER A 441 19.60 6.00 37.88
CA SER A 441 19.99 7.25 37.21
C SER A 441 21.51 7.22 37.01
N ALA A 442 21.94 6.91 35.79
CA ALA A 442 23.35 6.95 35.39
C ALA A 442 24.24 6.12 36.31
N SER A 443 23.70 5.08 36.95
CA SER A 443 24.49 4.25 37.84
C SER A 443 25.43 3.32 37.08
N VAL A 444 25.01 2.84 35.92
CA VAL A 444 25.83 1.92 35.13
C VAL A 444 26.99 2.65 34.48
N GLN A 445 26.92 3.98 34.37
CA GLN A 445 27.97 4.74 33.69
C GLN A 445 29.27 4.75 34.49
N ILE A 446 29.19 4.74 35.82
CA ILE A 446 30.38 4.82 36.64
C ILE A 446 31.26 3.59 36.44
N GLN A 447 30.64 2.41 36.43
CA GLN A 447 31.37 1.16 36.28
C GLN A 447 31.76 0.87 34.83
N GLU A 448 31.13 1.54 33.86
CA GLU A 448 31.32 1.18 32.46
C GLU A 448 32.75 1.42 32.00
N ILE A 449 33.37 2.51 32.44
CA ILE A 449 34.70 2.86 31.97
C ILE A 449 35.79 2.26 32.85
N GLU A 450 35.67 2.41 34.17
CA GLU A 450 36.78 2.08 35.05
C GLU A 450 36.94 0.58 35.24
N LYS A 451 35.85 -0.17 35.19
CA LYS A 451 35.88 -1.60 35.54
C LYS A 451 36.15 -2.47 34.32
N VAL A 452 35.26 -2.43 33.33
CA VAL A 452 35.35 -3.37 32.21
C VAL A 452 36.13 -2.78 31.05
N LEU A 453 35.93 -1.49 30.74
CA LEU A 453 36.58 -0.91 29.58
C LEU A 453 38.07 -0.68 29.82
N HIS A 454 38.45 -0.26 31.03
CA HIS A 454 39.85 0.01 31.31
C HIS A 454 40.65 -1.28 31.48
N ARG A 455 40.06 -2.30 32.12
CA ARG A 455 40.77 -3.54 32.34
C ARG A 455 41.08 -4.25 31.03
N ARG A 456 40.13 -4.26 30.09
CA ARG A 456 40.31 -4.95 28.82
C ARG A 456 41.06 -4.10 27.79
N ASN A 457 41.51 -2.90 28.17
CA ASN A 457 42.25 -2.00 27.29
C ASN A 457 41.45 -1.69 26.03
N ALA A 458 40.18 -1.33 26.21
CA ALA A 458 39.29 -0.98 25.11
C ALA A 458 39.22 0.53 24.90
N LEU A 459 40.33 1.23 25.15
CA LEU A 459 40.35 2.68 24.95
C LEU A 459 40.18 3.04 23.48
N HIS A 460 40.81 2.26 22.59
CA HIS A 460 40.80 2.54 21.16
C HIS A 460 39.95 1.51 20.43
N GLY A 461 39.11 1.99 19.52
CA GLY A 461 38.25 1.12 18.76
C GLY A 461 37.06 1.90 18.24
N PHE A 462 36.06 1.15 17.78
CA PHE A 462 34.78 1.74 17.38
C PHE A 462 33.60 1.15 18.13
N ALA A 463 33.50 -0.18 18.22
CA ALA A 463 32.54 -0.89 19.06
C ALA A 463 31.09 -0.68 18.65
N LEU A 464 30.21 -1.52 19.19
CA LEU A 464 28.77 -1.39 19.03
C LEU A 464 28.11 -1.73 20.35
N VAL A 465 27.13 -0.93 20.75
CA VAL A 465 26.55 -0.99 22.09
C VAL A 465 25.06 -1.32 21.97
N VAL A 466 24.61 -2.28 22.76
CA VAL A 466 23.19 -2.60 22.89
C VAL A 466 22.67 -1.97 24.18
N LEU A 467 21.62 -1.18 24.07
CA LEU A 467 21.08 -0.47 25.23
C LEU A 467 20.08 -1.34 25.97
N PRO A 468 20.24 -1.52 27.29
CA PRO A 468 19.37 -2.44 28.04
C PRO A 468 18.02 -1.81 28.36
N ASP A 469 16.99 -2.24 27.62
CA ASP A 469 15.61 -1.88 27.94
C ASP A 469 14.67 -3.05 27.70
N LEU A 470 15.15 -4.27 27.92
CA LEU A 470 14.32 -5.46 27.67
C LEU A 470 13.10 -5.49 28.57
N ASP A 471 13.29 -5.20 29.86
CA ASP A 471 12.20 -5.24 30.83
C ASP A 471 11.48 -3.90 30.83
N ALA A 472 10.61 -3.69 31.83
CA ALA A 472 10.03 -2.38 32.04
C ALA A 472 11.12 -1.40 32.46
N PHE A 473 11.20 -0.26 31.79
CA PHE A 473 12.30 0.66 31.96
C PHE A 473 11.78 2.08 32.07
N SER A 474 12.56 2.92 32.73
CA SER A 474 12.26 4.35 32.81
C SER A 474 12.93 5.06 31.63
N PRO A 475 12.17 5.74 30.78
CA PRO A 475 12.78 6.38 29.60
C PRO A 475 13.83 7.42 29.92
N ALA A 476 13.70 8.12 31.05
CA ALA A 476 14.68 9.12 31.41
C ALA A 476 16.05 8.50 31.64
N PHE A 477 16.09 7.35 32.31
CA PHE A 477 17.37 6.68 32.54
C PHE A 477 18.01 6.25 31.24
N LEU A 478 17.21 5.71 30.30
CA LEU A 478 17.77 5.29 29.02
C LEU A 478 18.29 6.48 28.21
N LYS A 479 17.55 7.59 28.22
CA LYS A 479 18.03 8.77 27.50
C LYS A 479 19.31 9.31 28.10
N THR A 480 19.38 9.38 29.43
CA THR A 480 20.60 9.84 30.09
C THR A 480 21.76 8.89 29.83
N PHE A 481 21.48 7.59 29.81
CA PHE A 481 22.51 6.60 29.51
C PHE A 481 23.05 6.80 28.09
N HIS A 482 22.15 7.04 27.13
CA HIS A 482 22.57 7.29 25.75
C HIS A 482 23.44 8.54 25.66
N GLU A 483 23.00 9.62 26.31
CA GLU A 483 23.77 10.87 26.27
C GLU A 483 25.14 10.69 26.90
N LEU A 484 25.20 10.02 28.06
CA LEU A 484 26.46 9.85 28.75
C LEU A 484 27.39 8.88 28.02
N LEU A 485 26.82 7.87 27.36
CA LEU A 485 27.65 6.97 26.57
C LEU A 485 28.22 7.66 25.35
N LYS A 486 27.44 8.52 24.71
CA LYS A 486 27.93 9.22 23.53
C LYS A 486 28.93 10.31 23.88
N SER A 487 28.74 11.00 25.00
CA SER A 487 29.52 12.19 25.30
C SER A 487 30.59 12.02 26.37
N LYS A 488 30.57 10.91 27.12
CA LYS A 488 31.53 10.74 28.20
C LYS A 488 32.95 10.60 27.67
N PHE A 489 33.12 9.79 26.64
CA PHE A 489 34.44 9.62 26.04
C PHE A 489 34.69 10.71 25.01
N TYR A 490 35.93 11.19 24.96
CA TYR A 490 36.35 12.13 23.95
C TYR A 490 36.32 11.41 22.59
N PRO A 491 36.44 12.15 21.46
CA PRO A 491 36.19 11.55 20.13
C PRO A 491 36.81 10.19 19.82
N ASP A 492 37.79 9.72 20.59
CA ASP A 492 38.24 8.33 20.44
C ASP A 492 37.13 7.38 20.88
N LEU A 493 37.05 6.23 20.19
CA LEU A 493 35.99 5.24 20.39
C LEU A 493 34.62 5.85 20.13
N LYS A 494 34.40 6.24 18.88
CA LYS A 494 33.09 6.71 18.44
C LYS A 494 32.10 5.55 18.48
N VAL A 495 30.94 5.77 19.10
CA VAL A 495 30.03 4.70 19.47
C VAL A 495 28.73 4.84 18.69
N GLN A 496 28.28 3.74 18.08
CA GLN A 496 26.95 3.63 17.49
C GLN A 496 26.16 2.59 18.27
N CYS A 497 24.95 2.95 18.68
CA CYS A 497 24.17 2.16 19.62
C CYS A 497 23.01 1.44 18.92
N ALA A 498 22.31 0.62 19.71
CA ALA A 498 21.14 -0.12 19.24
C ALA A 498 20.26 -0.44 20.44
N SER A 499 19.03 -0.83 20.16
CA SER A 499 18.04 -1.11 21.19
C SER A 499 17.84 -2.61 21.33
N ALA A 500 17.88 -3.09 22.58
CA ALA A 500 17.70 -4.52 22.84
C ALA A 500 16.28 -4.99 22.57
N HIS A 501 15.31 -4.09 22.70
CA HIS A 501 13.90 -4.47 22.55
C HIS A 501 13.61 -4.95 21.13
N ASN A 502 14.08 -4.20 20.13
CA ASN A 502 13.85 -4.59 18.74
C ASN A 502 14.60 -5.88 18.40
N ILE A 503 15.82 -6.04 18.93
CA ILE A 503 16.58 -7.25 18.68
C ILE A 503 15.85 -8.47 19.23
N SER A 504 15.34 -8.36 20.46
CA SER A 504 14.61 -9.47 21.05
C SER A 504 13.30 -9.73 20.31
N SER A 505 12.62 -8.67 19.86
CA SER A 505 11.34 -8.84 19.18
C SER A 505 11.53 -9.44 17.79
N PHE A 506 12.70 -9.27 17.19
CA PHE A 506 12.94 -9.78 15.85
C PHE A 506 13.26 -11.27 15.82
N PHE A 507 13.40 -11.91 16.98
CA PHE A 507 13.79 -13.30 17.07
C PHE A 507 12.72 -14.11 17.79
N LYS A 508 12.95 -15.43 17.84
CA LYS A 508 12.07 -16.39 18.45
C LYS A 508 12.93 -17.48 19.10
N PRO A 509 12.59 -17.90 20.33
CA PRO A 509 13.38 -18.93 21.01
C PRO A 509 13.02 -20.34 20.56
N PHE A 510 13.63 -20.81 19.49
CA PHE A 510 13.42 -22.19 19.05
C PHE A 510 13.92 -23.18 20.09
N SER A 511 13.30 -24.35 20.13
CA SER A 511 13.60 -25.38 21.11
C SER A 511 14.68 -26.35 20.62
N THR A 512 15.54 -25.90 19.71
CA THR A 512 16.66 -26.65 19.11
C THR A 512 16.31 -28.13 18.87
N ALA A 513 15.25 -28.32 18.09
CA ALA A 513 14.82 -29.67 17.72
C ALA A 513 15.85 -30.29 16.80
N GLY A 514 16.59 -31.27 17.30
CA GLY A 514 17.65 -31.91 16.54
C GLY A 514 18.93 -32.03 17.35
N ASN A 515 19.15 -31.09 18.28
CA ASN A 515 20.29 -31.13 19.16
C ASN A 515 19.85 -31.01 20.61
N ASN A 516 20.79 -30.89 21.55
CA ASN A 516 20.49 -30.81 22.97
C ASN A 516 21.21 -29.63 23.58
N GLY A 517 20.45 -28.79 24.31
CA GLY A 517 21.02 -27.71 25.07
C GLY A 517 21.48 -26.50 24.26
N ILE A 518 21.17 -26.45 22.97
CA ILE A 518 21.59 -25.30 22.17
C ILE A 518 20.80 -24.05 22.55
N VAL A 519 19.49 -24.19 22.73
CA VAL A 519 18.53 -23.13 23.08
C VAL A 519 18.78 -21.85 22.28
N GLU A 520 19.09 -22.01 21.00
CA GLU A 520 19.40 -20.88 20.15
C GLU A 520 18.13 -20.10 19.79
N TYR A 521 18.33 -18.89 19.28
CA TYR A 521 17.26 -18.04 18.79
C TYR A 521 17.35 -17.93 17.28
N ARG A 522 16.21 -17.83 16.63
CA ARG A 522 16.17 -17.74 15.18
C ARG A 522 15.25 -16.61 14.74
N VAL A 523 15.50 -16.08 13.54
CA VAL A 523 14.61 -15.08 12.97
C VAL A 523 13.33 -15.75 12.53
N VAL A 524 12.18 -15.15 12.88
CA VAL A 524 10.90 -15.71 12.51
C VAL A 524 10.75 -15.71 10.99
N GLU A 525 10.17 -16.79 10.46
CA GLU A 525 10.06 -16.95 9.01
C GLU A 525 9.19 -15.86 8.40
N ALA A 526 8.10 -15.49 9.08
CA ALA A 526 7.25 -14.41 8.58
C ALA A 526 7.83 -13.03 8.86
N LEU A 527 8.94 -12.95 9.59
CA LEU A 527 9.54 -11.68 9.97
C LEU A 527 10.96 -11.57 9.45
N LYS A 528 11.19 -11.91 8.18
CA LYS A 528 12.52 -11.87 7.59
C LYS A 528 12.83 -10.57 6.87
N GLY A 529 11.88 -10.03 6.11
CA GLY A 529 12.15 -8.82 5.35
C GLY A 529 12.41 -7.61 6.22
N ARG A 530 11.59 -7.43 7.26
CA ARG A 530 11.79 -6.30 8.16
C ARG A 530 13.11 -6.41 8.91
N PHE A 531 13.48 -7.62 9.33
CA PHE A 531 14.78 -7.83 9.97
C PHE A 531 15.91 -7.55 9.00
N SER A 532 15.75 -7.91 7.73
CA SER A 532 16.76 -7.62 6.73
C SER A 532 16.94 -6.12 6.56
N SER A 533 15.83 -5.37 6.50
CA SER A 533 15.92 -3.91 6.40
C SER A 533 16.58 -3.31 7.63
N TYR A 534 16.20 -3.80 8.82
CA TYR A 534 16.83 -3.35 10.06
C TYR A 534 18.33 -3.55 10.03
N LEU A 535 18.76 -4.77 9.68
CA LEU A 535 20.18 -5.07 9.67
C LEU A 535 20.93 -4.25 8.63
N PHE A 536 20.31 -4.05 7.46
CA PHE A 536 20.95 -3.24 6.42
C PHE A 536 21.18 -1.82 6.90
N TYR A 537 20.16 -1.21 7.52
CA TYR A 537 20.31 0.16 7.99
C TYR A 537 21.33 0.26 9.11
N LEU A 538 21.32 -0.69 10.04
CA LEU A 538 22.29 -0.67 11.14
C LEU A 538 23.72 -0.86 10.64
N VAL A 539 23.92 -1.77 9.69
CA VAL A 539 25.25 -2.01 9.14
C VAL A 539 25.72 -0.80 8.35
N LEU A 540 24.81 -0.14 7.62
CA LEU A 540 25.18 1.07 6.91
C LEU A 540 25.60 2.16 7.89
N GLU A 541 24.89 2.29 9.00
CA GLU A 541 25.28 3.29 10.00
C GLU A 541 26.65 2.99 10.60
N HIS A 542 26.90 1.71 10.92
CA HIS A 542 28.21 1.36 11.47
C HIS A 542 29.33 1.53 10.46
N LEU A 543 29.02 1.42 9.17
CA LEU A 543 30.03 1.72 8.16
C LEU A 543 30.24 3.23 8.02
N ILE A 544 29.19 4.02 8.19
CA ILE A 544 29.35 5.47 8.14
C ILE A 544 30.22 5.97 9.28
N VAL A 545 30.00 5.46 10.50
CA VAL A 545 30.84 5.85 11.62
C VAL A 545 32.26 5.30 11.49
N ASN A 546 32.47 4.31 10.65
CA ASN A 546 33.80 3.78 10.35
C ASN A 546 34.47 4.48 9.18
N ARG A 547 33.84 5.53 8.63
CA ARG A 547 34.38 6.33 7.53
C ARG A 547 34.63 5.47 6.28
N LYS A 548 33.64 4.67 5.93
CA LYS A 548 33.65 3.88 4.69
C LYS A 548 32.44 4.29 3.86
N TRP A 549 32.64 5.19 2.90
CA TRP A 549 31.55 5.76 2.13
C TRP A 549 31.06 4.76 1.08
N PRO A 550 29.75 4.67 0.87
CA PRO A 550 29.23 3.62 -0.04
C PRO A 550 29.45 3.91 -1.51
N TYR A 551 29.25 5.13 -1.98
CA TYR A 551 29.39 5.42 -3.41
C TYR A 551 29.78 6.88 -3.59
N ALA A 552 29.83 7.31 -4.86
CA ALA A 552 30.29 8.65 -5.21
C ALA A 552 29.73 9.01 -6.57
N LEU A 553 30.06 10.23 -7.02
CA LEU A 553 29.60 10.72 -8.32
C LEU A 553 30.60 10.34 -9.41
N ALA A 554 30.07 10.01 -10.59
CA ALA A 554 30.94 9.64 -11.71
C ALA A 554 31.65 10.85 -12.28
N LYS A 555 30.92 11.95 -12.48
CA LYS A 555 31.49 13.15 -13.08
C LYS A 555 32.03 14.07 -12.00
N ASN A 556 33.16 14.70 -12.28
CA ASN A 556 33.75 15.65 -11.35
C ASN A 556 32.87 16.89 -11.23
N LEU A 557 32.81 17.46 -10.03
CA LEU A 557 32.07 18.70 -9.84
C LEU A 557 32.83 19.85 -10.50
N PHE A 558 32.13 20.98 -10.67
CA PHE A 558 32.74 22.12 -11.33
C PHE A 558 33.90 22.70 -10.53
N TYR A 559 33.86 22.58 -9.20
CA TYR A 559 34.94 23.04 -8.35
C TYR A 559 35.57 21.85 -7.63
N ASP A 560 36.86 21.97 -7.35
CA ASP A 560 37.63 20.84 -6.83
C ASP A 560 37.47 20.65 -5.33
N ILE A 561 37.51 21.73 -4.55
CA ILE A 561 37.51 21.66 -3.09
C ILE A 561 36.20 22.24 -2.57
N TYR A 562 35.56 21.51 -1.66
CA TYR A 562 34.40 22.01 -0.93
C TYR A 562 34.65 21.83 0.56
N ILE A 563 34.35 22.86 1.34
CA ILE A 563 34.64 22.85 2.78
C ILE A 563 33.33 23.07 3.53
N GLY A 564 33.05 22.17 4.47
CA GLY A 564 31.87 22.31 5.32
C GLY A 564 32.26 22.53 6.76
N ILE A 565 31.87 23.67 7.33
CA ILE A 565 32.22 24.07 8.68
C ILE A 565 30.95 24.23 9.49
N ASP A 566 30.93 23.64 10.68
CA ASP A 566 29.80 23.80 11.59
C ASP A 566 30.35 24.06 12.97
N VAL A 567 29.74 25.01 13.69
CA VAL A 567 30.18 25.30 15.04
C VAL A 567 29.21 24.70 16.05
N HIS A 568 29.43 23.45 16.42
CA HIS A 568 28.58 22.81 17.41
C HIS A 568 28.75 23.49 18.75
N ASP A 569 27.97 23.09 19.74
CA ASP A 569 28.07 23.68 21.06
C ASP A 569 29.51 23.62 21.58
N ARG A 570 30.22 24.75 21.55
CA ARG A 570 31.56 24.79 22.13
C ARG A 570 32.54 23.93 21.30
N HIS A 571 32.01 23.16 20.35
CA HIS A 571 32.85 22.37 19.46
C HIS A 571 32.51 22.68 18.00
N ALA A 572 33.43 22.30 17.11
CA ALA A 572 33.27 22.56 15.69
C ALA A 572 33.69 21.32 14.90
N GLY A 573 33.16 21.25 13.69
CA GLY A 573 33.48 20.16 12.78
C GLY A 573 33.73 20.64 11.36
N PHE A 574 34.70 20.01 10.70
CA PHE A 574 35.09 20.37 9.35
C PHE A 574 35.07 19.13 8.48
N THR A 575 34.53 19.27 7.26
CA THR A 575 34.63 18.24 6.24
C THR A 575 35.23 18.82 4.97
N PHE A 576 36.12 18.05 4.36
CA PHE A 576 36.76 18.41 3.10
C PHE A 576 36.29 17.42 2.04
N PHE A 577 35.73 17.95 0.96
CA PHE A 577 35.11 17.18 -0.11
C PHE A 577 35.87 17.47 -1.39
N PHE A 578 36.55 16.45 -1.92
CA PHE A 578 37.37 16.65 -3.10
C PHE A 578 36.56 16.31 -4.36
N LYS A 579 37.22 16.14 -5.48
CA LYS A 579 36.50 15.91 -6.74
C LYS A 579 35.62 14.67 -6.78
N ASN A 580 34.49 14.74 -7.46
CA ASN A 580 33.58 13.58 -7.63
C ASN A 580 32.99 13.01 -6.34
N GLY A 581 33.72 13.04 -5.24
CA GLY A 581 33.24 12.45 -4.01
C GLY A 581 34.03 11.28 -3.49
N GLU A 582 35.12 10.88 -4.13
CA GLU A 582 35.90 9.74 -3.63
C GLU A 582 36.70 10.09 -2.38
N GLN A 583 36.92 11.37 -2.10
CA GLN A 583 37.72 11.80 -0.96
C GLN A 583 36.90 12.74 -0.09
N ILE A 584 36.42 12.23 1.03
CA ILE A 584 35.73 13.03 2.05
C ILE A 584 36.47 12.82 3.36
N ILE A 585 36.93 13.92 3.96
CA ILE A 585 37.69 13.90 5.19
C ILE A 585 36.93 14.65 6.27
N PHE A 586 36.93 14.12 7.49
CA PHE A 586 36.24 14.75 8.62
C PHE A 586 37.22 14.99 9.76
N HIS A 587 37.09 16.16 10.39
CA HIS A 587 37.93 16.52 11.53
C HIS A 587 37.14 17.30 12.58
N PRO A 588 37.08 16.82 13.82
CA PRO A 588 36.48 17.59 14.90
C PRO A 588 37.49 18.45 15.64
N GLU A 589 36.97 19.45 16.35
CA GLU A 589 37.83 20.39 17.04
C GLU A 589 37.09 20.96 18.24
N GLU A 590 37.82 21.21 19.32
CA GLU A 590 37.30 21.88 20.49
C GLU A 590 37.58 23.37 20.37
N VAL A 591 36.53 24.18 20.36
CA VAL A 591 36.66 25.62 20.23
C VAL A 591 36.83 26.21 21.63
N PRO A 592 37.89 26.97 21.90
CA PRO A 592 38.09 27.59 23.22
C PRO A 592 37.14 28.77 23.45
N LYS A 602 38.69 37.04 19.12
CA LYS A 602 38.99 35.87 19.94
C LYS A 602 39.99 34.96 19.23
N VAL A 603 40.58 34.03 19.99
CA VAL A 603 41.57 33.11 19.42
C VAL A 603 40.94 31.98 18.63
N ARG A 604 39.61 31.84 18.68
CA ARG A 604 38.94 30.78 17.92
C ARG A 604 39.18 30.95 16.43
N ALA A 605 39.25 32.20 15.96
CA ALA A 605 39.60 32.45 14.57
C ALA A 605 41.01 31.96 14.26
N LYS A 606 41.94 32.17 15.20
CA LYS A 606 43.31 31.69 15.00
C LYS A 606 43.35 30.17 14.90
N THR A 607 42.64 29.48 15.81
CA THR A 607 42.62 28.02 15.77
C THR A 607 41.99 27.50 14.48
N LEU A 608 40.87 28.10 14.07
CA LEU A 608 40.19 27.67 12.86
C LEU A 608 41.05 27.92 11.62
N ASN A 609 41.73 29.08 11.56
CA ASN A 609 42.59 29.38 10.44
C ASN A 609 43.76 28.41 10.38
N LYS A 610 44.36 28.11 11.53
CA LYS A 610 45.46 27.16 11.57
C LYS A 610 45.01 25.77 11.11
N VAL A 611 43.81 25.35 11.55
CA VAL A 611 43.29 24.05 11.15
C VAL A 611 43.10 24.01 9.64
N ILE A 612 42.49 25.06 9.07
CA ILE A 612 42.25 25.11 7.63
C ILE A 612 43.58 25.06 6.88
N TYR A 613 44.57 25.83 7.34
CA TYR A 613 45.85 25.88 6.65
C TYR A 613 46.55 24.53 6.66
N GLU A 614 46.64 23.89 7.83
CA GLU A 614 47.36 22.62 7.88
C GLU A 614 46.62 21.54 7.09
N LYS A 615 45.30 21.49 7.19
CA LYS A 615 44.55 20.48 6.44
C LYS A 615 44.70 20.68 4.94
N LEU A 616 44.59 21.92 4.47
CA LEU A 616 44.73 22.16 3.04
C LEU A 616 46.14 21.84 2.55
N LYS A 617 47.17 22.25 3.30
CA LYS A 617 48.53 21.98 2.87
C LYS A 617 48.86 20.50 2.94
N LEU A 618 48.17 19.75 3.80
CA LEU A 618 48.37 18.31 3.82
C LEU A 618 47.66 17.62 2.67
N TYR A 619 46.46 18.09 2.31
CA TYR A 619 45.59 17.30 1.45
C TYR A 619 45.57 17.74 -0.01
N ILE A 620 45.91 18.99 -0.34
CA ILE A 620 45.85 19.42 -1.74
C ILE A 620 46.80 18.66 -2.65
N PRO A 621 48.10 18.49 -2.32
CA PRO A 621 48.98 17.77 -3.25
C PRO A 621 48.64 16.29 -3.39
N LEU A 622 47.87 15.72 -2.47
CA LEU A 622 47.59 14.29 -2.53
C LEU A 622 46.42 13.98 -3.45
N PHE A 623 45.36 14.79 -3.41
CA PHE A 623 44.10 14.45 -4.06
C PHE A 623 43.73 15.37 -5.22
N ALA A 624 43.80 16.68 -5.02
CA ALA A 624 43.39 17.65 -6.03
C ALA A 624 44.50 18.66 -6.27
N PRO A 625 45.56 18.28 -6.99
CA PRO A 625 46.62 19.26 -7.29
C PRO A 625 46.12 20.36 -8.20
N ASN A 626 46.61 21.58 -7.94
CA ASN A 626 46.26 22.79 -8.67
C ASN A 626 44.76 23.01 -8.70
N PRO A 627 44.12 23.33 -7.58
CA PRO A 627 42.66 23.49 -7.58
C PRO A 627 42.24 24.75 -8.33
N ASN A 628 41.07 24.66 -8.96
CA ASN A 628 40.50 25.78 -9.71
C ASN A 628 39.44 26.53 -8.93
N GLY A 629 39.20 26.16 -7.68
CA GLY A 629 38.20 26.84 -6.87
C GLY A 629 37.97 26.21 -5.51
N ILE A 630 37.85 27.03 -4.48
CA ILE A 630 37.58 26.58 -3.13
C ILE A 630 36.31 27.26 -2.63
N VAL A 631 35.35 26.46 -2.20
CA VAL A 631 34.06 26.94 -1.71
C VAL A 631 33.89 26.46 -0.28
N ILE A 632 33.56 27.39 0.62
CA ILE A 632 33.18 27.05 1.98
C ILE A 632 31.68 27.07 2.07
N VAL A 633 31.10 26.01 2.62
CA VAL A 633 29.66 25.94 2.88
C VAL A 633 29.49 25.94 4.38
N ARG A 634 28.92 27.02 4.92
CA ARG A 634 28.79 27.19 6.36
C ARG A 634 27.33 27.07 6.76
N ASP A 635 27.07 26.25 7.77
CA ASP A 635 25.74 26.12 8.33
C ASP A 635 25.50 27.24 9.33
N GLY A 636 24.39 27.95 9.17
CA GLY A 636 24.05 29.05 10.05
C GLY A 636 24.33 30.39 9.39
N ARG A 637 25.02 31.27 10.13
CA ARG A 637 25.30 32.63 9.67
C ARG A 637 26.80 32.86 9.65
N SER A 638 27.25 33.63 8.65
CA SER A 638 28.67 33.92 8.46
C SER A 638 28.96 35.37 8.86
N PHE A 639 30.14 35.58 9.44
CA PHE A 639 30.54 36.91 9.88
C PHE A 639 31.89 37.35 9.32
N GLY A 640 32.40 36.65 8.31
CA GLY A 640 33.65 37.02 7.67
C GLY A 640 34.89 36.40 8.28
N VAL A 641 34.78 35.72 9.42
CA VAL A 641 35.94 35.10 10.03
C VAL A 641 36.46 33.95 9.17
N GLU A 642 35.54 33.08 8.72
CA GLU A 642 35.94 31.96 7.87
C GLU A 642 36.49 32.45 6.52
N TYR A 643 35.87 33.49 5.96
CA TYR A 643 36.35 34.02 4.68
C TYR A 643 37.75 34.59 4.79
N LYS A 644 38.02 35.37 5.84
CA LYS A 644 39.36 35.92 6.00
C LYS A 644 40.37 34.84 6.37
N ALA A 645 39.94 33.80 7.08
CA ALA A 645 40.83 32.67 7.34
C ALA A 645 41.20 31.96 6.05
N LEU A 646 40.23 31.76 5.16
CA LEU A 646 40.52 31.15 3.86
C LEU A 646 41.44 32.04 3.04
N GLN A 647 41.23 33.37 3.12
CA GLN A 647 42.11 34.28 2.40
C GLN A 647 43.55 34.20 2.91
N ALA A 648 43.72 34.13 4.23
CA ALA A 648 45.06 34.00 4.80
C ALA A 648 45.70 32.67 4.39
N ALA A 649 44.93 31.59 4.42
CA ALA A 649 45.47 30.29 4.03
C ALA A 649 45.85 30.27 2.56
N ILE A 650 45.05 30.90 1.70
CA ILE A 650 45.35 30.98 0.28
C ILE A 650 46.61 31.80 0.05
N ASN A 651 46.76 32.91 0.78
CA ASN A 651 47.97 33.72 0.66
C ASN A 651 49.20 32.94 1.07
N THR A 652 49.11 32.19 2.18
CA THR A 652 50.24 31.39 2.62
C THR A 652 50.58 30.29 1.61
N LEU A 653 49.56 29.62 1.07
CA LEU A 653 49.80 28.55 0.12
C LEU A 653 50.40 29.08 -1.18
N ALA A 654 49.96 30.27 -1.62
CA ALA A 654 50.57 30.90 -2.78
C ALA A 654 52.00 31.33 -2.50
N ALA A 655 52.29 31.74 -1.25
CA ALA A 655 53.66 32.02 -0.87
C ALA A 655 54.53 30.78 -0.98
N GLU A 656 54.00 29.62 -0.55
CA GLU A 656 54.71 28.37 -0.73
C GLU A 656 54.54 27.79 -2.13
N GLY A 657 53.71 28.41 -2.98
CA GLY A 657 53.57 27.98 -4.35
C GLY A 657 52.72 26.76 -4.57
N ILE A 658 51.88 26.40 -3.59
CA ILE A 658 51.04 25.21 -3.73
C ILE A 658 49.95 25.44 -4.78
N VAL A 659 49.28 26.59 -4.71
CA VAL A 659 48.16 26.89 -5.60
C VAL A 659 48.42 28.24 -6.25
N ASN A 660 48.20 28.32 -7.56
CA ASN A 660 48.36 29.58 -8.27
C ASN A 660 47.27 30.56 -7.85
N LYS A 661 47.68 31.78 -7.47
CA LYS A 661 46.73 32.76 -6.97
C LYS A 661 45.88 33.37 -8.08
N ASP A 662 46.44 33.49 -9.29
CA ASP A 662 45.72 34.17 -10.36
C ASP A 662 44.53 33.35 -10.85
N THR A 663 44.73 32.06 -11.09
CA THR A 663 43.68 31.22 -11.66
C THR A 663 42.67 30.72 -10.64
N VAL A 664 42.98 30.80 -9.35
CA VAL A 664 42.12 30.21 -8.34
C VAL A 664 41.04 31.21 -7.93
N LYS A 665 39.94 30.67 -7.40
CA LYS A 665 38.86 31.46 -6.83
C LYS A 665 38.49 30.85 -5.49
N TYR A 666 37.96 31.68 -4.60
CA TYR A 666 37.46 31.20 -3.32
C TYR A 666 36.19 31.95 -2.97
N GLY A 667 35.30 31.28 -2.23
CA GLY A 667 34.04 31.90 -1.88
C GLY A 667 33.41 31.23 -0.68
N VAL A 668 32.39 31.91 -0.13
CA VAL A 668 31.68 31.45 1.04
C VAL A 668 30.18 31.50 0.76
N VAL A 669 29.49 30.40 1.07
CA VAL A 669 28.05 30.29 0.92
C VAL A 669 27.47 29.83 2.25
N ASP A 670 26.29 30.34 2.57
CA ASP A 670 25.59 30.05 3.82
C ASP A 670 24.39 29.17 3.52
N LEU A 671 24.22 28.14 4.34
CA LEU A 671 23.10 27.22 4.25
C LEU A 671 22.12 27.56 5.37
N HIS A 672 20.83 27.64 5.04
CA HIS A 672 19.80 27.89 6.03
C HIS A 672 18.98 26.62 6.21
N LYS A 673 18.96 26.08 7.43
CA LYS A 673 18.11 24.94 7.72
C LYS A 673 16.64 25.35 7.76
N GLN A 674 16.35 26.57 8.23
CA GLN A 674 15.04 27.17 8.12
C GLN A 674 15.08 28.22 7.02
N SER A 675 14.17 28.12 6.07
CA SER A 675 14.23 28.94 4.87
C SER A 675 14.02 30.42 5.19
N SER A 676 14.64 31.28 4.38
CA SER A 676 14.46 32.72 4.54
C SER A 676 13.03 33.14 4.28
N VAL A 677 12.45 32.68 3.18
CA VAL A 677 11.03 32.88 2.92
C VAL A 677 10.41 31.53 2.61
N PRO A 678 9.19 31.25 3.08
CA PRO A 678 8.58 29.92 2.86
C PRO A 678 8.00 29.74 1.46
N ILE A 679 8.86 29.43 0.51
CA ILE A 679 8.47 29.23 -0.87
C ILE A 679 7.90 27.83 -1.03
N ARG A 680 6.72 27.72 -1.62
CA ARG A 680 6.11 26.44 -1.96
C ARG A 680 5.69 26.47 -3.42
N ILE A 681 6.04 25.42 -4.16
CA ILE A 681 5.68 25.33 -5.57
C ILE A 681 5.03 23.98 -5.83
N ALA A 682 4.20 23.93 -6.87
CA ALA A 682 3.54 22.70 -7.26
C ALA A 682 3.40 22.66 -8.77
N ALA A 683 3.28 21.46 -9.31
CA ALA A 683 3.20 21.24 -10.74
C ALA A 683 1.75 21.05 -11.15
N LYS A 684 1.27 21.89 -12.07
CA LYS A 684 -0.11 21.83 -12.53
C LYS A 684 -0.24 20.76 -13.60
N THR A 685 -1.09 19.77 -13.36
CA THR A 685 -1.23 18.62 -14.24
C THR A 685 -2.66 18.49 -14.76
N ASN A 686 -2.85 17.50 -15.62
CA ASN A 686 -4.14 17.19 -16.21
C ASN A 686 -4.91 16.13 -15.43
N SER A 687 -4.34 15.59 -14.36
CA SER A 687 -4.97 14.52 -13.61
C SER A 687 -6.16 15.07 -12.82
N TYR A 688 -6.85 14.17 -12.11
CA TYR A 688 -8.02 14.57 -11.34
C TYR A 688 -7.63 15.52 -10.21
N ASP A 689 -6.54 15.23 -9.51
CA ASP A 689 -5.93 16.20 -8.61
C ASP A 689 -4.99 17.07 -9.43
N GLN A 690 -5.27 18.37 -9.44
CA GLN A 690 -4.64 19.25 -10.42
C GLN A 690 -3.25 19.73 -10.01
N LEU A 691 -2.75 19.34 -8.84
CA LEU A 691 -1.45 19.77 -8.37
C LEU A 691 -0.65 18.58 -7.85
N GLU A 692 0.66 18.70 -7.92
CA GLU A 692 1.56 17.67 -7.41
C GLU A 692 2.92 18.30 -7.11
N ASN A 693 3.74 17.57 -6.38
CA ASN A 693 5.04 18.08 -5.95
C ASN A 693 5.96 18.28 -7.15
N PRO A 694 6.83 19.28 -7.09
CA PRO A 694 7.78 19.51 -8.18
C PRO A 694 8.80 18.38 -8.27
N VAL A 695 9.39 18.24 -9.45
CA VAL A 695 10.38 17.19 -9.67
C VAL A 695 11.66 17.50 -8.91
N ALA A 696 12.43 16.46 -8.63
CA ALA A 696 13.66 16.60 -7.87
C ALA A 696 14.68 17.37 -8.68
N GLY A 697 15.15 18.50 -8.14
CA GLY A 697 16.09 19.35 -8.82
C GLY A 697 15.56 20.71 -9.18
N SER A 698 14.32 21.03 -8.83
CA SER A 698 13.74 22.32 -9.18
C SER A 698 14.36 23.41 -8.32
N TYR A 699 15.02 24.37 -8.96
CA TYR A 699 15.65 25.47 -8.27
C TYR A 699 14.94 26.77 -8.60
N LYS A 700 15.01 27.72 -7.67
CA LYS A 700 14.43 29.04 -7.85
C LYS A 700 15.38 30.06 -7.25
N LEU A 701 15.95 30.93 -8.09
CA LEU A 701 16.86 31.97 -7.65
C LEU A 701 16.05 33.24 -7.40
N VAL A 702 15.95 33.63 -6.13
CA VAL A 702 15.20 34.84 -5.81
C VAL A 702 16.01 36.07 -6.21
N SER A 703 17.28 36.07 -5.87
CA SER A 703 18.25 37.11 -6.20
C SER A 703 19.47 36.41 -6.78
N PRO A 704 20.31 37.14 -7.55
CA PRO A 704 21.51 36.52 -8.10
C PRO A 704 22.50 36.00 -7.06
N LYS A 705 22.19 36.19 -5.77
CA LYS A 705 23.01 35.65 -4.69
C LYS A 705 22.24 34.80 -3.69
N GLU A 706 20.94 34.58 -3.90
CA GLU A 706 20.13 33.81 -2.97
C GLU A 706 19.15 32.93 -3.72
N GLY A 707 19.02 31.67 -3.29
CA GLY A 707 18.09 30.80 -3.97
C GLY A 707 17.69 29.60 -3.14
N PHE A 708 16.81 28.79 -3.73
CA PHE A 708 16.20 27.63 -3.08
C PHE A 708 16.25 26.44 -4.02
N ILE A 709 16.40 25.26 -3.43
CA ILE A 709 16.46 24.00 -4.16
C ILE A 709 15.45 23.04 -3.54
N PHE A 710 14.67 22.37 -4.39
CA PHE A 710 13.68 21.38 -3.95
C PHE A 710 14.22 19.99 -4.28
N SER A 711 14.97 19.42 -3.34
CA SER A 711 15.58 18.11 -3.57
C SER A 711 14.55 16.99 -3.52
N THR A 712 13.61 17.06 -2.58
CA THR A 712 12.56 16.06 -2.50
C THR A 712 11.52 16.33 -3.58
N GLY A 713 11.12 15.28 -4.30
CA GLY A 713 10.25 15.46 -5.42
C GLY A 713 9.67 14.20 -6.01
N TYR A 714 9.58 14.14 -7.35
CA TYR A 714 8.87 13.03 -7.99
C TYR A 714 9.48 11.66 -7.76
N PRO A 715 10.78 11.42 -7.98
CA PRO A 715 11.27 10.03 -7.89
C PRO A 715 11.11 9.43 -6.50
N PHE A 716 10.98 10.25 -5.47
CA PHE A 716 10.71 9.81 -4.12
C PHE A 716 9.24 10.04 -3.78
N ASP A 717 8.81 9.46 -2.65
CA ASP A 717 7.44 9.58 -2.19
C ASP A 717 7.43 10.25 -0.82
N ILE A 718 6.66 11.34 -0.71
CA ILE A 718 6.53 12.06 0.55
C ILE A 718 5.06 12.39 0.78
N LYS A 719 4.72 12.61 2.04
CA LYS A 719 3.40 13.06 2.44
C LYS A 719 3.46 14.56 2.69
N GLY A 720 2.66 15.31 1.95
CA GLY A 720 2.70 16.76 2.03
C GLY A 720 3.44 17.39 0.86
N THR A 721 3.96 18.58 1.12
CA THR A 721 4.64 19.37 0.12
C THR A 721 6.12 19.48 0.47
N SER A 722 6.97 19.45 -0.55
CA SER A 722 8.41 19.54 -0.34
C SER A 722 8.79 20.91 0.20
N ARG A 723 9.78 20.93 1.09
CA ARG A 723 10.26 22.20 1.62
C ARG A 723 11.58 22.58 0.95
N PRO A 724 11.81 23.86 0.72
CA PRO A 724 13.02 24.27 0.01
C PRO A 724 14.22 24.38 0.93
N LEU A 725 15.38 24.11 0.35
CA LEU A 725 16.67 24.34 1.01
C LEU A 725 17.22 25.66 0.50
N ASN A 726 17.61 26.54 1.42
CA ASN A 726 17.96 27.91 1.11
C ASN A 726 19.47 28.10 1.17
N LEU A 727 20.04 28.62 0.08
CA LEU A 727 21.46 28.91 -0.01
C LEU A 727 21.66 30.39 -0.33
N SER A 728 22.71 30.99 0.22
CA SER A 728 23.01 32.39 -0.02
C SER A 728 24.51 32.60 -0.08
N MET A 729 25.02 33.01 -1.23
CA MET A 729 26.45 33.24 -1.38
C MET A 729 26.80 34.63 -0.86
N LYS A 730 27.70 34.70 0.13
CA LYS A 730 27.98 35.98 0.78
C LYS A 730 29.11 36.73 0.09
N GLU A 731 30.31 36.14 0.07
CA GLU A 731 31.47 36.80 -0.50
C GLU A 731 32.25 35.80 -1.35
N GLY A 732 33.04 36.34 -2.28
CA GLY A 732 33.91 35.54 -3.11
C GLY A 732 33.79 35.96 -4.56
N ASP A 733 34.45 35.19 -5.42
CA ASP A 733 34.46 35.42 -6.86
C ASP A 733 34.00 34.17 -7.60
N LEU A 734 32.93 33.54 -7.12
CA LEU A 734 32.42 32.30 -7.69
C LEU A 734 31.23 32.58 -8.59
N ASP A 735 30.82 31.53 -9.31
CA ASP A 735 29.58 31.53 -10.06
C ASP A 735 28.54 30.77 -9.26
N PHE A 736 27.43 31.45 -8.96
CA PHE A 736 26.44 30.88 -8.06
C PHE A 736 25.78 29.63 -8.65
N MET A 737 25.56 29.63 -9.97
CA MET A 737 24.89 28.51 -10.62
C MET A 737 25.70 27.22 -10.47
N LYS A 738 27.01 27.30 -10.66
CA LYS A 738 27.85 26.11 -10.53
C LYS A 738 27.86 25.60 -9.09
N VAL A 739 27.90 26.52 -8.12
CA VAL A 739 27.87 26.11 -6.71
C VAL A 739 26.56 25.42 -6.40
N MET A 740 25.45 25.95 -6.90
CA MET A 740 24.15 25.32 -6.66
C MET A 740 24.06 23.95 -7.30
N GLU A 741 24.56 23.82 -8.53
CA GLU A 741 24.55 22.51 -9.18
C GLU A 741 25.38 21.50 -8.41
N ASP A 742 26.55 21.90 -7.91
CA ASP A 742 27.38 20.99 -7.14
C ASP A 742 26.73 20.63 -5.82
N VAL A 743 26.06 21.58 -5.17
CA VAL A 743 25.37 21.29 -3.92
C VAL A 743 24.23 20.29 -4.16
N PHE A 744 23.47 20.50 -5.24
CA PHE A 744 22.39 19.57 -5.57
C PHE A 744 22.93 18.18 -5.88
N CYS A 745 24.05 18.11 -6.61
CA CYS A 745 24.69 16.81 -6.84
C CYS A 745 25.17 16.18 -5.54
N GLN A 746 25.55 17.01 -4.57
CA GLN A 746 25.93 16.48 -3.26
C GLN A 746 24.72 15.97 -2.49
N ILE A 747 23.53 16.52 -2.76
CA ILE A 747 22.33 16.04 -2.07
C ILE A 747 22.00 14.61 -2.47
N MET A 748 22.26 14.24 -3.73
CA MET A 748 22.02 12.87 -4.17
C MET A 748 22.90 11.84 -3.47
N LEU A 749 23.96 12.26 -2.79
CA LEU A 749 24.78 11.37 -2.00
C LEU A 749 24.10 11.16 -0.64
N ALA A 750 23.20 10.20 -0.59
CA ALA A 750 22.47 9.87 0.64
C ALA A 750 23.10 8.63 1.24
N PHE A 751 23.97 8.83 2.23
CA PHE A 751 24.71 7.71 2.80
C PHE A 751 23.94 6.97 3.89
N SER A 752 22.98 7.63 4.54
CA SER A 752 22.29 7.02 5.66
C SER A 752 21.17 6.08 5.19
N ALA A 753 20.20 6.63 4.46
CA ALA A 753 19.07 5.85 3.94
C ALA A 753 19.00 6.05 2.44
N PRO A 754 19.67 5.19 1.66
CA PRO A 754 19.66 5.37 0.20
C PRO A 754 18.30 5.25 -0.43
N ASP A 755 17.42 4.43 0.15
CA ASP A 755 16.07 4.27 -0.39
C ASP A 755 15.24 5.54 -0.21
N LYS A 756 15.39 6.20 0.93
CA LYS A 756 14.63 7.41 1.21
C LYS A 756 15.35 8.63 0.65
N SER A 757 14.64 9.75 0.60
CA SER A 757 15.20 10.98 0.08
C SER A 757 16.05 11.68 1.14
N ASN A 758 16.89 12.60 0.67
CA ASN A 758 17.81 13.34 1.51
C ASN A 758 17.57 14.84 1.33
N PHE A 759 17.62 15.58 2.43
CA PHE A 759 17.35 17.02 2.41
C PHE A 759 18.60 17.86 2.43
N LEU A 760 19.65 17.43 3.14
CA LEU A 760 20.87 18.21 3.28
C LEU A 760 22.00 17.63 2.44
N PRO A 761 22.96 18.45 2.01
CA PRO A 761 24.12 17.92 1.32
C PRO A 761 24.94 17.04 2.26
N VAL A 762 25.76 16.16 1.66
CA VAL A 762 26.39 15.10 2.43
C VAL A 762 27.40 15.64 3.43
N ILE A 763 27.95 16.84 3.19
CA ILE A 763 28.94 17.39 4.10
C ILE A 763 28.30 17.82 5.42
N ILE A 764 27.21 18.59 5.33
CA ILE A 764 26.51 19.04 6.54
C ILE A 764 25.85 17.86 7.24
N LYS A 765 25.31 16.91 6.47
CA LYS A 765 24.73 15.71 7.06
C LYS A 765 25.78 14.90 7.81
N LEU A 766 26.98 14.78 7.24
CA LEU A 766 28.05 14.05 7.92
C LEU A 766 28.47 14.76 9.20
N ILE A 767 28.53 16.09 9.18
CA ILE A 767 28.80 16.82 10.42
C ILE A 767 27.74 16.52 11.47
N ASP A 768 26.46 16.61 11.08
CA ASP A 768 25.38 16.39 12.03
C ASP A 768 25.42 14.97 12.59
N THR A 769 25.84 14.01 11.78
CA THR A 769 25.90 12.63 12.24
C THR A 769 27.07 12.41 13.18
N LEU A 770 28.26 12.90 12.82
CA LEU A 770 29.48 12.54 13.52
C LEU A 770 29.98 13.59 14.50
N LEU A 771 29.16 14.60 14.78
CA LEU A 771 29.57 15.66 15.70
C LEU A 771 28.79 15.65 17.00
N GLU A 772 28.40 14.47 17.48
CA GLU A 772 27.73 14.41 18.77
C GLU A 772 28.59 15.13 19.80
N PRO A 773 27.97 15.77 20.81
CA PRO A 773 28.71 16.63 21.75
C PRO A 773 29.94 15.96 22.36
N LEU A 774 31.11 16.53 22.08
CA LEU A 774 32.40 15.99 22.49
C LEU A 774 32.59 14.55 22.01
N LYS B 2 -10.49 13.24 -21.41
CA LYS B 2 -9.21 12.60 -21.67
C LYS B 2 -9.41 11.17 -22.17
N ASP B 3 -8.38 10.62 -22.78
CA ASP B 3 -8.44 9.26 -23.31
C ASP B 3 -7.91 8.27 -22.28
N HIS B 4 -8.38 7.03 -22.41
CA HIS B 4 -8.01 5.95 -21.50
C HIS B 4 -7.37 4.83 -22.32
N ILE B 5 -6.26 4.29 -21.83
CA ILE B 5 -5.60 3.17 -22.48
C ILE B 5 -6.22 1.89 -21.92
N LEU B 6 -6.70 1.04 -22.81
CA LEU B 6 -7.36 -0.18 -22.43
C LEU B 6 -6.41 -1.37 -22.55
N ASN B 7 -6.86 -2.52 -22.06
CA ASN B 7 -6.06 -3.74 -22.00
C ASN B 7 -6.30 -4.66 -23.19
N LEU B 8 -6.66 -4.11 -24.35
CA LEU B 8 -7.06 -4.89 -25.50
C LEU B 8 -6.11 -4.63 -26.67
N TYR B 9 -5.75 -5.69 -27.38
CA TYR B 9 -4.90 -5.60 -28.55
C TYR B 9 -5.63 -6.19 -29.76
N ARG B 10 -5.69 -5.42 -30.84
CA ARG B 10 -6.55 -5.73 -31.98
C ARG B 10 -5.85 -6.67 -32.96
N ILE B 11 -6.57 -7.71 -33.38
CA ILE B 11 -6.09 -8.64 -34.40
C ILE B 11 -6.43 -8.05 -35.76
N ASP B 12 -5.44 -7.45 -36.42
CA ASP B 12 -5.67 -6.77 -37.69
C ASP B 12 -5.40 -7.68 -38.89
N ASN B 13 -5.94 -8.90 -38.83
CA ASN B 13 -5.78 -9.84 -39.93
C ASN B 13 -7.03 -10.65 -40.23
N LEU B 14 -8.17 -10.37 -39.57
CA LEU B 14 -9.37 -11.16 -39.78
C LEU B 14 -9.92 -11.04 -41.19
N SER B 15 -9.53 -9.99 -41.92
CA SER B 15 -10.05 -9.78 -43.27
C SER B 15 -9.52 -10.80 -44.27
N GLU B 16 -8.50 -11.57 -43.91
CA GLU B 16 -7.85 -12.49 -44.83
C GLU B 16 -7.65 -13.87 -44.17
N LEU B 17 -8.55 -14.23 -43.27
CA LEU B 17 -8.52 -15.53 -42.62
C LEU B 17 -9.55 -16.44 -43.25
N ASP B 18 -9.21 -17.73 -43.35
CA ASP B 18 -9.94 -18.64 -44.22
C ASP B 18 -11.22 -19.19 -43.57
N PHE B 19 -11.06 -19.93 -42.46
CA PHE B 19 -12.12 -20.67 -41.77
C PHE B 19 -12.70 -21.78 -42.63
N SER B 20 -13.29 -22.79 -42.00
CA SER B 20 -13.79 -23.96 -42.70
C SER B 20 -14.89 -24.61 -41.85
N TYR B 21 -15.38 -25.75 -42.32
CA TYR B 21 -16.46 -26.45 -41.63
C TYR B 21 -16.34 -27.94 -41.88
N LYS B 22 -16.83 -28.73 -40.93
CA LYS B 22 -16.99 -30.18 -41.10
C LYS B 22 -17.93 -30.68 -40.01
N LEU B 23 -19.03 -31.31 -40.41
CA LEU B 23 -20.01 -31.81 -39.45
C LEU B 23 -19.99 -33.34 -39.41
N GLU B 36 -31.08 -28.64 -20.20
CA GLU B 36 -29.89 -28.87 -19.39
C GLU B 36 -29.26 -30.23 -19.73
N LEU B 37 -30.09 -31.27 -19.74
CA LEU B 37 -29.60 -32.60 -20.09
C LEU B 37 -29.11 -32.63 -21.54
N LEU B 38 -29.85 -32.00 -22.46
CA LEU B 38 -29.40 -31.89 -23.84
C LEU B 38 -28.11 -31.06 -23.93
N ASN B 39 -28.04 -29.97 -23.17
CA ASN B 39 -26.83 -29.16 -23.15
C ASN B 39 -25.64 -29.93 -22.61
N LYS B 40 -25.84 -30.69 -21.52
CA LYS B 40 -24.76 -31.50 -20.97
C LYS B 40 -24.31 -32.57 -21.95
N GLN B 41 -25.27 -33.22 -22.62
CA GLN B 41 -24.92 -34.25 -23.58
C GLN B 41 -24.14 -33.67 -24.77
N LEU B 42 -24.56 -32.50 -25.24
CA LEU B 42 -23.83 -31.85 -26.34
C LEU B 42 -22.43 -31.46 -25.90
N GLN B 43 -22.28 -30.94 -24.68
CA GLN B 43 -20.96 -30.59 -24.17
C GLN B 43 -20.07 -31.82 -24.05
N LYS B 44 -20.64 -32.93 -23.57
CA LYS B 44 -19.89 -34.18 -23.47
C LYS B 44 -19.47 -34.68 -24.85
N ILE B 45 -20.36 -34.62 -25.82
CA ILE B 45 -20.03 -35.04 -27.18
C ILE B 45 -18.90 -34.19 -27.74
N ALA B 46 -18.99 -32.87 -27.56
CA ALA B 46 -17.96 -31.97 -28.05
C ALA B 46 -16.61 -32.23 -27.37
N GLU B 47 -16.64 -32.49 -26.06
CA GLU B 47 -15.41 -32.80 -25.35
C GLU B 47 -14.78 -34.08 -25.87
N GLU B 48 -15.60 -35.10 -26.12
CA GLU B 48 -15.06 -36.37 -26.59
C GLU B 48 -14.48 -36.26 -28.00
N VAL B 49 -15.15 -35.53 -28.90
CA VAL B 49 -14.60 -35.43 -30.25
C VAL B 49 -13.35 -34.55 -30.24
N SER B 50 -13.36 -33.47 -29.46
CA SER B 50 -12.19 -32.60 -29.38
C SER B 50 -10.99 -33.33 -28.76
N SER B 51 -11.25 -34.25 -27.84
CA SER B 51 -10.15 -35.00 -27.23
C SER B 51 -9.53 -35.99 -28.22
N VAL B 52 -10.36 -36.58 -29.09
CA VAL B 52 -9.85 -37.58 -30.02
C VAL B 52 -9.37 -37.00 -31.35
N THR B 53 -9.78 -35.77 -31.67
CA THR B 53 -9.31 -35.12 -32.89
C THR B 53 -8.24 -34.06 -32.62
N LYS B 54 -8.00 -33.72 -31.35
CA LYS B 54 -7.01 -32.71 -30.94
C LYS B 54 -7.27 -31.38 -31.65
N GLY B 55 -8.44 -30.80 -31.37
CA GLY B 55 -8.84 -29.56 -31.97
C GLY B 55 -9.99 -28.90 -31.26
N PRO B 56 -10.45 -27.76 -31.78
CA PRO B 56 -11.55 -27.02 -31.15
C PRO B 56 -12.92 -27.42 -31.67
N THR B 57 -13.88 -27.47 -30.75
CA THR B 57 -15.28 -27.72 -31.07
C THR B 57 -16.07 -26.42 -30.92
N ALA B 58 -16.89 -26.12 -31.92
CA ALA B 58 -17.58 -24.85 -32.05
C ALA B 58 -19.07 -25.08 -32.32
N VAL B 59 -19.70 -25.86 -31.44
CA VAL B 59 -21.06 -26.38 -31.56
C VAL B 59 -22.04 -25.35 -32.10
N LEU B 60 -22.77 -25.73 -33.15
CA LEU B 60 -23.59 -24.83 -33.94
C LEU B 60 -25.05 -25.28 -33.92
N LYS B 61 -25.97 -24.32 -33.83
CA LYS B 61 -27.39 -24.58 -33.89
C LYS B 61 -27.92 -24.13 -35.24
N ARG B 62 -28.53 -25.06 -35.98
CA ARG B 62 -29.09 -24.78 -37.29
C ARG B 62 -30.35 -25.62 -37.49
N ASN B 63 -31.43 -24.95 -37.91
CA ASN B 63 -32.70 -25.60 -38.24
C ASN B 63 -33.21 -26.46 -37.09
N GLN B 64 -33.17 -25.90 -35.88
CA GLN B 64 -33.58 -26.57 -34.65
C GLN B 64 -32.82 -27.88 -34.43
N ARG B 65 -31.56 -27.91 -34.86
CA ARG B 65 -30.70 -29.07 -34.68
C ARG B 65 -29.33 -28.58 -34.21
N PHE B 66 -28.59 -29.48 -33.57
CA PHE B 66 -27.29 -29.15 -33.01
C PHE B 66 -26.23 -30.03 -33.67
N PHE B 67 -25.14 -29.40 -34.12
CA PHE B 67 -24.03 -30.10 -34.73
C PHE B 67 -22.73 -29.65 -34.08
N VAL B 68 -21.70 -30.49 -34.19
CA VAL B 68 -20.38 -30.18 -33.66
C VAL B 68 -19.53 -29.66 -34.82
N ALA B 69 -18.98 -28.46 -34.65
CA ALA B 69 -18.19 -27.86 -35.71
C ALA B 69 -16.74 -28.33 -35.61
N VAL B 70 -16.15 -28.58 -36.77
CA VAL B 70 -14.82 -29.18 -36.92
C VAL B 70 -14.22 -28.57 -38.19
N PRO B 71 -12.96 -28.15 -38.20
CA PRO B 71 -12.39 -27.64 -39.44
C PRO B 71 -12.04 -28.73 -40.45
N ALA B 72 -12.15 -28.36 -41.74
CA ALA B 72 -12.24 -29.33 -42.82
C ALA B 72 -10.95 -30.12 -43.04
N ASP B 73 -9.81 -29.66 -42.50
CA ASP B 73 -8.57 -30.37 -42.73
C ASP B 73 -8.56 -31.74 -42.07
N LYS B 74 -9.09 -31.83 -40.86
CA LYS B 74 -9.02 -33.07 -40.08
C LYS B 74 -10.23 -33.94 -40.33
N GLN B 75 -9.99 -35.24 -40.45
CA GLN B 75 -11.02 -36.22 -40.76
C GLN B 75 -11.71 -36.71 -39.49
N MET B 76 -12.85 -37.38 -39.69
CA MET B 76 -13.74 -37.77 -38.60
C MET B 76 -14.41 -39.07 -38.99
N GLU B 77 -14.13 -40.14 -38.25
CA GLU B 77 -14.61 -41.46 -38.61
C GLU B 77 -15.93 -41.77 -37.92
N ASP B 78 -16.87 -42.33 -38.69
CA ASP B 78 -18.19 -42.65 -38.17
C ASP B 78 -18.10 -43.64 -37.01
N ARG B 79 -18.75 -43.30 -35.91
CA ARG B 79 -18.71 -44.16 -34.73
C ARG B 79 -19.92 -43.84 -33.86
N SER B 80 -19.90 -44.29 -32.61
CA SER B 80 -20.94 -43.99 -31.65
C SER B 80 -20.31 -43.56 -30.34
N ILE B 81 -20.98 -42.66 -29.64
CA ILE B 81 -20.56 -42.19 -28.32
C ILE B 81 -21.57 -42.67 -27.29
N ASP B 82 -21.07 -43.27 -26.21
CA ASP B 82 -21.92 -43.87 -25.18
C ASP B 82 -22.50 -42.77 -24.31
N GLY B 83 -23.62 -42.21 -24.75
CA GLY B 83 -24.35 -41.26 -23.93
C GLY B 83 -25.17 -41.95 -22.86
N ILE B 84 -25.65 -41.16 -21.90
CA ILE B 84 -26.45 -41.71 -20.80
C ILE B 84 -27.76 -42.34 -21.26
N PRO B 85 -28.57 -41.75 -22.20
CA PRO B 85 -29.79 -42.48 -22.60
C PRO B 85 -29.50 -43.58 -23.62
N PHE B 86 -28.56 -43.32 -24.53
CA PHE B 86 -28.19 -44.26 -25.58
C PHE B 86 -26.89 -43.79 -26.19
N SER B 87 -26.22 -44.69 -26.92
CA SER B 87 -24.98 -44.38 -27.61
C SER B 87 -25.33 -43.72 -28.94
N ILE B 88 -25.27 -42.39 -28.97
CA ILE B 88 -25.66 -41.66 -30.19
C ILE B 88 -24.62 -41.88 -31.27
N PRO B 89 -25.01 -42.22 -32.49
CA PRO B 89 -24.04 -42.29 -33.58
C PRO B 89 -23.62 -40.90 -34.04
N ILE B 90 -22.32 -40.76 -34.29
CA ILE B 90 -21.74 -39.52 -34.80
C ILE B 90 -21.07 -39.84 -36.14
N LYS B 91 -21.28 -38.94 -37.11
CA LYS B 91 -21.01 -39.21 -38.51
C LYS B 91 -20.46 -37.97 -39.19
N LEU B 92 -19.45 -38.17 -40.04
CA LEU B 92 -18.92 -37.07 -40.83
C LEU B 92 -19.92 -36.65 -41.90
N LEU B 93 -20.05 -35.33 -42.08
CA LEU B 93 -20.83 -34.77 -43.17
C LEU B 93 -19.87 -34.13 -44.17
N PRO B 94 -19.78 -34.66 -45.40
CA PRO B 94 -18.78 -34.14 -46.35
C PRO B 94 -19.03 -32.70 -46.78
N GLU B 95 -20.24 -32.17 -46.57
CA GLU B 95 -20.51 -30.79 -46.93
C GLU B 95 -19.66 -29.84 -46.10
N VAL B 96 -19.08 -28.84 -46.76
CA VAL B 96 -18.21 -27.87 -46.11
C VAL B 96 -18.77 -26.48 -46.36
N TYR B 97 -18.83 -25.67 -45.31
CA TYR B 97 -19.40 -24.33 -45.38
C TYR B 97 -18.31 -23.28 -45.38
N ARG B 98 -18.61 -22.15 -46.01
CA ARG B 98 -17.67 -21.05 -46.15
C ARG B 98 -18.16 -19.85 -45.36
N ILE B 99 -17.26 -19.24 -44.60
CA ILE B 99 -17.54 -18.02 -43.84
C ILE B 99 -16.64 -16.92 -44.38
N ASP B 100 -17.24 -15.81 -44.78
CA ASP B 100 -16.46 -14.67 -45.22
C ASP B 100 -15.96 -13.88 -44.02
N SER B 101 -15.12 -12.89 -44.30
CA SER B 101 -14.54 -12.08 -43.24
C SER B 101 -15.52 -11.05 -42.68
N LYS B 102 -16.64 -10.81 -43.34
CA LYS B 102 -17.57 -9.76 -42.93
C LYS B 102 -18.97 -10.30 -42.62
N ASP B 103 -19.08 -11.59 -42.27
CA ASP B 103 -20.37 -12.16 -41.87
C ASP B 103 -20.07 -13.23 -40.82
N ILE B 104 -20.15 -12.83 -39.55
CA ILE B 104 -19.76 -13.66 -38.43
C ILE B 104 -20.98 -13.83 -37.51
N GLN B 105 -22.16 -13.97 -38.11
CA GLN B 105 -23.44 -13.98 -37.40
C GLN B 105 -23.47 -14.96 -36.23
N GLY B 106 -24.41 -14.73 -35.30
CA GLY B 106 -24.33 -15.33 -33.98
C GLY B 106 -24.28 -16.85 -33.97
N HIS B 107 -24.87 -17.50 -34.96
CA HIS B 107 -24.77 -18.95 -35.04
C HIS B 107 -23.34 -19.38 -35.37
N GLN B 108 -22.58 -18.55 -36.07
CA GLN B 108 -21.18 -18.81 -36.37
C GLN B 108 -20.24 -18.22 -35.31
N LEU B 109 -20.77 -17.64 -34.24
CA LEU B 109 -19.92 -16.99 -33.25
C LEU B 109 -19.10 -18.00 -32.46
N ASP B 110 -19.60 -19.23 -32.29
CA ASP B 110 -18.79 -20.27 -31.66
C ASP B 110 -17.61 -20.65 -32.57
N VAL B 111 -17.80 -20.59 -33.89
CA VAL B 111 -16.71 -20.70 -34.85
C VAL B 111 -15.97 -19.36 -34.78
N VAL B 112 -14.79 -19.27 -35.40
CA VAL B 112 -13.88 -18.13 -35.32
C VAL B 112 -13.30 -18.02 -33.92
N TYR B 113 -14.17 -17.97 -32.90
CA TYR B 113 -13.70 -17.87 -31.53
C TYR B 113 -12.90 -19.10 -31.12
N LYS B 114 -13.46 -20.29 -31.33
CA LYS B 114 -12.81 -21.51 -30.88
C LYS B 114 -11.55 -21.81 -31.69
N PHE B 115 -11.59 -21.53 -33.00
CA PHE B 115 -10.40 -21.77 -33.84
C PHE B 115 -9.23 -20.92 -33.39
N LEU B 116 -9.46 -19.61 -33.24
CA LEU B 116 -8.40 -18.71 -32.78
C LEU B 116 -7.92 -19.08 -31.39
N ASP B 117 -8.86 -19.41 -30.50
CA ASP B 117 -8.48 -19.78 -29.15
C ASP B 117 -7.54 -20.97 -29.19
N TYR B 118 -7.95 -22.04 -29.87
CA TYR B 118 -7.13 -23.22 -29.95
C TYR B 118 -5.75 -22.91 -30.51
N GLU B 119 -5.71 -22.19 -31.63
CA GLU B 119 -4.43 -21.90 -32.26
C GLU B 119 -3.51 -21.14 -31.31
N ILE B 120 -4.03 -20.10 -30.66
CA ILE B 120 -3.21 -19.30 -29.76
C ILE B 120 -2.74 -20.13 -28.57
N ARG B 121 -3.63 -20.96 -28.00
CA ARG B 121 -3.22 -21.79 -26.88
C ARG B 121 -2.13 -22.76 -27.27
N ARG B 122 -2.26 -23.40 -28.43
CA ARG B 122 -1.25 -24.36 -28.87
C ARG B 122 0.10 -23.68 -29.07
N GLN B 123 0.11 -22.55 -29.79
CA GLN B 123 1.38 -21.89 -30.07
C GLN B 123 2.00 -21.29 -28.82
N LEU B 124 1.18 -20.87 -27.85
CA LEU B 124 1.74 -20.34 -26.60
C LEU B 124 2.27 -21.45 -25.71
N GLY B 125 1.59 -22.60 -25.67
CA GLY B 125 2.09 -23.73 -24.92
C GLY B 125 3.32 -24.38 -25.54
N GLN B 126 3.54 -24.18 -26.84
CA GLN B 126 4.74 -24.67 -27.48
C GLN B 126 5.92 -23.72 -27.34
N HIS B 127 5.91 -22.83 -26.36
CA HIS B 127 7.01 -21.90 -26.12
C HIS B 127 8.05 -22.50 -25.19
N ARG B 128 9.23 -21.89 -25.19
CA ARG B 128 10.34 -22.39 -24.37
C ARG B 128 10.19 -21.95 -22.92
N ASP B 129 10.25 -20.65 -22.68
CA ASP B 129 10.25 -20.11 -21.32
C ASP B 129 8.84 -19.79 -20.83
N LEU B 130 7.94 -20.75 -20.95
CA LEU B 130 6.56 -20.58 -20.54
C LEU B 130 5.97 -21.96 -20.27
N TRP B 131 4.86 -21.96 -19.54
CA TRP B 131 4.08 -23.18 -19.33
C TRP B 131 2.66 -22.76 -18.98
N LYS B 132 1.73 -23.67 -19.19
CA LYS B 132 0.32 -23.39 -18.96
C LYS B 132 -0.15 -23.97 -17.63
N LEU B 133 -0.98 -23.20 -16.93
CA LEU B 133 -1.59 -23.63 -15.68
C LEU B 133 -3.00 -24.15 -15.89
N ASN B 134 -3.77 -23.51 -16.75
CA ASN B 134 -5.10 -23.95 -17.12
C ASN B 134 -5.33 -23.54 -18.57
N THR B 135 -6.59 -23.47 -18.98
CA THR B 135 -6.90 -23.13 -20.36
C THR B 135 -6.39 -21.74 -20.74
N HIS B 136 -6.35 -20.79 -19.80
CA HIS B 136 -6.10 -19.41 -20.16
C HIS B 136 -5.06 -18.72 -19.27
N GLN B 137 -4.17 -19.46 -18.62
CA GLN B 137 -3.16 -18.86 -17.75
C GLN B 137 -1.79 -19.47 -18.05
N PHE B 138 -0.83 -18.62 -18.41
CA PHE B 138 0.51 -19.05 -18.77
C PHE B 138 1.53 -18.30 -17.94
N PHE B 139 2.45 -19.03 -17.31
CA PHE B 139 3.40 -18.45 -16.37
C PHE B 139 4.83 -18.75 -16.79
N LEU B 140 5.74 -17.89 -16.34
CA LEU B 140 7.16 -18.09 -16.57
C LEU B 140 7.67 -19.26 -15.73
N ARG B 141 8.76 -19.86 -16.19
CA ARG B 141 9.43 -20.92 -15.44
C ARG B 141 10.59 -20.41 -14.60
N GLU B 142 10.84 -19.11 -14.61
CA GLU B 142 11.89 -18.51 -13.79
C GLU B 142 11.27 -17.68 -12.69
N PRO B 143 11.33 -18.12 -11.42
CA PRO B 143 10.64 -17.39 -10.35
C PRO B 143 11.31 -16.07 -10.01
N MET B 144 10.68 -15.31 -9.11
CA MET B 144 11.22 -14.02 -8.71
C MET B 144 12.51 -14.19 -7.93
N LYS B 145 13.48 -13.33 -8.22
CA LYS B 145 14.78 -13.39 -7.56
C LYS B 145 14.72 -12.70 -6.20
N GLY B 146 15.64 -13.12 -5.32
CA GLY B 146 15.81 -12.46 -4.05
C GLY B 146 14.63 -12.54 -3.09
N ILE B 147 14.07 -13.73 -2.93
CA ILE B 147 13.03 -13.99 -1.95
C ILE B 147 13.64 -14.81 -0.81
N GLN B 148 13.63 -14.25 0.40
CA GLN B 148 14.30 -14.87 1.52
C GLN B 148 13.50 -15.99 2.18
N GLY B 149 12.24 -16.16 1.80
CA GLY B 149 11.40 -17.20 2.36
C GLY B 149 11.58 -18.52 1.64
N SER B 150 10.71 -19.47 1.98
CA SER B 150 10.68 -20.78 1.35
C SER B 150 9.55 -20.88 0.32
N ILE B 151 9.21 -19.76 -0.33
CA ILE B 151 8.12 -19.71 -1.29
C ILE B 151 8.62 -18.96 -2.53
N ASN B 152 8.51 -19.59 -3.69
CA ASN B 152 8.80 -18.94 -4.96
C ASN B 152 7.54 -18.28 -5.51
N VAL B 153 7.72 -17.08 -6.06
CA VAL B 153 6.65 -16.33 -6.70
C VAL B 153 6.89 -16.38 -8.20
N PHE B 154 5.90 -16.88 -8.94
CA PHE B 154 5.95 -16.99 -10.38
C PHE B 154 5.04 -15.94 -10.99
N GLU B 155 5.54 -15.23 -12.00
CA GLU B 155 4.80 -14.16 -12.65
C GLU B 155 4.43 -14.57 -14.06
N GLY B 156 3.15 -14.44 -14.41
CA GLY B 156 2.69 -14.76 -15.75
C GLY B 156 1.49 -13.94 -16.14
N PHE B 157 0.75 -14.39 -17.15
CA PHE B 157 -0.41 -13.65 -17.63
C PHE B 157 -1.60 -14.58 -17.80
N THR B 158 -2.78 -13.97 -17.83
CA THR B 158 -4.02 -14.62 -18.23
C THR B 158 -4.59 -13.85 -19.41
N TYR B 159 -4.98 -14.57 -20.45
CA TYR B 159 -5.50 -13.93 -21.65
C TYR B 159 -6.88 -14.47 -21.97
N LYS B 160 -7.60 -13.70 -22.80
CA LYS B 160 -8.93 -14.09 -23.24
C LYS B 160 -9.22 -13.42 -24.57
N LEU B 161 -10.10 -14.04 -25.35
CA LEU B 161 -10.53 -13.46 -26.61
C LEU B 161 -11.75 -12.58 -26.39
N ALA B 162 -11.86 -11.52 -27.18
CA ALA B 162 -12.93 -10.55 -27.03
C ALA B 162 -13.56 -10.25 -28.39
N ARG B 163 -14.85 -9.94 -28.36
CA ARG B 163 -15.68 -9.70 -29.53
C ARG B 163 -16.36 -8.34 -29.40
N LEU B 164 -15.55 -7.31 -29.16
CA LEU B 164 -16.06 -5.95 -29.00
C LEU B 164 -16.92 -5.55 -30.19
N ALA B 165 -17.96 -4.76 -29.91
CA ALA B 165 -19.01 -4.47 -30.87
C ALA B 165 -18.55 -3.66 -32.07
N ASP B 166 -17.32 -3.13 -32.04
CA ASP B 166 -16.80 -2.42 -33.20
C ASP B 166 -16.67 -3.30 -34.43
N GLY B 167 -16.59 -4.62 -34.24
CA GLY B 167 -16.48 -5.55 -35.34
C GLY B 167 -15.15 -6.27 -35.47
N HIS B 168 -14.28 -6.16 -34.47
CA HIS B 168 -12.97 -6.79 -34.51
C HIS B 168 -12.76 -7.65 -33.27
N PHE B 169 -11.97 -8.70 -33.42
CA PHE B 169 -11.58 -9.54 -32.31
C PHE B 169 -10.40 -8.91 -31.59
N TYR B 170 -10.31 -9.17 -30.29
CA TYR B 170 -9.26 -8.57 -29.47
C TYR B 170 -8.66 -9.62 -28.55
N VAL B 171 -7.42 -9.39 -28.15
CA VAL B 171 -6.76 -10.17 -27.12
C VAL B 171 -6.68 -9.33 -25.86
N THR B 172 -7.16 -9.88 -24.74
CA THR B 172 -7.11 -9.22 -23.45
C THR B 172 -6.11 -9.96 -22.58
N LEU B 173 -5.08 -9.26 -22.12
CA LEU B 173 -3.99 -9.85 -21.36
C LEU B 173 -3.85 -9.13 -20.03
N ASP B 174 -3.78 -9.89 -18.94
CA ASP B 174 -3.62 -9.30 -17.62
C ASP B 174 -2.56 -10.07 -16.83
N LEU B 175 -1.97 -9.39 -15.86
CA LEU B 175 -0.93 -9.99 -15.03
C LEU B 175 -1.53 -10.97 -14.02
N SER B 176 -0.70 -11.91 -13.59
CA SER B 176 -1.11 -12.87 -12.57
C SER B 176 0.12 -13.42 -11.88
N THR B 177 -0.04 -13.82 -10.64
CA THR B 177 1.04 -14.38 -9.85
C THR B 177 0.60 -15.69 -9.21
N LYS B 178 1.56 -16.59 -9.03
CA LYS B 178 1.34 -17.86 -8.37
C LYS B 178 2.40 -18.06 -7.30
N TYR B 179 2.03 -18.75 -6.23
CA TYR B 179 2.92 -19.00 -5.11
C TYR B 179 3.12 -20.51 -5.01
N ILE B 180 4.37 -20.95 -5.16
CA ILE B 180 4.71 -22.37 -5.16
C ILE B 180 5.93 -22.57 -4.27
N ASP B 181 5.90 -23.58 -3.42
CA ASP B 181 7.05 -23.85 -2.57
C ASP B 181 8.24 -24.30 -3.41
N LYS B 182 9.44 -24.11 -2.84
CA LYS B 182 10.67 -24.33 -3.60
C LYS B 182 10.88 -25.79 -3.97
N TYR B 183 10.47 -26.73 -3.10
CA TYR B 183 10.62 -28.14 -3.40
C TYR B 183 9.56 -28.91 -2.62
N CYS B 184 8.88 -29.84 -3.28
CA CYS B 184 7.79 -30.58 -2.65
C CYS B 184 7.90 -32.06 -2.98
N LEU B 185 7.34 -32.88 -2.10
CA LEU B 185 7.21 -34.32 -2.23
C LEU B 185 8.55 -35.04 -2.36
N SER B 186 9.67 -34.34 -2.15
CA SER B 186 10.98 -34.97 -2.13
C SER B 186 11.68 -34.78 -0.80
N HIS B 187 11.70 -33.55 -0.28
CA HIS B 187 12.28 -33.24 1.01
C HIS B 187 11.22 -33.12 2.10
N TYR B 188 9.96 -33.45 1.79
CA TYR B 188 8.87 -33.36 2.73
C TYR B 188 8.37 -34.72 3.19
N ILE B 189 8.22 -35.68 2.28
CA ILE B 189 7.75 -37.02 2.60
C ILE B 189 8.68 -38.03 1.93
N ASN B 190 9.18 -38.98 2.70
CA ASN B 190 9.98 -40.08 2.18
C ASN B 190 9.24 -41.40 2.44
N GLU B 191 9.92 -42.51 2.15
CA GLU B 191 9.29 -43.82 2.27
C GLU B 191 9.04 -44.23 3.72
N GLY B 192 9.68 -43.55 4.68
CA GLY B 192 9.51 -43.91 6.08
C GLY B 192 8.27 -43.34 6.75
N ASN B 193 7.59 -42.38 6.12
CA ASN B 193 6.41 -41.76 6.71
C ASN B 193 5.32 -41.61 5.67
N VAL B 194 5.08 -42.66 4.89
CA VAL B 194 4.07 -42.60 3.84
C VAL B 194 2.67 -42.42 4.43
N ARG B 195 2.36 -43.17 5.48
CA ARG B 195 1.04 -43.11 6.09
C ARG B 195 0.90 -41.99 7.12
N THR B 196 1.97 -41.25 7.40
CA THR B 196 1.91 -40.22 8.43
C THR B 196 1.22 -38.96 7.93
N PHE B 197 1.77 -38.33 6.88
CA PHE B 197 1.26 -37.07 6.36
C PHE B 197 0.56 -37.23 5.02
N GLU B 198 0.04 -38.42 4.74
CA GLU B 198 -0.67 -38.65 3.48
C GLU B 198 -1.93 -37.78 3.39
N ASN B 199 -2.67 -37.66 4.49
CA ASN B 199 -3.91 -36.90 4.50
C ASN B 199 -3.68 -35.40 4.35
N ASN B 200 -2.45 -34.92 4.48
CA ASN B 200 -2.14 -33.51 4.33
C ASN B 200 -1.81 -33.14 2.89
N TYR B 201 -1.90 -34.09 1.95
CA TYR B 201 -1.56 -33.83 0.56
C TYR B 201 -2.61 -34.30 -0.44
N LYS B 202 -3.56 -35.14 -0.05
CA LYS B 202 -4.54 -35.64 -1.00
C LYS B 202 -5.54 -34.54 -1.34
N GLY B 203 -5.93 -34.50 -2.61
CA GLY B 203 -6.88 -33.51 -3.10
C GLY B 203 -6.30 -32.16 -3.44
N ARG B 204 -4.99 -31.98 -3.32
CA ARG B 204 -4.36 -30.70 -3.60
C ARG B 204 -3.99 -30.62 -5.08
N ARG B 205 -3.42 -29.48 -5.47
CA ARG B 205 -3.01 -29.22 -6.85
C ARG B 205 -1.49 -29.12 -6.90
N PHE B 206 -0.88 -29.85 -7.83
CA PHE B 206 0.56 -29.93 -7.95
C PHE B 206 1.00 -29.52 -9.35
N LEU B 207 2.26 -29.09 -9.44
CA LEU B 207 2.91 -28.80 -10.71
C LEU B 207 3.89 -29.93 -11.01
N TYR B 208 3.80 -30.48 -12.22
CA TYR B 208 4.69 -31.54 -12.66
C TYR B 208 5.52 -31.02 -13.83
N LEU B 209 6.84 -31.18 -13.74
CA LEU B 209 7.74 -30.70 -14.77
C LEU B 209 7.82 -31.67 -15.94
N ASN B 210 8.18 -32.92 -15.66
CA ASN B 210 8.22 -34.00 -16.67
C ASN B 210 9.08 -33.63 -17.86
N GLY B 211 10.26 -33.07 -17.58
CA GLY B 211 11.19 -32.70 -18.64
C GLY B 211 10.97 -31.29 -19.15
N ASP B 212 10.29 -31.16 -20.27
CA ASP B 212 9.96 -29.85 -20.85
C ASP B 212 8.48 -29.72 -21.15
N ASN B 213 7.63 -30.51 -20.48
CA ASN B 213 6.18 -30.45 -20.64
C ASN B 213 5.58 -30.28 -19.25
N TRP B 214 5.48 -29.03 -18.81
CA TRP B 214 5.03 -28.73 -17.44
C TRP B 214 3.51 -28.60 -17.43
N TYR B 215 2.87 -29.29 -16.48
CA TYR B 215 1.41 -29.23 -16.39
C TYR B 215 0.98 -29.42 -14.95
N THR B 216 -0.23 -28.97 -14.65
CA THR B 216 -0.78 -29.10 -13.31
C THR B 216 -1.61 -30.38 -13.19
N ILE B 217 -1.64 -30.94 -11.99
CA ILE B 217 -2.25 -32.22 -11.72
C ILE B 217 -2.96 -32.18 -10.36
N GLU B 218 -3.82 -33.17 -10.12
CA GLU B 218 -4.49 -33.35 -8.85
C GLU B 218 -4.20 -34.76 -8.36
N LEU B 219 -3.59 -34.88 -7.18
CA LEU B 219 -3.11 -36.16 -6.71
C LEU B 219 -4.22 -36.95 -6.04
N LEU B 220 -4.37 -38.22 -6.43
CA LEU B 220 -5.37 -39.11 -5.88
C LEU B 220 -4.81 -40.00 -4.77
N GLY B 221 -3.55 -39.83 -4.41
CA GLY B 221 -2.94 -40.64 -3.36
C GLY B 221 -1.50 -40.97 -3.67
N PHE B 222 -0.86 -41.73 -2.78
CA PHE B 222 0.51 -42.15 -2.96
C PHE B 222 0.53 -43.61 -3.43
N GLY B 223 1.74 -44.14 -3.60
CA GLY B 223 1.91 -45.51 -4.05
C GLY B 223 3.21 -46.10 -3.57
N LYS B 224 3.77 -47.01 -4.36
CA LYS B 224 5.03 -47.67 -4.02
C LYS B 224 6.19 -46.82 -4.53
N SER B 225 7.40 -47.38 -4.49
CA SER B 225 8.59 -46.69 -4.95
C SER B 225 8.82 -46.95 -6.44
N VAL B 226 9.67 -46.12 -7.03
CA VAL B 226 9.88 -46.17 -8.49
C VAL B 226 10.55 -47.48 -8.89
N LYS B 227 11.47 -47.99 -8.07
CA LYS B 227 12.16 -49.23 -8.40
C LYS B 227 11.26 -50.45 -8.28
N GLU B 228 10.07 -50.31 -7.70
CA GLU B 228 9.11 -51.41 -7.59
C GLU B 228 7.84 -51.16 -8.39
N GLN B 229 7.34 -49.94 -8.43
CA GLN B 229 6.12 -49.65 -9.18
C GLN B 229 6.40 -49.66 -10.68
N ASP B 230 5.60 -50.41 -11.42
CA ASP B 230 5.74 -50.50 -12.87
C ASP B 230 4.40 -50.31 -13.56
N VAL B 240 8.18 -47.07 -12.59
CA VAL B 240 8.15 -46.89 -14.03
C VAL B 240 9.45 -46.26 -14.52
N LEU B 241 10.57 -46.89 -14.18
CA LEU B 241 11.87 -46.40 -14.63
C LEU B 241 12.01 -46.57 -16.14
N ASN B 242 13.05 -45.94 -16.69
CA ASN B 242 13.37 -45.91 -18.12
C ASN B 242 12.32 -45.13 -18.92
N TYR B 243 11.27 -44.65 -18.25
CA TYR B 243 10.28 -43.78 -18.86
C TYR B 243 10.62 -42.32 -18.62
N ILE B 244 10.67 -41.93 -17.34
CA ILE B 244 11.04 -40.56 -16.98
C ILE B 244 12.47 -40.26 -17.42
N THR B 245 13.36 -41.28 -17.34
CA THR B 245 14.70 -41.11 -17.85
C THR B 245 14.71 -40.76 -19.33
N GLU B 246 13.70 -41.21 -20.08
CA GLU B 246 13.58 -40.78 -21.47
C GLU B 246 13.25 -39.28 -21.55
N LYS B 247 12.37 -38.80 -20.68
CA LYS B 247 11.97 -37.41 -20.73
C LYS B 247 13.05 -36.48 -20.20
N ILE B 248 13.75 -36.89 -19.13
CA ILE B 248 14.81 -36.05 -18.59
C ILE B 248 16.08 -36.10 -19.43
N GLU B 249 16.19 -37.08 -20.34
CA GLU B 249 17.34 -37.12 -21.24
C GLU B 249 17.28 -35.98 -22.25
N HIS B 250 16.12 -35.77 -22.86
CA HIS B 250 15.92 -34.67 -23.80
C HIS B 250 15.27 -33.49 -23.09
N SER B 251 15.95 -33.00 -22.06
CA SER B 251 15.45 -31.91 -21.23
C SER B 251 16.48 -30.80 -21.15
N ARG B 252 16.01 -29.55 -21.23
CA ARG B 252 16.89 -28.40 -21.05
C ARG B 252 17.28 -28.17 -19.59
N THR B 253 16.65 -28.87 -18.66
CA THR B 253 16.99 -28.80 -17.25
C THR B 253 17.55 -30.16 -16.81
N ASP B 254 18.65 -30.14 -16.07
CA ASP B 254 19.32 -31.36 -15.63
C ASP B 254 18.55 -31.95 -14.45
N LEU B 255 17.55 -32.75 -14.78
CA LEU B 255 16.76 -33.46 -13.78
C LEU B 255 17.34 -34.82 -13.43
N LYS B 256 18.51 -35.16 -13.99
CA LYS B 256 19.16 -36.42 -13.64
C LYS B 256 19.51 -36.47 -12.16
N ARG B 257 20.03 -35.36 -11.63
CA ARG B 257 20.32 -35.29 -10.20
C ARG B 257 19.05 -35.28 -9.37
N TYR B 258 17.98 -34.66 -9.87
CA TYR B 258 16.73 -34.61 -9.13
C TYR B 258 16.14 -36.00 -8.93
N VAL B 259 16.15 -36.82 -9.98
CA VAL B 259 15.51 -38.13 -9.92
C VAL B 259 16.48 -39.13 -9.30
N LYS B 260 16.04 -39.79 -8.23
CA LYS B 260 16.77 -40.87 -7.60
C LYS B 260 15.84 -42.05 -7.38
N PRO B 261 16.36 -43.29 -7.42
CA PRO B 261 15.52 -44.48 -7.25
C PRO B 261 15.16 -44.77 -5.79
N ASN B 262 14.72 -43.73 -5.08
CA ASN B 262 14.29 -43.88 -3.70
C ASN B 262 12.93 -43.22 -3.50
N ASP B 263 12.65 -42.18 -4.28
CA ASP B 263 11.37 -41.48 -4.18
C ASP B 263 10.23 -42.38 -4.62
N LEU B 264 9.14 -42.34 -3.87
CA LEU B 264 8.00 -43.19 -4.15
C LEU B 264 7.17 -42.63 -5.31
N SER B 265 6.33 -43.49 -5.87
CA SER B 265 5.54 -43.14 -7.05
C SER B 265 4.15 -42.65 -6.63
N MET B 266 3.76 -41.48 -7.13
CA MET B 266 2.49 -40.87 -6.78
C MET B 266 1.51 -40.97 -7.95
N SER B 267 0.23 -40.99 -7.62
CA SER B 267 -0.84 -41.15 -8.61
C SER B 267 -1.57 -39.83 -8.79
N TYR B 268 -1.73 -39.42 -10.05
CA TYR B 268 -2.31 -38.13 -10.37
C TYR B 268 -3.40 -38.27 -11.41
N THR B 269 -4.26 -37.25 -11.47
CA THR B 269 -5.26 -37.08 -12.51
C THR B 269 -5.22 -35.64 -12.98
N TYR B 270 -5.98 -35.35 -14.00
CA TYR B 270 -5.94 -33.96 -14.45
C TYR B 270 -6.94 -33.12 -13.68
N PRO B 271 -6.65 -31.83 -13.48
CA PRO B 271 -7.57 -30.98 -12.70
C PRO B 271 -8.91 -30.75 -13.37
N GLY B 272 -9.03 -30.99 -14.67
CA GLY B 272 -10.28 -30.76 -15.38
C GLY B 272 -11.41 -31.66 -14.92
N ARG B 273 -11.29 -32.95 -15.19
CA ARG B 273 -12.32 -33.93 -14.87
C ARG B 273 -11.61 -35.24 -14.52
N THR B 274 -12.33 -36.35 -14.59
CA THR B 274 -11.83 -37.65 -14.17
C THR B 274 -11.35 -38.48 -15.35
N MET B 275 -10.25 -39.19 -15.15
CA MET B 275 -9.79 -40.22 -16.09
C MET B 275 -9.09 -41.31 -15.28
N ASP B 276 -8.31 -42.15 -15.97
CA ASP B 276 -7.60 -43.23 -15.30
C ASP B 276 -6.49 -42.66 -14.40
N PRO B 277 -6.22 -43.34 -13.27
CA PRO B 277 -5.20 -42.83 -12.34
C PRO B 277 -3.78 -43.09 -12.81
N HIS B 278 -3.23 -42.17 -13.60
CA HIS B 278 -1.83 -42.26 -14.04
C HIS B 278 -0.89 -42.25 -12.84
N SER B 279 0.37 -42.58 -13.10
CA SER B 279 1.38 -42.67 -12.06
C SER B 279 2.64 -41.93 -12.46
N GLY B 280 3.36 -41.44 -11.45
CA GLY B 280 4.60 -40.71 -11.68
C GLY B 280 5.39 -40.60 -10.40
N ALA B 281 6.63 -40.14 -10.54
CA ALA B 281 7.52 -39.99 -9.40
C ALA B 281 7.16 -38.75 -8.58
N THR B 282 7.68 -38.72 -7.35
CA THR B 282 7.41 -37.63 -6.42
C THR B 282 8.46 -36.53 -6.46
N SER B 283 9.54 -36.70 -7.22
CA SER B 283 10.63 -35.72 -7.18
C SER B 283 10.26 -34.44 -7.92
N LEU B 284 9.63 -34.56 -9.09
CA LEU B 284 9.39 -33.40 -9.94
C LEU B 284 8.16 -32.60 -9.54
N ALA B 285 7.38 -33.07 -8.58
CA ALA B 285 6.10 -32.45 -8.26
C ALA B 285 6.27 -31.38 -7.20
N ARG B 286 5.94 -30.14 -7.55
CA ARG B 286 5.87 -29.04 -6.60
C ARG B 286 4.40 -28.81 -6.21
N MET B 287 4.20 -28.08 -5.11
CA MET B 287 2.87 -27.88 -4.58
C MET B 287 2.48 -26.41 -4.66
N LEU B 288 1.25 -26.16 -5.11
CA LEU B 288 0.71 -24.82 -5.26
C LEU B 288 -0.06 -24.43 -4.00
N TYR B 289 -0.28 -23.12 -3.86
CA TYR B 289 -1.03 -22.58 -2.73
C TYR B 289 -2.16 -21.71 -3.24
N ASN B 290 -3.38 -22.01 -2.81
CA ASN B 290 -4.46 -21.04 -2.95
C ASN B 290 -4.18 -19.86 -2.02
N THR B 291 -4.69 -18.68 -2.40
CA THR B 291 -4.27 -17.47 -1.72
C THR B 291 -5.02 -17.25 -0.41
N LYS B 292 -5.12 -18.29 0.42
CA LYS B 292 -5.58 -18.19 1.79
C LYS B 292 -4.65 -18.89 2.77
N ASP B 293 -4.05 -20.01 2.38
CA ASP B 293 -3.15 -20.76 3.25
C ASP B 293 -1.80 -20.05 3.28
N GLU B 294 -1.46 -19.50 4.45
CA GLU B 294 -0.20 -18.80 4.68
C GLU B 294 -0.02 -17.61 3.74
N ARG B 295 1.15 -16.97 3.80
CA ARG B 295 1.58 -15.88 2.92
C ARG B 295 0.75 -14.61 3.07
N VAL B 296 -0.29 -14.61 3.90
CA VAL B 296 -1.10 -13.42 4.10
C VAL B 296 -0.33 -12.46 5.01
N LYS B 297 -0.17 -11.22 4.55
CA LYS B 297 0.55 -10.13 5.20
C LYS B 297 2.06 -10.37 5.25
N SER B 298 2.54 -11.54 4.84
CA SER B 298 3.95 -11.77 4.58
C SER B 298 4.26 -11.81 3.10
N LEU B 299 3.25 -11.96 2.27
CA LEU B 299 3.35 -11.92 0.82
C LEU B 299 2.13 -11.14 0.34
N HIS B 300 1.80 -11.29 -0.95
CA HIS B 300 0.64 -10.67 -1.58
C HIS B 300 0.87 -9.18 -1.80
N TYR B 301 1.96 -8.64 -1.27
CA TYR B 301 2.30 -7.24 -1.52
C TYR B 301 3.23 -7.07 -2.68
N LEU B 302 3.80 -8.17 -3.20
CA LEU B 302 4.64 -8.09 -4.39
C LEU B 302 3.82 -8.03 -5.67
N SER B 303 2.58 -8.54 -5.63
CA SER B 303 1.71 -8.56 -6.79
C SER B 303 0.83 -7.32 -6.91
N ILE B 304 0.93 -6.38 -5.97
CA ILE B 304 0.18 -5.14 -6.03
C ILE B 304 0.98 -4.14 -6.85
N LYS B 305 0.50 -3.83 -8.05
CA LYS B 305 1.21 -2.97 -8.98
C LYS B 305 0.32 -1.80 -9.39
N GLY B 306 0.91 -0.63 -9.50
CA GLY B 306 0.19 0.54 -9.92
C GLY B 306 -0.15 0.48 -11.40
N PRO B 307 -0.80 1.54 -11.89
CA PRO B 307 -1.19 1.54 -13.32
C PRO B 307 -0.02 1.48 -14.28
N SER B 308 0.98 2.34 -14.10
CA SER B 308 2.07 2.42 -15.06
C SER B 308 2.90 1.15 -15.10
N LYS B 309 3.25 0.62 -13.93
CA LYS B 309 4.07 -0.59 -13.86
C LYS B 309 3.34 -1.78 -14.47
N ARG B 310 2.06 -1.94 -14.13
CA ARG B 310 1.28 -3.06 -14.66
C ARG B 310 1.11 -2.96 -16.16
N PHE B 311 0.80 -1.77 -16.67
CA PHE B 311 0.62 -1.63 -18.11
C PHE B 311 1.93 -1.83 -18.87
N GLU B 312 3.05 -1.39 -18.29
CA GLU B 312 4.34 -1.65 -18.90
C GLU B 312 4.64 -3.14 -18.96
N ALA B 313 4.34 -3.87 -17.88
CA ALA B 313 4.56 -5.32 -17.90
C ALA B 313 3.67 -6.01 -18.92
N ILE B 314 2.41 -5.56 -19.04
CA ILE B 314 1.50 -6.13 -20.02
C ILE B 314 2.01 -5.89 -21.44
N ASN B 315 2.47 -4.68 -21.71
CA ASN B 315 3.01 -4.37 -23.04
C ASN B 315 4.24 -5.21 -23.34
N ASN B 316 5.11 -5.40 -22.35
CA ASN B 316 6.29 -6.23 -22.54
C ASN B 316 5.91 -7.67 -22.84
N TYR B 317 4.91 -8.21 -22.12
CA TYR B 317 4.47 -9.58 -22.39
C TYR B 317 3.91 -9.73 -23.79
N ILE B 318 3.09 -8.77 -24.22
CA ILE B 318 2.48 -8.84 -25.55
C ILE B 318 3.56 -8.75 -26.63
N SER B 319 4.53 -7.85 -26.46
CA SER B 319 5.59 -7.74 -27.45
C SER B 319 6.52 -8.93 -27.44
N SER B 320 6.66 -9.60 -26.28
CA SER B 320 7.61 -10.70 -26.17
C SER B 320 7.06 -12.03 -26.67
N TYR B 321 5.78 -12.31 -26.43
CA TYR B 321 5.24 -13.61 -26.80
C TYR B 321 4.13 -13.57 -27.85
N PHE B 322 3.36 -12.49 -27.93
CA PHE B 322 2.30 -12.40 -28.91
C PHE B 322 2.76 -11.71 -30.19
N LYS B 323 3.86 -12.18 -30.75
CA LYS B 323 4.39 -11.69 -32.01
C LYS B 323 4.69 -12.88 -32.90
N ASN B 324 4.78 -12.60 -34.20
CA ASN B 324 4.95 -13.55 -35.30
C ASN B 324 4.14 -14.83 -35.13
N LEU B 325 2.91 -14.70 -34.63
CA LEU B 325 2.02 -15.84 -34.50
C LEU B 325 1.59 -16.33 -35.87
N LYS B 326 1.42 -17.64 -35.99
CA LYS B 326 1.08 -18.28 -37.26
C LYS B 326 -0.31 -18.91 -37.16
N PHE B 327 -1.12 -18.69 -38.18
CA PHE B 327 -2.39 -19.40 -38.31
C PHE B 327 -2.13 -20.76 -38.97
N ASN B 328 -3.19 -21.41 -39.43
CA ASN B 328 -3.03 -22.71 -40.08
C ASN B 328 -2.16 -22.61 -41.33
N ALA B 329 -2.38 -21.59 -42.14
CA ALA B 329 -1.57 -21.38 -43.34
C ALA B 329 -1.12 -19.92 -43.43
N GLY B 330 -1.88 -19.01 -42.84
CA GLY B 330 -1.60 -17.59 -42.93
C GLY B 330 -0.77 -17.09 -41.76
N LYS B 331 -0.88 -15.78 -41.52
CA LYS B 331 -0.17 -15.11 -40.45
C LYS B 331 -1.15 -14.40 -39.54
N LEU B 332 -0.89 -14.45 -38.23
CA LEU B 332 -1.69 -13.73 -37.25
C LEU B 332 -0.99 -12.42 -36.93
N LEU B 333 -1.60 -11.31 -37.35
CA LEU B 333 -1.02 -9.99 -37.15
C LEU B 333 -1.68 -9.34 -35.94
N ILE B 334 -1.18 -9.69 -34.76
CA ILE B 334 -1.59 -9.02 -33.53
C ILE B 334 -0.79 -7.74 -33.38
N SER B 335 -1.49 -6.63 -33.22
CA SER B 335 -0.85 -5.33 -33.24
C SER B 335 -0.29 -4.97 -31.85
N ASN B 336 0.30 -3.79 -31.77
CA ASN B 336 0.76 -3.18 -30.53
C ASN B 336 -0.05 -1.91 -30.32
N GLU B 337 0.39 -1.09 -29.35
CA GLU B 337 -0.30 0.16 -29.01
C GLU B 337 -1.75 -0.11 -28.67
N PRO B 338 -2.04 -0.59 -27.45
CA PRO B 338 -3.38 -1.07 -27.12
C PRO B 338 -4.45 0.01 -27.30
N LEU B 339 -5.70 -0.46 -27.28
CA LEU B 339 -6.82 0.38 -27.68
C LEU B 339 -6.92 1.64 -26.83
N VAL B 340 -7.14 2.76 -27.49
CA VAL B 340 -7.29 4.06 -26.84
C VAL B 340 -8.68 4.57 -27.17
N GLU B 341 -9.50 4.75 -26.14
CA GLU B 341 -10.87 5.21 -26.34
C GLU B 341 -11.21 6.36 -25.40
N LYS B 342 -12.47 6.75 -25.35
CA LYS B 342 -12.96 7.77 -24.44
C LYS B 342 -14.05 7.13 -23.59
N ILE B 343 -13.68 6.74 -22.37
CA ILE B 343 -14.59 6.01 -21.49
C ILE B 343 -15.52 7.01 -20.80
N LYS B 344 -16.82 6.75 -20.89
CA LYS B 344 -17.81 7.55 -20.19
C LYS B 344 -18.01 7.02 -18.77
N ASN B 345 -18.64 7.83 -17.94
CA ASN B 345 -18.87 7.45 -16.55
C ASN B 345 -20.24 7.92 -16.10
N PHE B 346 -20.76 7.26 -15.07
CA PHE B 346 -21.92 7.75 -14.37
C PHE B 346 -21.51 8.83 -13.37
N TRP B 347 -22.50 9.55 -12.86
CA TRP B 347 -22.23 10.57 -11.84
C TRP B 347 -22.55 10.04 -10.46
N ILE B 348 -21.89 10.63 -9.47
CA ILE B 348 -22.09 10.20 -8.07
C ILE B 348 -23.48 10.61 -7.62
N PRO B 349 -24.28 9.68 -7.10
CA PRO B 349 -25.63 10.05 -6.64
C PRO B 349 -25.57 10.90 -5.38
N GLU B 350 -26.68 11.59 -5.12
CA GLU B 350 -26.81 12.45 -3.95
C GLU B 350 -27.35 11.64 -2.78
N LEU B 351 -26.68 11.75 -1.64
CA LEU B 351 -27.03 10.98 -0.45
C LEU B 351 -27.87 11.82 0.51
N LEU B 352 -28.63 11.12 1.34
CA LEU B 352 -29.54 11.74 2.30
C LEU B 352 -29.21 11.24 3.70
N PHE B 353 -29.08 12.18 4.64
CA PHE B 353 -28.71 11.87 6.01
C PHE B 353 -29.84 12.31 6.95
N ASN B 354 -29.57 12.22 8.25
CA ASN B 354 -30.54 12.64 9.25
C ASN B 354 -30.73 14.14 9.22
N ASN B 355 -31.97 14.57 9.45
CA ASN B 355 -32.39 15.98 9.36
C ASN B 355 -31.98 16.59 8.02
N ASN B 356 -32.47 15.96 6.95
CA ASN B 356 -32.07 16.27 5.59
C ASN B 356 -30.56 16.16 5.43
N ARG B 357 -29.87 17.30 5.35
CA ARG B 357 -28.41 17.38 5.30
C ARG B 357 -27.86 16.55 4.12
N ARG B 358 -28.20 17.03 2.93
CA ARG B 358 -27.79 16.35 1.70
C ARG B 358 -26.29 16.47 1.48
N LEU B 359 -25.73 15.46 0.80
CA LEU B 359 -24.34 15.46 0.37
C LEU B 359 -24.34 15.20 -1.14
N LYS B 360 -24.13 16.24 -1.92
CA LYS B 360 -24.17 16.12 -3.37
C LYS B 360 -22.89 16.69 -3.98
N ILE B 361 -22.55 16.19 -5.16
CA ILE B 361 -21.31 16.56 -5.86
C ILE B 361 -21.69 17.32 -7.11
N THR B 362 -21.16 18.53 -7.25
CA THR B 362 -21.51 19.41 -8.36
C THR B 362 -20.57 19.29 -9.55
N GLY B 363 -19.34 18.85 -9.33
CA GLY B 363 -18.38 18.73 -10.41
C GLY B 363 -17.04 18.21 -9.94
N PHE B 364 -15.98 18.52 -10.69
CA PHE B 364 -14.62 18.13 -10.30
C PHE B 364 -13.98 19.26 -9.50
N ASN B 365 -14.45 19.41 -8.27
CA ASN B 365 -14.00 20.48 -7.39
C ASN B 365 -13.50 19.93 -6.06
N SER B 366 -13.28 20.82 -5.09
CA SER B 366 -12.79 20.38 -3.79
C SER B 366 -13.83 19.54 -3.05
N GLY B 367 -15.12 19.74 -3.33
CA GLY B 367 -16.14 18.93 -2.68
C GLY B 367 -16.04 17.46 -3.05
N MET B 368 -15.64 17.17 -4.28
CA MET B 368 -15.44 15.79 -4.68
C MET B 368 -14.23 15.16 -3.99
N ARG B 369 -13.25 15.99 -3.61
CA ARG B 369 -12.03 15.46 -3.01
C ARG B 369 -12.28 14.83 -1.65
N ASP B 370 -13.12 15.46 -0.83
CA ASP B 370 -13.39 15.00 0.54
C ASP B 370 -14.68 14.22 0.65
N PHE B 371 -15.03 13.42 -0.36
CA PHE B 371 -16.32 12.74 -0.37
C PHE B 371 -16.45 11.76 0.79
N ALA B 372 -15.47 10.86 0.94
CA ALA B 372 -15.54 9.85 1.99
C ALA B 372 -15.45 10.47 3.38
N TYR B 373 -14.56 11.46 3.55
CA TYR B 373 -14.43 12.11 4.84
C TYR B 373 -15.72 12.84 5.22
N GLN B 374 -16.35 13.52 4.26
CA GLN B 374 -17.60 14.20 4.55
C GLN B 374 -18.72 13.23 4.83
N ARG B 375 -18.72 12.07 4.16
CA ARG B 375 -19.67 11.02 4.49
C ARG B 375 -19.55 10.61 5.96
N LYS B 376 -18.33 10.30 6.39
CA LYS B 376 -18.12 9.89 7.77
C LYS B 376 -18.46 11.01 8.74
N GLN B 377 -18.10 12.25 8.41
CA GLN B 377 -18.37 13.37 9.30
C GLN B 377 -19.86 13.62 9.45
N LEU B 378 -20.62 13.52 8.36
CA LEU B 378 -22.06 13.71 8.44
C LEU B 378 -22.71 12.61 9.27
N ILE B 379 -22.26 11.36 9.11
CA ILE B 379 -22.80 10.29 9.93
C ILE B 379 -22.49 10.53 11.41
N LYS B 380 -21.26 10.97 11.70
CA LYS B 380 -20.87 11.23 13.08
C LYS B 380 -21.68 12.36 13.69
N ASN B 381 -21.88 13.45 12.95
CA ASN B 381 -22.56 14.62 13.50
C ASN B 381 -24.05 14.37 13.67
N ASN B 382 -24.71 13.80 12.65
CA ASN B 382 -26.17 13.74 12.64
C ASN B 382 -26.71 12.39 13.08
N GLY B 383 -25.87 11.41 13.37
CA GLY B 383 -26.38 10.11 13.76
C GLY B 383 -26.95 9.35 12.58
N VAL B 384 -27.60 8.24 12.89
CA VAL B 384 -28.16 7.37 11.87
C VAL B 384 -29.51 7.89 11.42
N LEU B 385 -29.88 7.57 10.17
CA LEU B 385 -31.14 8.03 9.62
C LEU B 385 -32.32 7.24 10.15
N ASN B 386 -32.14 5.94 10.38
CA ASN B 386 -33.22 5.09 10.86
C ASN B 386 -33.40 5.33 12.36
N ARG B 387 -34.55 5.90 12.73
CA ARG B 387 -34.80 6.35 14.09
C ARG B 387 -35.91 5.56 14.76
N THR B 388 -35.95 4.25 14.53
CA THR B 388 -36.92 3.40 15.18
C THR B 388 -36.41 2.97 16.56
N SER B 389 -37.22 2.20 17.27
CA SER B 389 -36.87 1.78 18.62
C SER B 389 -35.78 0.70 18.58
N PHE B 390 -35.28 0.35 19.76
CA PHE B 390 -34.23 -0.63 19.93
C PHE B 390 -34.77 -1.87 20.64
N ASP B 391 -33.87 -2.81 20.95
CA ASP B 391 -34.23 -4.00 21.69
C ASP B 391 -33.29 -4.20 22.88
N VAL B 392 -33.38 -5.34 23.55
CA VAL B 392 -32.55 -5.60 24.71
C VAL B 392 -31.13 -5.93 24.26
N GLN B 393 -30.15 -5.25 24.87
CA GLN B 393 -28.75 -5.40 24.51
C GLN B 393 -27.97 -5.95 25.68
N TYR B 394 -26.89 -6.68 25.38
CA TYR B 394 -26.03 -7.27 26.38
C TYR B 394 -24.58 -6.91 26.07
N LEU B 395 -23.71 -7.13 27.07
CA LEU B 395 -22.31 -6.77 27.02
C LEU B 395 -21.45 -7.92 27.54
N LEU B 396 -21.64 -9.11 26.96
CA LEU B 396 -20.90 -10.32 27.34
C LEU B 396 -19.41 -10.08 27.52
N VAL B 397 -18.93 -10.24 28.75
CA VAL B 397 -17.57 -9.82 29.13
C VAL B 397 -17.03 -10.79 30.17
N PRO B 398 -15.72 -11.03 30.15
CA PRO B 398 -15.10 -11.88 31.17
C PRO B 398 -15.39 -11.41 32.60
N ASP B 399 -15.08 -12.29 33.55
CA ASP B 399 -15.50 -12.15 34.94
C ASP B 399 -14.66 -11.14 35.71
N GLU B 400 -14.75 -11.16 37.04
CA GLU B 400 -14.01 -10.22 37.86
C GLU B 400 -12.54 -10.61 38.02
N GLN B 401 -12.22 -11.89 38.01
CA GLN B 401 -10.82 -12.30 38.16
C GLN B 401 -10.02 -12.09 36.90
N TYR B 402 -10.64 -12.23 35.73
CA TYR B 402 -10.00 -12.04 34.44
C TYR B 402 -10.55 -10.76 33.81
N MET B 403 -9.67 -9.83 33.41
CA MET B 403 -10.10 -8.55 32.80
C MET B 403 -10.64 -7.57 33.84
N ASP B 404 -10.78 -8.00 35.07
CA ASP B 404 -11.26 -7.17 36.18
C ASP B 404 -12.60 -6.52 35.86
N ALA B 405 -12.89 -5.39 36.51
CA ALA B 405 -14.21 -4.77 36.41
C ALA B 405 -14.14 -3.28 36.09
N ASN B 406 -13.08 -2.60 36.53
CA ASN B 406 -13.01 -1.16 36.32
C ASN B 406 -12.80 -0.81 34.85
N LEU B 407 -11.94 -1.56 34.15
CA LEU B 407 -11.78 -1.38 32.72
C LEU B 407 -13.08 -1.64 31.99
N VAL B 408 -13.80 -2.69 32.42
CA VAL B 408 -15.09 -3.01 31.80
C VAL B 408 -16.06 -1.86 31.98
N GLU B 409 -16.11 -1.29 33.19
CA GLU B 409 -17.04 -0.19 33.45
C GLU B 409 -16.68 1.05 32.63
N GLY B 410 -15.39 1.37 32.52
CA GLY B 410 -14.99 2.51 31.71
C GLY B 410 -15.30 2.33 30.24
N PHE B 411 -15.01 1.12 29.71
CA PHE B 411 -15.32 0.83 28.33
C PHE B 411 -16.82 0.89 28.06
N LYS B 412 -17.62 0.35 28.99
CA LYS B 412 -19.07 0.40 28.85
C LYS B 412 -19.58 1.83 28.88
N ASN B 413 -19.02 2.67 29.77
CA ASN B 413 -19.44 4.06 29.83
C ASN B 413 -19.15 4.78 28.52
N ASN B 414 -17.94 4.59 27.97
CA ASN B 414 -17.58 5.26 26.72
C ASN B 414 -18.45 4.77 25.56
N ALA B 415 -18.67 3.45 25.47
CA ALA B 415 -19.49 2.91 24.39
C ALA B 415 -20.93 3.38 24.50
N GLU B 416 -21.48 3.41 25.71
CA GLU B 416 -22.85 3.88 25.90
C GLU B 416 -22.97 5.35 25.53
N PHE B 417 -21.98 6.16 25.90
CA PHE B 417 -22.01 7.57 25.52
C PHE B 417 -22.00 7.74 24.02
N LEU B 418 -21.14 6.99 23.32
CA LEU B 418 -21.08 7.11 21.87
C LEU B 418 -22.37 6.65 21.21
N ILE B 419 -22.93 5.52 21.65
CA ILE B 419 -24.16 5.02 21.04
C ILE B 419 -25.32 5.98 21.28
N LYS B 420 -25.45 6.48 22.52
CA LYS B 420 -26.52 7.42 22.81
C LYS B 420 -26.35 8.72 22.05
N LYS B 421 -25.10 9.11 21.74
CA LYS B 421 -24.89 10.24 20.86
C LYS B 421 -25.32 9.92 19.44
N LEU B 422 -25.13 8.67 19.00
CA LEU B 422 -25.50 8.30 17.64
C LEU B 422 -26.99 8.01 17.52
N ALA B 423 -27.49 7.02 18.25
CA ALA B 423 -28.90 6.64 18.19
C ALA B 423 -29.58 7.01 19.50
N PRO B 424 -30.35 8.10 19.54
CA PRO B 424 -30.92 8.57 20.81
C PRO B 424 -32.01 7.68 21.39
N ALA B 425 -32.35 6.56 20.75
CA ALA B 425 -33.33 5.63 21.27
C ALA B 425 -32.71 4.52 22.10
N PHE B 426 -31.40 4.58 22.33
CA PHE B 426 -30.73 3.55 23.11
C PHE B 426 -31.10 3.66 24.58
N ASP B 427 -31.40 2.51 25.20
CA ASP B 427 -31.85 2.45 26.58
C ASP B 427 -30.70 2.19 27.55
N LYS B 428 -30.07 1.03 27.44
CA LYS B 428 -29.09 0.59 28.43
C LYS B 428 -28.26 -0.53 27.82
N PHE B 429 -27.25 -0.96 28.57
CA PHE B 429 -26.24 -1.87 28.04
C PHE B 429 -25.94 -2.97 29.04
N ILE B 430 -26.99 -3.67 29.49
CA ILE B 430 -26.96 -4.67 30.56
C ILE B 430 -25.75 -5.60 30.47
N ILE B 431 -25.00 -5.74 31.57
CA ILE B 431 -23.74 -6.46 31.60
C ILE B 431 -24.00 -7.92 31.94
N ILE B 432 -23.25 -8.82 31.32
CA ILE B 432 -23.28 -10.25 31.62
C ILE B 432 -21.85 -10.75 31.74
N ARG B 433 -21.56 -11.47 32.81
CA ARG B 433 -20.20 -11.95 33.10
C ARG B 433 -20.12 -13.46 32.89
N TYR B 434 -18.97 -13.90 32.38
CA TYR B 434 -18.69 -15.31 32.19
C TYR B 434 -17.25 -15.61 32.58
N PRO B 435 -16.96 -16.82 33.03
CA PRO B 435 -15.58 -17.22 33.28
C PRO B 435 -14.96 -17.86 32.04
N VAL B 436 -13.66 -18.07 32.10
CA VAL B 436 -12.88 -18.55 30.97
C VAL B 436 -12.32 -19.96 31.21
N LYS B 437 -11.86 -20.25 32.43
CA LYS B 437 -11.30 -21.55 32.82
C LYS B 437 -10.13 -21.88 31.91
N SER B 438 -10.13 -22.99 31.20
CA SER B 438 -8.99 -23.45 30.42
C SER B 438 -9.27 -23.29 28.92
N CYS B 439 -8.32 -23.76 28.12
CA CYS B 439 -8.38 -23.63 26.67
C CYS B 439 -8.90 -24.94 26.08
N THR B 440 -10.19 -24.97 25.75
CA THR B 440 -10.82 -26.11 25.11
C THR B 440 -11.49 -25.76 23.80
N SER B 441 -12.11 -24.58 23.70
CA SER B 441 -12.76 -24.04 22.51
C SER B 441 -14.06 -24.77 22.18
N ALA B 442 -14.35 -25.85 22.90
CA ALA B 442 -15.62 -26.54 22.77
C ALA B 442 -16.33 -26.71 24.10
N SER B 443 -15.59 -27.01 25.17
CA SER B 443 -16.18 -27.01 26.50
C SER B 443 -16.43 -25.59 26.98
N VAL B 444 -15.51 -24.68 26.67
CA VAL B 444 -15.71 -23.27 26.98
C VAL B 444 -16.85 -22.68 26.15
N GLN B 445 -17.22 -23.33 25.06
CA GLN B 445 -18.37 -22.89 24.29
C GLN B 445 -19.65 -23.03 25.10
N ILE B 446 -19.84 -24.20 25.72
CA ILE B 446 -21.00 -24.42 26.58
C ILE B 446 -20.86 -23.63 27.88
N GLN B 447 -19.65 -23.58 28.43
CA GLN B 447 -19.44 -22.91 29.71
C GLN B 447 -19.67 -21.41 29.60
N GLU B 448 -19.31 -20.81 28.47
CA GLU B 448 -19.28 -19.37 28.31
C GLU B 448 -20.63 -18.77 27.99
N ILE B 449 -21.39 -19.38 27.07
CA ILE B 449 -22.66 -18.80 26.64
C ILE B 449 -23.84 -19.73 26.81
N GLU B 450 -23.64 -21.01 27.14
CA GLU B 450 -24.75 -21.91 27.36
C GLU B 450 -25.04 -22.14 28.84
N LYS B 451 -24.32 -21.46 29.73
CA LYS B 451 -24.55 -21.58 31.17
C LYS B 451 -25.07 -20.29 31.77
N VAL B 452 -24.34 -19.19 31.64
CA VAL B 452 -24.78 -17.93 32.23
C VAL B 452 -25.93 -17.34 31.43
N LEU B 453 -25.87 -17.41 30.10
CA LEU B 453 -26.96 -16.89 29.29
C LEU B 453 -28.23 -17.72 29.45
N HIS B 454 -28.09 -19.03 29.61
CA HIS B 454 -29.25 -19.89 29.86
C HIS B 454 -29.77 -19.73 31.28
N ARG B 455 -28.90 -19.39 32.24
CA ARG B 455 -29.37 -19.11 33.59
C ARG B 455 -30.28 -17.89 33.60
N ARG B 456 -29.93 -16.85 32.85
CA ARG B 456 -30.78 -15.68 32.71
C ARG B 456 -31.75 -15.92 31.56
N ASN B 457 -32.62 -14.93 31.29
CA ASN B 457 -33.54 -14.98 30.16
C ASN B 457 -32.95 -14.31 28.92
N ALA B 458 -31.63 -14.31 28.81
CA ALA B 458 -30.93 -13.57 27.75
C ALA B 458 -30.66 -14.46 26.55
N LEU B 459 -31.74 -14.98 25.97
CA LEU B 459 -31.67 -15.77 24.76
C LEU B 459 -32.11 -15.02 23.51
N HIS B 460 -32.92 -13.97 23.67
CA HIS B 460 -33.35 -13.12 22.58
C HIS B 460 -32.79 -11.72 22.79
N GLY B 461 -32.11 -11.21 21.78
CA GLY B 461 -31.48 -9.90 21.90
C GLY B 461 -30.41 -9.76 20.83
N PHE B 462 -29.55 -8.75 21.04
CA PHE B 462 -28.47 -8.48 20.10
C PHE B 462 -27.10 -8.70 20.71
N ALA B 463 -26.77 -8.01 21.81
CA ALA B 463 -25.52 -8.18 22.53
C ALA B 463 -24.27 -7.87 21.71
N LEU B 464 -23.11 -7.90 22.36
CA LEU B 464 -21.82 -7.90 21.68
C LEU B 464 -20.80 -8.49 22.64
N VAL B 465 -19.99 -9.42 22.13
CA VAL B 465 -19.12 -10.23 22.96
C VAL B 465 -17.71 -9.70 22.89
N VAL B 466 -17.00 -9.76 24.02
CA VAL B 466 -15.61 -9.37 24.12
C VAL B 466 -14.76 -10.63 24.20
N LEU B 467 -13.94 -10.86 23.18
CA LEU B 467 -13.15 -12.09 23.12
C LEU B 467 -12.02 -12.03 24.14
N PRO B 468 -11.81 -13.10 24.91
CA PRO B 468 -10.69 -13.11 25.87
C PRO B 468 -9.35 -13.34 25.20
N ASP B 469 -8.55 -12.30 25.06
CA ASP B 469 -7.23 -12.39 24.45
C ASP B 469 -6.25 -11.46 25.15
N LEU B 470 -6.29 -11.42 26.48
CA LEU B 470 -5.51 -10.43 27.23
C LEU B 470 -4.01 -10.64 27.03
N ASP B 471 -3.49 -11.78 27.49
CA ASP B 471 -2.06 -12.03 27.45
C ASP B 471 -1.79 -13.46 27.04
N ALA B 472 -0.83 -13.63 26.13
CA ALA B 472 -0.32 -14.95 25.73
C ALA B 472 -1.44 -15.87 25.23
N PHE B 473 -2.37 -15.31 24.47
CA PHE B 473 -3.42 -16.13 23.88
C PHE B 473 -2.86 -16.97 22.75
N SER B 474 -3.24 -18.24 22.72
CA SER B 474 -2.73 -19.10 21.67
C SER B 474 -3.54 -18.89 20.38
N PRO B 475 -2.87 -18.83 19.24
CA PRO B 475 -3.59 -18.67 17.97
C PRO B 475 -4.17 -20.00 17.51
N ALA B 476 -4.78 -19.97 16.32
CA ALA B 476 -5.34 -21.10 15.59
C ALA B 476 -6.54 -21.74 16.28
N PHE B 477 -6.95 -21.26 17.45
CA PHE B 477 -8.16 -21.73 18.10
C PHE B 477 -9.13 -20.62 18.44
N LEU B 478 -8.64 -19.42 18.79
CA LEU B 478 -9.51 -18.33 19.20
C LEU B 478 -10.48 -17.98 18.09
N LYS B 479 -9.96 -17.86 16.86
CA LYS B 479 -10.82 -17.63 15.70
C LYS B 479 -11.88 -18.72 15.60
N THR B 480 -11.46 -19.98 15.79
CA THR B 480 -12.42 -21.08 15.84
C THR B 480 -13.49 -20.81 16.87
N PHE B 481 -13.07 -20.47 18.09
CA PHE B 481 -14.02 -20.07 19.13
C PHE B 481 -14.88 -18.92 18.64
N HIS B 482 -14.24 -17.89 18.06
CA HIS B 482 -14.97 -16.76 17.52
C HIS B 482 -15.98 -17.23 16.48
N GLU B 483 -15.55 -18.15 15.60
CA GLU B 483 -16.48 -18.66 14.59
C GLU B 483 -17.68 -19.34 15.26
N LEU B 484 -17.42 -20.16 16.28
CA LEU B 484 -18.51 -20.77 17.02
C LEU B 484 -19.38 -19.70 17.66
N LEU B 485 -18.74 -18.66 18.20
CA LEU B 485 -19.48 -17.58 18.84
C LEU B 485 -20.37 -16.85 17.85
N LYS B 486 -20.08 -16.95 16.56
CA LYS B 486 -20.89 -16.28 15.55
C LYS B 486 -21.99 -17.18 14.99
N SER B 487 -22.14 -18.41 15.48
CA SER B 487 -23.04 -19.33 14.78
C SER B 487 -23.91 -20.19 15.68
N LYS B 488 -23.98 -19.95 16.99
CA LYS B 488 -24.81 -20.80 17.83
C LYS B 488 -26.27 -20.36 17.82
N PHE B 489 -26.56 -19.18 18.37
CA PHE B 489 -27.91 -18.64 18.36
C PHE B 489 -28.02 -17.55 17.28
N TYR B 490 -27.87 -17.98 16.03
CA TYR B 490 -27.94 -17.03 14.92
C TYR B 490 -29.30 -16.34 14.78
N PRO B 491 -30.44 -17.04 14.78
CA PRO B 491 -31.71 -16.33 14.49
C PRO B 491 -32.16 -15.40 15.60
N ASP B 492 -31.66 -15.55 16.83
CA ASP B 492 -32.18 -14.79 17.96
C ASP B 492 -31.13 -13.99 18.72
N LEU B 493 -29.85 -14.26 18.53
CA LEU B 493 -28.78 -13.61 19.28
C LEU B 493 -27.65 -13.17 18.35
N LYS B 494 -27.99 -12.40 17.31
CA LYS B 494 -26.99 -11.88 16.40
C LYS B 494 -26.02 -10.96 17.12
N VAL B 495 -24.78 -11.40 17.31
CA VAL B 495 -23.80 -10.65 18.09
C VAL B 495 -22.75 -10.04 17.17
N GLN B 496 -21.95 -9.14 17.75
CA GLN B 496 -20.78 -8.55 17.11
C GLN B 496 -19.59 -8.68 18.06
N CYS B 497 -18.49 -9.22 17.56
CA CYS B 497 -17.36 -9.56 18.42
C CYS B 497 -16.45 -8.35 18.65
N ALA B 498 -15.59 -8.48 19.65
CA ALA B 498 -14.57 -7.50 19.96
C ALA B 498 -13.46 -8.19 20.73
N SER B 499 -12.25 -7.64 20.63
CA SER B 499 -11.06 -8.24 21.22
C SER B 499 -10.63 -7.45 22.43
N ALA B 500 -10.47 -8.15 23.57
CA ALA B 500 -10.10 -7.49 24.81
C ALA B 500 -8.68 -6.97 24.82
N HIS B 501 -7.81 -7.51 23.96
CA HIS B 501 -6.44 -7.00 23.88
C HIS B 501 -6.42 -5.55 23.41
N ASN B 502 -7.27 -5.21 22.45
CA ASN B 502 -7.32 -3.82 21.98
C ASN B 502 -8.03 -2.91 22.96
N ILE B 503 -9.02 -3.43 23.69
CA ILE B 503 -9.69 -2.60 24.71
C ILE B 503 -8.73 -2.29 25.86
N SER B 504 -7.98 -3.29 26.31
CA SER B 504 -7.05 -3.08 27.41
C SER B 504 -5.81 -2.30 26.99
N SER B 505 -5.60 -2.07 25.70
CA SER B 505 -4.42 -1.37 25.22
C SER B 505 -4.56 0.14 25.29
N PHE B 506 -5.71 0.67 25.69
CA PHE B 506 -5.93 2.10 25.82
C PHE B 506 -5.96 2.55 27.27
N PHE B 507 -6.71 1.85 28.12
CA PHE B 507 -6.74 2.16 29.55
C PHE B 507 -5.49 1.63 30.23
N LYS B 508 -5.01 2.38 31.22
CA LYS B 508 -3.88 1.96 32.03
C LYS B 508 -4.20 2.24 33.49
N PRO B 509 -3.76 1.39 34.41
CA PRO B 509 -4.09 1.58 35.83
C PRO B 509 -3.44 2.83 36.39
N PHE B 510 -4.13 3.45 37.34
CA PHE B 510 -3.65 4.68 37.96
C PHE B 510 -3.46 4.49 39.46
N VAL B 519 -7.70 0.14 42.04
CA VAL B 519 -7.62 1.55 41.66
C VAL B 519 -8.61 1.85 40.54
N GLU B 520 -8.53 3.07 40.00
CA GLU B 520 -9.39 3.49 38.90
C GLU B 520 -8.63 3.46 37.58
N TYR B 521 -9.39 3.39 36.50
CA TYR B 521 -8.84 3.26 35.15
C TYR B 521 -9.24 4.46 34.31
N ARG B 522 -8.27 5.03 33.60
CA ARG B 522 -8.51 6.16 32.72
C ARG B 522 -7.81 5.93 31.39
N VAL B 523 -8.42 6.45 30.32
CA VAL B 523 -7.84 6.34 29.00
C VAL B 523 -6.59 7.21 28.93
N VAL B 524 -5.51 6.65 28.38
CA VAL B 524 -4.25 7.38 28.31
C VAL B 524 -4.39 8.57 27.38
N GLU B 525 -3.68 9.65 27.70
CA GLU B 525 -3.85 10.90 26.98
C GLU B 525 -3.30 10.82 25.56
N ALA B 526 -2.23 10.05 25.36
CA ALA B 526 -1.63 9.94 24.04
C ALA B 526 -2.56 9.23 23.07
N LEU B 527 -3.22 8.17 23.51
CA LEU B 527 -4.13 7.40 22.65
C LEU B 527 -5.56 7.85 22.91
N LYS B 528 -5.91 8.99 22.33
CA LYS B 528 -7.27 9.51 22.39
C LYS B 528 -7.98 9.47 21.04
N GLY B 529 -7.30 9.86 19.97
CA GLY B 529 -7.90 9.75 18.64
C GLY B 529 -8.05 8.30 18.21
N ARG B 530 -7.05 7.46 18.51
CA ARG B 530 -7.12 6.06 18.11
C ARG B 530 -8.27 5.35 18.80
N PHE B 531 -8.45 5.60 20.09
CA PHE B 531 -9.58 5.00 20.80
C PHE B 531 -10.91 5.51 20.26
N SER B 532 -10.96 6.79 19.90
CA SER B 532 -12.19 7.35 19.33
C SER B 532 -12.54 6.69 18.00
N SER B 533 -11.54 6.48 17.13
CA SER B 533 -11.80 5.82 15.86
C SER B 533 -12.22 4.36 16.06
N TYR B 534 -11.54 3.66 16.98
CA TYR B 534 -11.93 2.29 17.30
C TYR B 534 -13.37 2.22 17.76
N LEU B 535 -13.74 3.12 18.68
CA LEU B 535 -15.09 3.11 19.22
C LEU B 535 -16.13 3.47 18.16
N PHE B 536 -15.81 4.43 17.29
CA PHE B 536 -16.76 4.81 16.24
C PHE B 536 -17.01 3.66 15.28
N TYR B 537 -15.94 2.97 14.86
CA TYR B 537 -16.12 1.85 13.95
C TYR B 537 -16.86 0.70 14.62
N LEU B 538 -16.54 0.40 15.88
CA LEU B 538 -17.22 -0.66 16.59
C LEU B 538 -18.70 -0.37 16.77
N VAL B 539 -19.03 0.88 17.12
CA VAL B 539 -20.42 1.26 17.30
C VAL B 539 -21.17 1.22 15.98
N LEU B 540 -20.53 1.65 14.89
CA LEU B 540 -21.18 1.59 13.58
C LEU B 540 -21.47 0.16 13.17
N GLU B 541 -20.51 -0.75 13.40
CA GLU B 541 -20.75 -2.16 13.07
C GLU B 541 -21.87 -2.74 13.91
N HIS B 542 -21.90 -2.41 15.21
CA HIS B 542 -22.98 -2.90 16.07
C HIS B 542 -24.33 -2.36 15.61
N LEU B 543 -24.38 -1.10 15.18
CA LEU B 543 -25.62 -0.55 14.65
C LEU B 543 -26.04 -1.23 13.36
N ILE B 544 -25.07 -1.58 12.51
CA ILE B 544 -25.37 -2.30 11.28
C ILE B 544 -25.97 -3.66 11.60
N VAL B 545 -25.46 -4.34 12.64
CA VAL B 545 -26.06 -5.59 13.07
C VAL B 545 -27.50 -5.38 13.52
N ASN B 546 -27.82 -4.20 14.04
CA ASN B 546 -29.16 -3.88 14.51
C ASN B 546 -30.12 -3.45 13.39
N ARG B 547 -29.68 -3.49 12.13
CA ARG B 547 -30.48 -3.07 10.98
C ARG B 547 -30.90 -1.60 11.09
N LYS B 548 -29.98 -0.74 11.51
CA LYS B 548 -30.20 0.70 11.55
C LYS B 548 -29.28 1.34 10.52
N TRP B 549 -29.82 1.57 9.33
CA TRP B 549 -29.00 2.05 8.22
C TRP B 549 -28.64 3.52 8.43
N PRO B 550 -27.35 3.87 8.37
CA PRO B 550 -26.95 5.26 8.65
C PRO B 550 -27.49 6.28 7.67
N TYR B 551 -27.64 5.94 6.39
CA TYR B 551 -28.08 6.91 5.40
C TYR B 551 -28.64 6.18 4.19
N ALA B 552 -29.14 6.95 3.23
CA ALA B 552 -29.77 6.40 2.04
C ALA B 552 -29.70 7.43 0.93
N LEU B 553 -30.07 7.01 -0.28
CA LEU B 553 -30.05 7.88 -1.44
C LEU B 553 -31.20 8.88 -1.39
N ALA B 554 -31.01 10.02 -2.04
CA ALA B 554 -32.01 11.07 -2.05
C ALA B 554 -33.00 10.93 -3.20
N LYS B 555 -32.52 10.59 -4.40
CA LYS B 555 -33.36 10.45 -5.57
C LYS B 555 -33.75 8.99 -5.76
N ASN B 556 -34.96 8.76 -6.26
CA ASN B 556 -35.46 7.42 -6.47
C ASN B 556 -34.72 6.72 -7.59
N LEU B 557 -34.60 5.41 -7.46
CA LEU B 557 -34.01 4.61 -8.54
C LEU B 557 -34.99 4.50 -9.71
N PHE B 558 -34.46 4.13 -10.88
CA PHE B 558 -35.30 4.00 -12.05
C PHE B 558 -36.31 2.86 -11.89
N TYR B 559 -35.88 1.75 -11.31
CA TYR B 559 -36.76 0.62 -11.03
C TYR B 559 -37.02 0.54 -9.54
N ASP B 560 -38.29 0.30 -9.17
CA ASP B 560 -38.70 0.48 -7.79
C ASP B 560 -38.12 -0.58 -6.86
N ILE B 561 -38.18 -1.84 -7.25
CA ILE B 561 -37.85 -2.95 -6.38
C ILE B 561 -36.57 -3.62 -6.89
N TYR B 562 -35.63 -3.86 -5.98
CA TYR B 562 -34.42 -4.59 -6.30
C TYR B 562 -34.30 -5.77 -5.34
N ILE B 563 -34.23 -6.98 -5.87
CA ILE B 563 -34.19 -8.19 -5.07
C ILE B 563 -32.84 -8.84 -5.30
N GLY B 564 -31.93 -8.65 -4.34
CA GLY B 564 -30.62 -9.28 -4.42
C GLY B 564 -30.66 -10.65 -3.77
N ILE B 565 -30.23 -11.66 -4.52
CA ILE B 565 -30.23 -13.04 -4.07
C ILE B 565 -28.79 -13.54 -4.02
N ASP B 566 -28.44 -14.24 -2.94
CA ASP B 566 -27.12 -14.85 -2.85
C ASP B 566 -27.21 -16.11 -2.03
N VAL B 567 -26.85 -17.24 -2.63
CA VAL B 567 -26.92 -18.54 -1.97
C VAL B 567 -25.53 -19.14 -1.91
N HIS B 568 -25.11 -19.55 -0.71
CA HIS B 568 -23.87 -20.27 -0.54
C HIS B 568 -23.91 -21.01 0.79
N ASP B 569 -23.12 -22.09 0.87
CA ASP B 569 -22.97 -22.88 2.09
C ASP B 569 -24.33 -23.32 2.63
N ARG B 570 -25.20 -23.79 1.72
CA ARG B 570 -26.52 -24.33 2.03
C ARG B 570 -27.49 -23.26 2.53
N HIS B 571 -27.02 -22.02 2.67
CA HIS B 571 -27.85 -20.93 3.18
C HIS B 571 -28.08 -19.89 2.10
N ALA B 572 -29.31 -19.40 2.01
CA ALA B 572 -29.66 -18.38 1.02
C ALA B 572 -30.00 -17.08 1.73
N GLY B 573 -29.74 -15.97 1.04
CA GLY B 573 -30.06 -14.66 1.58
C GLY B 573 -30.69 -13.76 0.53
N PHE B 574 -31.77 -13.10 0.91
CA PHE B 574 -32.50 -12.19 0.04
C PHE B 574 -32.46 -10.80 0.64
N THR B 575 -32.33 -9.80 -0.22
CA THR B 575 -32.39 -8.41 0.21
C THR B 575 -33.35 -7.66 -0.70
N PHE B 576 -34.34 -7.01 -0.10
CA PHE B 576 -35.32 -6.23 -0.82
C PHE B 576 -35.00 -4.75 -0.62
N PHE B 577 -34.75 -4.06 -1.73
CA PHE B 577 -34.33 -2.67 -1.75
C PHE B 577 -35.42 -1.88 -2.45
N PHE B 578 -36.11 -1.03 -1.70
CA PHE B 578 -37.13 -0.19 -2.31
C PHE B 578 -36.48 1.10 -2.77
N LYS B 579 -37.25 1.93 -3.48
CA LYS B 579 -36.68 3.17 -4.00
C LYS B 579 -36.05 4.02 -2.91
N ASN B 580 -34.92 4.63 -3.20
CA ASN B 580 -34.23 5.50 -2.22
C ASN B 580 -33.49 4.72 -1.15
N GLY B 581 -33.84 3.45 -0.97
CA GLY B 581 -33.15 2.62 0.00
C GLY B 581 -33.59 2.82 1.44
N GLU B 582 -34.49 3.76 1.66
CA GLU B 582 -35.03 3.98 3.00
C GLU B 582 -35.65 2.70 3.50
N GLN B 583 -35.90 1.76 2.60
CA GLN B 583 -36.48 0.48 2.97
C GLN B 583 -35.63 -0.64 2.41
N ILE B 584 -34.77 -1.20 3.25
CA ILE B 584 -33.93 -2.34 2.91
C ILE B 584 -34.25 -3.45 3.92
N ILE B 585 -34.77 -4.56 3.41
CA ILE B 585 -35.23 -5.67 4.26
C ILE B 585 -34.40 -6.90 3.94
N PHE B 586 -33.80 -7.50 4.95
CA PHE B 586 -32.99 -8.69 4.78
C PHE B 586 -33.77 -9.92 5.24
N HIS B 587 -33.58 -11.04 4.53
CA HIS B 587 -34.26 -12.26 4.88
C HIS B 587 -33.38 -13.48 4.61
N PRO B 588 -32.97 -14.22 5.64
CA PRO B 588 -32.23 -15.45 5.43
C PRO B 588 -33.16 -16.65 5.31
N GLU B 589 -32.65 -17.69 4.66
CA GLU B 589 -33.43 -18.91 4.46
C GLU B 589 -32.50 -20.11 4.37
N GLU B 590 -33.07 -21.28 4.68
CA GLU B 590 -32.37 -22.55 4.57
C GLU B 590 -32.89 -23.30 3.36
N VAL B 591 -31.97 -23.71 2.48
CA VAL B 591 -32.34 -24.45 1.29
C VAL B 591 -31.54 -25.75 1.25
N PRO B 592 -32.08 -26.83 0.66
CA PRO B 592 -31.35 -28.09 0.58
C PRO B 592 -30.64 -28.28 -0.77
N GLU B 601 -33.67 -30.57 -5.94
CA GLU B 601 -33.47 -29.17 -6.26
C GLU B 601 -34.79 -28.50 -6.63
N LYS B 602 -35.80 -29.32 -6.90
CA LYS B 602 -37.14 -28.77 -7.17
C LYS B 602 -37.73 -28.13 -5.91
N VAL B 603 -37.43 -28.68 -4.74
CA VAL B 603 -37.84 -28.08 -3.49
C VAL B 603 -37.18 -26.70 -3.33
N ARG B 604 -35.94 -26.58 -3.79
CA ARG B 604 -35.26 -25.28 -3.74
C ARG B 604 -35.97 -24.24 -4.60
N ALA B 605 -36.38 -24.64 -5.81
CA ALA B 605 -37.10 -23.71 -6.68
C ALA B 605 -38.45 -23.34 -6.08
N LYS B 606 -39.15 -24.32 -5.49
CA LYS B 606 -40.43 -24.04 -4.85
C LYS B 606 -40.26 -23.08 -3.68
N THR B 607 -39.23 -23.29 -2.86
CA THR B 607 -38.96 -22.39 -1.74
C THR B 607 -38.63 -20.98 -2.23
N LEU B 608 -37.82 -20.87 -3.28
CA LEU B 608 -37.49 -19.57 -3.83
C LEU B 608 -38.74 -18.84 -4.32
N ASN B 609 -39.59 -19.55 -5.05
CA ASN B 609 -40.83 -18.94 -5.54
C ASN B 609 -41.74 -18.52 -4.39
N LYS B 610 -41.87 -19.38 -3.38
CA LYS B 610 -42.72 -19.05 -2.25
C LYS B 610 -42.22 -17.82 -1.50
N VAL B 611 -40.91 -17.75 -1.25
CA VAL B 611 -40.35 -16.61 -0.55
C VAL B 611 -40.55 -15.33 -1.35
N ILE B 612 -40.26 -15.38 -2.65
CA ILE B 612 -40.39 -14.19 -3.48
C ILE B 612 -41.84 -13.71 -3.51
N TYR B 613 -42.79 -14.63 -3.72
CA TYR B 613 -44.20 -14.26 -3.81
C TYR B 613 -44.71 -13.71 -2.48
N GLU B 614 -44.40 -14.39 -1.38
CA GLU B 614 -44.90 -13.95 -0.08
C GLU B 614 -44.36 -12.58 0.28
N LYS B 615 -43.04 -12.39 0.14
CA LYS B 615 -42.44 -11.11 0.49
C LYS B 615 -42.95 -9.98 -0.40
N LEU B 616 -43.08 -10.24 -1.71
CA LEU B 616 -43.57 -9.20 -2.60
C LEU B 616 -45.01 -8.83 -2.29
N LYS B 617 -45.87 -9.82 -2.07
CA LYS B 617 -47.27 -9.53 -1.74
C LYS B 617 -47.39 -8.80 -0.41
N LEU B 618 -46.51 -9.10 0.54
CA LEU B 618 -46.56 -8.41 1.83
C LEU B 618 -46.07 -6.98 1.71
N TYR B 619 -45.01 -6.74 0.93
CA TYR B 619 -44.31 -5.46 0.99
C TYR B 619 -44.69 -4.48 -0.11
N ILE B 620 -45.26 -4.93 -1.22
CA ILE B 620 -45.61 -4.00 -2.30
C ILE B 620 -46.66 -2.97 -1.88
N PRO B 621 -47.78 -3.34 -1.25
CA PRO B 621 -48.76 -2.31 -0.86
C PRO B 621 -48.24 -1.33 0.17
N LEU B 622 -47.20 -1.68 0.92
CA LEU B 622 -46.71 -0.81 1.98
C LEU B 622 -45.75 0.26 1.44
N PHE B 623 -44.69 -0.18 0.74
CA PHE B 623 -43.60 0.72 0.35
C PHE B 623 -43.64 1.15 -1.11
N ALA B 624 -44.01 0.26 -2.02
CA ALA B 624 -43.96 0.54 -3.46
C ALA B 624 -45.30 0.22 -4.11
N PRO B 625 -46.26 1.14 -4.03
CA PRO B 625 -47.54 0.91 -4.69
C PRO B 625 -47.42 1.01 -6.21
N ASN B 626 -48.06 0.07 -6.90
CA ASN B 626 -48.01 -0.05 -8.37
C ASN B 626 -46.57 -0.09 -8.85
N PRO B 627 -45.85 -1.20 -8.65
CA PRO B 627 -44.43 -1.25 -9.01
C PRO B 627 -44.22 -1.04 -10.51
N ASN B 628 -43.14 -0.35 -10.84
CA ASN B 628 -42.78 -0.09 -12.22
C ASN B 628 -41.92 -1.20 -12.81
N GLY B 629 -41.02 -1.77 -12.02
CA GLY B 629 -40.17 -2.85 -12.50
C GLY B 629 -39.59 -3.63 -11.35
N ILE B 630 -39.16 -4.85 -11.67
CA ILE B 630 -38.53 -5.75 -10.71
C ILE B 630 -37.27 -6.31 -11.32
N VAL B 631 -36.14 -6.11 -10.64
CA VAL B 631 -34.83 -6.55 -11.09
C VAL B 631 -34.27 -7.51 -10.05
N ILE B 632 -33.79 -8.66 -10.48
CA ILE B 632 -33.18 -9.63 -9.60
C ILE B 632 -31.68 -9.65 -9.88
N VAL B 633 -30.89 -9.09 -8.97
CA VAL B 633 -29.44 -9.10 -9.10
C VAL B 633 -28.94 -10.39 -8.49
N ARG B 634 -28.49 -11.31 -9.33
CA ARG B 634 -28.09 -12.65 -8.90
C ARG B 634 -26.57 -12.77 -8.93
N ASP B 635 -26.00 -13.27 -7.84
CA ASP B 635 -24.58 -13.55 -7.77
C ASP B 635 -24.32 -14.98 -8.21
N GLY B 636 -23.32 -15.16 -9.08
CA GLY B 636 -22.97 -16.49 -9.54
C GLY B 636 -23.36 -16.76 -10.97
N ARG B 637 -24.16 -17.80 -11.19
CA ARG B 637 -24.63 -18.14 -12.52
C ARG B 637 -26.13 -18.45 -12.46
N SER B 638 -26.85 -18.02 -13.49
CA SER B 638 -28.30 -18.17 -13.53
C SER B 638 -28.68 -19.31 -14.46
N PHE B 639 -29.48 -20.24 -13.94
CA PHE B 639 -29.95 -21.40 -14.71
C PHE B 639 -31.37 -21.22 -15.22
N GLY B 640 -31.94 -20.02 -15.07
CA GLY B 640 -33.30 -19.77 -15.50
C GLY B 640 -34.37 -19.99 -14.44
N VAL B 641 -33.99 -20.47 -13.26
CA VAL B 641 -34.96 -20.68 -12.19
C VAL B 641 -35.50 -19.35 -11.68
N GLU B 642 -34.62 -18.34 -11.57
CA GLU B 642 -35.02 -17.05 -11.04
C GLU B 642 -36.06 -16.39 -11.94
N TYR B 643 -35.87 -16.47 -13.26
CA TYR B 643 -36.83 -15.88 -14.19
C TYR B 643 -38.18 -16.57 -14.09
N LYS B 644 -38.19 -17.90 -13.96
CA LYS B 644 -39.45 -18.62 -13.82
C LYS B 644 -40.17 -18.25 -12.54
N ALA B 645 -39.43 -18.16 -11.43
CA ALA B 645 -40.05 -17.76 -10.17
C ALA B 645 -40.61 -16.34 -10.24
N LEU B 646 -39.87 -15.43 -10.86
CA LEU B 646 -40.35 -14.05 -11.01
C LEU B 646 -41.59 -14.00 -11.88
N GLN B 647 -41.61 -14.78 -12.97
CA GLN B 647 -42.78 -14.80 -13.85
C GLN B 647 -44.00 -15.35 -13.14
N ALA B 648 -43.83 -16.44 -12.37
CA ALA B 648 -44.96 -16.99 -11.62
C ALA B 648 -45.47 -16.00 -10.58
N ALA B 649 -44.55 -15.32 -9.88
CA ALA B 649 -44.96 -14.33 -8.90
C ALA B 649 -45.70 -13.17 -9.54
N ILE B 650 -45.24 -12.72 -10.71
CA ILE B 650 -45.91 -11.63 -11.41
C ILE B 650 -47.29 -12.06 -11.86
N ASN B 651 -47.43 -13.29 -12.35
CA ASN B 651 -48.75 -13.78 -12.77
C ASN B 651 -49.71 -13.86 -11.58
N THR B 652 -49.24 -14.37 -10.45
CA THR B 652 -50.09 -14.43 -9.26
C THR B 652 -50.45 -13.04 -8.77
N LEU B 653 -49.49 -12.11 -8.79
CA LEU B 653 -49.76 -10.74 -8.36
C LEU B 653 -50.79 -10.07 -9.24
N ALA B 654 -50.70 -10.28 -10.56
CA ALA B 654 -51.69 -9.74 -11.47
C ALA B 654 -53.06 -10.40 -11.27
N ALA B 655 -53.08 -11.68 -10.89
CA ALA B 655 -54.33 -12.32 -10.51
C ALA B 655 -54.94 -11.64 -9.28
N GLU B 656 -54.10 -11.28 -8.31
CA GLU B 656 -54.57 -10.53 -7.15
C GLU B 656 -54.94 -9.10 -7.49
N GLY B 657 -54.54 -8.59 -8.66
CA GLY B 657 -54.81 -7.21 -9.03
C GLY B 657 -53.87 -6.19 -8.44
N ILE B 658 -52.84 -6.62 -7.71
CA ILE B 658 -51.91 -5.69 -7.09
C ILE B 658 -51.04 -5.01 -8.15
N VAL B 659 -50.54 -5.77 -9.11
CA VAL B 659 -49.65 -5.24 -10.13
C VAL B 659 -50.30 -5.43 -11.50
N ASN B 660 -49.90 -4.60 -12.44
CA ASN B 660 -50.42 -4.67 -13.80
C ASN B 660 -49.65 -5.72 -14.60
N LYS B 661 -50.00 -5.85 -15.86
CA LYS B 661 -49.30 -6.78 -16.75
C LYS B 661 -48.81 -6.13 -18.03
N ASP B 662 -49.57 -5.19 -18.59
CA ASP B 662 -49.13 -4.52 -19.82
C ASP B 662 -47.96 -3.59 -19.55
N THR B 663 -48.01 -2.85 -18.45
CA THR B 663 -46.95 -1.89 -18.11
C THR B 663 -46.24 -2.38 -16.86
N VAL B 664 -45.28 -3.28 -17.06
CA VAL B 664 -44.43 -3.80 -15.99
C VAL B 664 -43.23 -4.49 -16.64
N LYS B 665 -42.06 -4.30 -16.04
CA LYS B 665 -40.84 -4.92 -16.51
C LYS B 665 -40.27 -5.78 -15.39
N TYR B 666 -39.67 -6.90 -15.77
CA TYR B 666 -39.10 -7.80 -14.77
C TYR B 666 -37.99 -8.61 -15.42
N GLY B 667 -36.88 -8.75 -14.71
CA GLY B 667 -35.75 -9.43 -15.31
C GLY B 667 -34.70 -9.82 -14.29
N VAL B 668 -33.71 -10.57 -14.79
CA VAL B 668 -32.62 -11.08 -13.96
C VAL B 668 -31.31 -10.59 -14.55
N VAL B 669 -30.47 -10.00 -13.70
CA VAL B 669 -29.16 -9.51 -14.08
C VAL B 669 -28.13 -10.24 -13.23
N ASP B 670 -27.16 -10.88 -13.88
CA ASP B 670 -26.11 -11.60 -13.18
C ASP B 670 -24.90 -10.71 -12.98
N LEU B 671 -24.37 -10.73 -11.76
CA LEU B 671 -23.19 -9.98 -11.38
C LEU B 671 -22.07 -10.96 -11.06
N HIS B 672 -20.91 -10.77 -11.70
CA HIS B 672 -19.80 -11.69 -11.56
C HIS B 672 -18.76 -11.09 -10.61
N LYS B 673 -18.47 -11.82 -9.53
CA LYS B 673 -17.43 -11.37 -8.61
C LYS B 673 -16.05 -11.40 -9.28
N GLN B 674 -15.77 -12.45 -10.04
CA GLN B 674 -14.54 -12.55 -10.82
C GLN B 674 -14.91 -12.34 -12.28
N SER B 675 -14.32 -11.32 -12.91
CA SER B 675 -14.75 -10.89 -14.23
C SER B 675 -14.45 -11.95 -15.29
N SER B 676 -15.28 -11.96 -16.33
CA SER B 676 -15.08 -12.91 -17.42
C SER B 676 -13.81 -12.61 -18.19
N VAL B 677 -13.73 -11.42 -18.81
CA VAL B 677 -12.50 -11.00 -19.46
C VAL B 677 -11.81 -9.99 -18.55
N PRO B 678 -10.49 -10.09 -18.37
CA PRO B 678 -9.79 -9.20 -17.43
C PRO B 678 -9.51 -7.80 -17.99
N ILE B 679 -10.54 -6.96 -18.01
CA ILE B 679 -10.39 -5.60 -18.48
C ILE B 679 -9.68 -4.77 -17.43
N ARG B 680 -8.77 -3.91 -17.87
CA ARG B 680 -8.16 -2.90 -17.02
C ARG B 680 -8.17 -1.56 -17.75
N ILE B 681 -8.38 -0.49 -17.00
CA ILE B 681 -8.47 0.86 -17.56
C ILE B 681 -7.54 1.77 -16.78
N ALA B 682 -6.77 2.57 -17.51
CA ALA B 682 -5.96 3.62 -16.91
C ALA B 682 -6.14 4.90 -17.71
N ALA B 683 -6.04 6.04 -17.03
CA ALA B 683 -6.24 7.33 -17.66
C ALA B 683 -4.91 7.96 -18.06
N LYS B 684 -4.88 8.55 -19.24
CA LYS B 684 -3.67 9.20 -19.74
C LYS B 684 -3.59 10.62 -19.21
N THR B 685 -2.53 10.93 -18.48
CA THR B 685 -2.31 12.25 -17.92
C THR B 685 -0.90 12.71 -18.24
N ASN B 686 -0.69 14.02 -18.17
CA ASN B 686 0.61 14.61 -18.45
C ASN B 686 1.52 14.65 -17.23
N SER B 687 1.07 14.12 -16.09
CA SER B 687 1.88 14.11 -14.88
C SER B 687 3.10 13.22 -15.05
N TYR B 688 3.98 13.26 -14.05
CA TYR B 688 5.23 12.50 -14.12
C TYR B 688 4.94 11.00 -14.17
N ASP B 689 3.96 10.53 -13.41
CA ASP B 689 3.41 9.20 -13.60
C ASP B 689 2.32 9.32 -14.66
N GLN B 690 2.60 8.81 -15.87
CA GLN B 690 1.76 9.10 -17.02
C GLN B 690 0.43 8.36 -17.01
N LEU B 691 0.22 7.42 -16.10
CA LEU B 691 -1.00 6.65 -16.04
C LEU B 691 -1.64 6.79 -14.66
N GLU B 692 -2.97 6.89 -14.65
CA GLU B 692 -3.73 7.12 -13.43
C GLU B 692 -4.94 6.20 -13.39
N ASN B 693 -5.41 5.92 -12.18
CA ASN B 693 -6.62 5.11 -12.02
C ASN B 693 -7.82 5.88 -12.55
N PRO B 694 -8.78 5.21 -13.17
CA PRO B 694 -9.96 5.91 -13.69
C PRO B 694 -10.86 6.38 -12.56
N VAL B 695 -11.67 7.39 -12.87
CA VAL B 695 -12.60 7.94 -11.88
C VAL B 695 -13.63 6.89 -11.49
N ALA B 696 -14.24 7.09 -10.33
CA ALA B 696 -15.26 6.18 -9.84
C ALA B 696 -16.49 6.23 -10.72
N GLY B 697 -16.99 5.07 -11.13
CA GLY B 697 -18.16 4.99 -11.97
C GLY B 697 -17.90 4.92 -13.45
N SER B 698 -16.67 4.62 -13.87
CA SER B 698 -16.36 4.56 -15.29
C SER B 698 -16.80 3.20 -15.84
N TYR B 699 -17.62 3.22 -16.88
CA TYR B 699 -18.20 2.00 -17.41
C TYR B 699 -17.84 1.81 -18.88
N LYS B 700 -17.69 0.55 -19.25
CA LYS B 700 -17.46 0.16 -20.65
C LYS B 700 -18.27 -1.10 -20.93
N LEU B 701 -19.10 -1.05 -21.97
CA LEU B 701 -19.90 -2.20 -22.35
C LEU B 701 -19.37 -2.78 -23.66
N VAL B 702 -19.30 -4.10 -23.71
CA VAL B 702 -18.70 -4.79 -24.85
C VAL B 702 -19.75 -5.33 -25.81
N SER B 703 -20.84 -5.87 -25.28
CA SER B 703 -21.98 -6.33 -26.02
C SER B 703 -23.19 -5.47 -25.68
N PRO B 704 -24.33 -5.66 -26.35
CA PRO B 704 -25.55 -5.03 -25.86
C PRO B 704 -25.96 -5.47 -24.47
N LYS B 705 -25.47 -6.61 -23.98
CA LYS B 705 -25.86 -7.16 -22.69
C LYS B 705 -24.65 -7.62 -21.90
N GLU B 706 -23.61 -6.79 -21.83
CA GLU B 706 -22.43 -7.10 -21.01
C GLU B 706 -21.64 -5.82 -20.78
N GLY B 707 -21.42 -5.48 -19.50
CA GLY B 707 -20.75 -4.24 -19.16
C GLY B 707 -19.84 -4.41 -17.95
N PHE B 708 -18.94 -3.44 -17.80
CA PHE B 708 -17.97 -3.39 -16.72
C PHE B 708 -17.97 -2.01 -16.09
N ILE B 709 -17.94 -1.98 -14.76
CA ILE B 709 -18.00 -0.74 -13.98
C ILE B 709 -16.78 -0.67 -13.06
N PHE B 710 -16.13 0.48 -13.03
CA PHE B 710 -15.04 0.77 -12.11
C PHE B 710 -15.49 1.84 -11.14
N SER B 711 -15.33 1.56 -9.84
CA SER B 711 -15.89 2.40 -8.79
C SER B 711 -14.91 2.76 -7.68
N THR B 712 -13.79 2.05 -7.55
CA THR B 712 -12.80 2.37 -6.52
C THR B 712 -11.68 3.24 -7.10
N GLY B 713 -12.06 4.44 -7.52
CA GLY B 713 -11.18 5.27 -8.31
C GLY B 713 -10.61 6.49 -7.62
N TYR B 714 -10.98 7.68 -8.10
CA TYR B 714 -10.27 8.89 -7.67
C TYR B 714 -10.61 9.33 -6.26
N PRO B 715 -11.88 9.61 -5.91
CA PRO B 715 -12.14 10.21 -4.58
C PRO B 715 -11.71 9.34 -3.43
N PHE B 716 -11.56 8.03 -3.64
CA PHE B 716 -11.03 7.11 -2.65
C PHE B 716 -9.55 6.88 -2.92
N ASP B 717 -8.85 6.39 -1.90
CA ASP B 717 -7.41 6.16 -1.97
C ASP B 717 -7.16 4.67 -1.95
N ILE B 718 -6.50 4.16 -2.99
CA ILE B 718 -6.10 2.77 -3.07
C ILE B 718 -4.67 2.69 -3.57
N LYS B 719 -4.04 1.55 -3.33
CA LYS B 719 -2.72 1.25 -3.88
C LYS B 719 -2.89 0.13 -4.90
N GLY B 720 -2.48 0.38 -6.13
CA GLY B 720 -2.68 -0.58 -7.20
C GLY B 720 -3.62 -0.06 -8.26
N THR B 721 -4.23 -0.97 -9.01
CA THR B 721 -5.15 -0.61 -10.08
C THR B 721 -6.55 -1.07 -9.72
N SER B 722 -7.55 -0.28 -10.10
CA SER B 722 -8.94 -0.64 -9.81
C SER B 722 -9.33 -1.90 -10.58
N ARG B 723 -10.12 -2.71 -9.95
CA ARG B 723 -10.60 -3.92 -10.58
C ARG B 723 -12.03 -3.72 -11.09
N PRO B 724 -12.40 -4.36 -12.19
CA PRO B 724 -13.73 -4.16 -12.75
C PRO B 724 -14.80 -4.98 -12.04
N LEU B 725 -16.04 -4.54 -12.24
CA LEU B 725 -17.23 -5.28 -11.83
C LEU B 725 -18.03 -5.60 -13.09
N ASN B 726 -18.40 -6.87 -13.25
CA ASN B 726 -18.99 -7.37 -14.49
C ASN B 726 -20.47 -7.64 -14.31
N LEU B 727 -21.29 -7.07 -15.21
CA LEU B 727 -22.74 -7.22 -15.19
C LEU B 727 -23.23 -7.73 -16.54
N SER B 728 -24.23 -8.60 -16.52
CA SER B 728 -24.82 -9.08 -17.77
C SER B 728 -26.24 -9.57 -17.52
N MET B 729 -27.19 -9.14 -18.36
CA MET B 729 -28.54 -9.66 -18.25
C MET B 729 -28.58 -11.15 -18.60
N LYS B 730 -29.61 -11.82 -18.11
CA LYS B 730 -29.90 -13.19 -18.52
C LYS B 730 -31.22 -13.29 -19.25
N GLU B 731 -32.30 -12.74 -18.69
CA GLU B 731 -33.62 -12.82 -19.30
C GLU B 731 -34.30 -11.46 -19.11
N GLY B 732 -35.62 -11.44 -19.30
CA GLY B 732 -36.39 -10.23 -19.07
C GLY B 732 -36.36 -9.27 -20.24
N ASP B 733 -37.01 -8.13 -20.03
CA ASP B 733 -37.11 -7.07 -21.02
C ASP B 733 -36.69 -5.73 -20.43
N LEU B 734 -35.66 -5.74 -19.60
CA LEU B 734 -35.20 -4.52 -18.95
C LEU B 734 -34.26 -3.75 -19.88
N ASP B 735 -33.95 -2.52 -19.47
CA ASP B 735 -32.95 -1.69 -20.13
C ASP B 735 -31.64 -1.83 -19.38
N PHE B 736 -30.56 -2.10 -20.11
CA PHE B 736 -29.30 -2.37 -19.44
C PHE B 736 -28.64 -1.11 -18.89
N MET B 737 -28.82 0.03 -19.55
CA MET B 737 -28.24 1.27 -19.06
C MET B 737 -28.82 1.66 -17.72
N LYS B 738 -30.14 1.55 -17.57
CA LYS B 738 -30.79 1.89 -16.31
C LYS B 738 -30.34 0.96 -15.19
N VAL B 739 -30.24 -0.34 -15.49
CA VAL B 739 -29.81 -1.31 -14.48
C VAL B 739 -28.38 -1.03 -14.05
N MET B 740 -27.50 -0.72 -15.01
CA MET B 740 -26.11 -0.42 -14.66
C MET B 740 -26.01 0.84 -13.81
N GLU B 741 -26.75 1.90 -14.17
CA GLU B 741 -26.71 3.12 -13.39
C GLU B 741 -27.24 2.91 -11.98
N ASP B 742 -28.31 2.12 -11.85
CA ASP B 742 -28.87 1.87 -10.52
C ASP B 742 -27.92 1.01 -9.68
N VAL B 743 -27.23 0.06 -10.30
CA VAL B 743 -26.25 -0.75 -9.57
C VAL B 743 -25.11 0.13 -9.08
N PHE B 744 -24.63 1.04 -9.94
CA PHE B 744 -23.58 1.96 -9.48
C PHE B 744 -24.07 2.86 -8.37
N CYS B 745 -25.34 3.28 -8.43
CA CYS B 745 -25.90 4.09 -7.34
C CYS B 745 -25.94 3.31 -6.05
N GLN B 746 -26.26 2.02 -6.12
CA GLN B 746 -26.23 1.17 -4.93
C GLN B 746 -24.81 0.93 -4.42
N ILE B 747 -23.81 1.04 -5.29
CA ILE B 747 -22.43 0.86 -4.83
C ILE B 747 -22.02 1.98 -3.88
N MET B 748 -22.51 3.20 -4.10
CA MET B 748 -22.13 4.36 -3.30
C MET B 748 -22.68 4.32 -1.88
N LEU B 749 -23.57 3.39 -1.55
CA LEU B 749 -24.08 3.23 -0.19
C LEU B 749 -23.13 2.34 0.59
N ALA B 750 -22.18 2.93 1.30
CA ALA B 750 -21.19 2.19 2.09
C ALA B 750 -21.57 2.31 3.56
N PHE B 751 -21.92 1.18 4.18
CA PHE B 751 -22.41 1.18 5.55
C PHE B 751 -21.38 0.71 6.57
N SER B 752 -20.37 -0.06 6.16
CA SER B 752 -19.43 -0.62 7.12
C SER B 752 -18.37 0.41 7.51
N ALA B 753 -17.57 0.85 6.54
CA ALA B 753 -16.56 1.87 6.77
C ALA B 753 -16.82 3.04 5.82
N PRO B 754 -17.50 4.09 6.26
CA PRO B 754 -17.85 5.18 5.35
C PRO B 754 -16.65 5.94 4.81
N ASP B 755 -15.48 5.80 5.43
CA ASP B 755 -14.31 6.55 5.00
C ASP B 755 -13.54 5.86 3.87
N LYS B 756 -13.86 4.62 3.56
CA LYS B 756 -13.14 3.85 2.56
C LYS B 756 -14.03 3.56 1.35
N SER B 757 -13.44 2.94 0.35
CA SER B 757 -14.14 2.63 -0.89
C SER B 757 -15.01 1.39 -0.72
N ASN B 758 -15.85 1.14 -1.72
CA ASN B 758 -16.70 -0.04 -1.74
C ASN B 758 -16.67 -0.65 -3.12
N PHE B 759 -16.73 -1.98 -3.18
CA PHE B 759 -16.71 -2.72 -4.43
C PHE B 759 -18.08 -3.27 -4.80
N LEU B 760 -18.71 -4.03 -3.92
CA LEU B 760 -19.99 -4.64 -4.20
C LEU B 760 -21.13 -3.66 -3.99
N PRO B 761 -22.27 -3.87 -4.65
CA PRO B 761 -23.46 -3.07 -4.34
C PRO B 761 -23.99 -3.42 -2.95
N VAL B 762 -24.86 -2.55 -2.45
CA VAL B 762 -25.27 -2.62 -1.05
C VAL B 762 -26.04 -3.91 -0.76
N ILE B 763 -26.78 -4.44 -1.73
CA ILE B 763 -27.58 -5.63 -1.47
C ILE B 763 -26.69 -6.85 -1.25
N ILE B 764 -25.74 -7.08 -2.15
CA ILE B 764 -24.84 -8.23 -2.01
C ILE B 764 -23.90 -8.03 -0.83
N LYS B 765 -23.44 -6.80 -0.62
CA LYS B 765 -22.56 -6.52 0.52
C LYS B 765 -23.28 -6.79 1.83
N LEU B 766 -24.55 -6.39 1.93
CA LEU B 766 -25.32 -6.67 3.14
C LEU B 766 -25.53 -8.16 3.33
N ILE B 767 -25.80 -8.89 2.23
CA ILE B 767 -25.97 -10.33 2.34
C ILE B 767 -24.69 -10.98 2.84
N ASP B 768 -23.54 -10.53 2.36
CA ASP B 768 -22.27 -11.11 2.79
C ASP B 768 -21.95 -10.72 4.24
N THR B 769 -22.26 -9.49 4.64
CA THR B 769 -22.01 -9.05 6.00
C THR B 769 -22.85 -9.85 6.99
N LEU B 770 -24.15 -9.98 6.72
CA LEU B 770 -25.00 -10.88 7.48
C LEU B 770 -24.81 -12.30 6.93
N LEU B 771 -25.70 -13.21 7.30
CA LEU B 771 -25.65 -14.60 6.86
C LEU B 771 -24.29 -15.25 7.17
N GLU B 772 -23.78 -14.95 8.36
CA GLU B 772 -22.47 -15.48 8.74
C GLU B 772 -22.38 -16.99 8.77
N PRO B 773 -23.36 -17.76 9.30
CA PRO B 773 -23.21 -19.22 9.20
C PRO B 773 -23.23 -19.74 7.77
MG MG F . 21.90 7.74 14.83
MG MG G . -16.60 -8.23 11.28
#